data_1IH4
# 
_entry.id   1IH4 
# 
_audit_conform.dict_name       mmcif_pdbx.dic 
_audit_conform.dict_version    5.386 
_audit_conform.dict_location   http://mmcif.pdb.org/dictionaries/ascii/mmcif_pdbx.dic 
# 
loop_
_database_2.database_id 
_database_2.database_code 
_database_2.pdbx_database_accession 
_database_2.pdbx_DOI 
PDB   1IH4         pdb_00001ih4 10.2210/pdb1ih4/pdb 
NDB   AD0023       ?            ?                   
RCSB  RCSB013260   ?            ?                   
WWPDB D_1000013260 ?            ?                   
# 
loop_
_pdbx_audit_revision_history.ordinal 
_pdbx_audit_revision_history.data_content_type 
_pdbx_audit_revision_history.major_revision 
_pdbx_audit_revision_history.minor_revision 
_pdbx_audit_revision_history.revision_date 
1 'Structure model' 1 0 2001-06-18 
2 'Structure model' 1 1 2008-04-27 
3 'Structure model' 1 2 2011-07-13 
4 'Structure model' 1 3 2017-10-04 
5 'Structure model' 1 4 2024-02-07 
# 
_pdbx_audit_revision_details.ordinal             1 
_pdbx_audit_revision_details.revision_ordinal    1 
_pdbx_audit_revision_details.data_content_type   'Structure model' 
_pdbx_audit_revision_details.provider            repository 
_pdbx_audit_revision_details.type                'Initial release' 
_pdbx_audit_revision_details.description         ? 
_pdbx_audit_revision_details.details             ? 
# 
loop_
_pdbx_audit_revision_group.ordinal 
_pdbx_audit_revision_group.revision_ordinal 
_pdbx_audit_revision_group.data_content_type 
_pdbx_audit_revision_group.group 
1 2 'Structure model' 'Version format compliance' 
2 3 'Structure model' 'Version format compliance' 
3 4 'Structure model' 'Refinement description'    
4 5 'Structure model' 'Data collection'           
5 5 'Structure model' 'Database references'       
6 5 'Structure model' 'Derived calculations'      
# 
loop_
_pdbx_audit_revision_category.ordinal 
_pdbx_audit_revision_category.revision_ordinal 
_pdbx_audit_revision_category.data_content_type 
_pdbx_audit_revision_category.category 
1 4 'Structure model' software       
2 5 'Structure model' chem_comp_atom 
3 5 'Structure model' chem_comp_bond 
4 5 'Structure model' database_2     
5 5 'Structure model' struct_conn    
# 
loop_
_pdbx_audit_revision_item.ordinal 
_pdbx_audit_revision_item.revision_ordinal 
_pdbx_audit_revision_item.data_content_type 
_pdbx_audit_revision_item.item 
1 5 'Structure model' '_database_2.pdbx_DOI'                
2 5 'Structure model' '_database_2.pdbx_database_accession' 
3 5 'Structure model' '_struct_conn.pdbx_leaving_atom_flag' 
# 
_pdbx_database_status.status_code                     REL 
_pdbx_database_status.entry_id                        1IH4 
_pdbx_database_status.recvd_initial_deposition_date   2001-04-18 
_pdbx_database_status.deposit_site                    RCSB 
_pdbx_database_status.process_site                    RCSB 
_pdbx_database_status.status_code_sf                  REL 
_pdbx_database_status.SG_entry                        . 
_pdbx_database_status.pdb_format_compatible           Y 
_pdbx_database_status.status_code_mr                  ? 
_pdbx_database_status.status_code_cs                  ? 
_pdbx_database_status.methods_development_category    ? 
_pdbx_database_status.status_code_nmr_data            ? 
# 
loop_
_pdbx_database_related.db_name 
_pdbx_database_related.db_id 
_pdbx_database_related.details 
_pdbx_database_related.content_type 
PDB 1IH1 'Crystal structure of the B-DNA hexamer GGCGCC resolved to 2.0 angstrom resolution' unspecified 
PDB 1IH2 'Crystal structure of GGBr5CGBr5CC'                                                 unspecified 
PDB 1IH3 'Multi-conformation crystal structure of GGm5CGm5CC'                                unspecified 
PDB 1IH6 'Multi-Conformation Crystal Structure of GGBr5CGCC'                                 unspecified 
# 
loop_
_audit_author.name 
_audit_author.pdbx_ordinal 
'Vargason, J.M.' 1 
'Henderson, K.'  2 
'Ho, P.S.'       3 
# 
_citation.id                        primary 
_citation.title                     'A crystallographic map of the transition from B-DNA to A-DNA.' 
_citation.journal_abbrev            Proc.Natl.Acad.Sci.USA 
_citation.journal_volume            98 
_citation.page_first                7265 
_citation.page_last                 7270 
_citation.year                      2001 
_citation.journal_id_ASTM           PNASA6 
_citation.country                   US 
_citation.journal_id_ISSN           0027-8424 
_citation.journal_id_CSD            0040 
_citation.book_publisher            ? 
_citation.pdbx_database_id_PubMed   11390969 
_citation.pdbx_database_id_DOI      10.1073/pnas.121176898 
# 
loop_
_citation_author.citation_id 
_citation_author.name 
_citation_author.ordinal 
_citation_author.identifier_ORCID 
primary 'Vargason, J.M.' 1 ? 
primary 'Henderson, K.'  2 ? 
primary 'Ho, P.S.'       3 ? 
# 
loop_
_entity.id 
_entity.type 
_entity.src_method 
_entity.pdbx_description 
_entity.formula_weight 
_entity.pdbx_number_of_molecules 
_entity.pdbx_ec 
_entity.pdbx_mutation 
_entity.pdbx_fragment 
_entity.details 
1 polymer syn "5'-D(*GP*GP*(5CM)P*GP*CP*C)-3'" 1824.232 8   ? ? ? ? 
2 water   nat water                            18.015   115 ? ? ? ? 
# 
_entity_poly.entity_id                      1 
_entity_poly.type                           polydeoxyribonucleotide 
_entity_poly.nstd_linkage                   no 
_entity_poly.nstd_monomer                   yes 
_entity_poly.pdbx_seq_one_letter_code       '(DG)(DG)(5CM)(DG)(DC)(DC)' 
_entity_poly.pdbx_seq_one_letter_code_can   GGCGCC 
_entity_poly.pdbx_strand_id                 A,B,C,D,E,F,G,H 
_entity_poly.pdbx_target_identifier         ? 
# 
_pdbx_entity_nonpoly.entity_id   2 
_pdbx_entity_nonpoly.name        water 
_pdbx_entity_nonpoly.comp_id     HOH 
# 
loop_
_entity_poly_seq.entity_id 
_entity_poly_seq.num 
_entity_poly_seq.mon_id 
_entity_poly_seq.hetero 
1 1 DG  n 
1 2 DG  n 
1 3 5CM n 
1 4 DG  n 
1 5 DC  n 
1 6 DC  n 
# 
loop_
_chem_comp.id 
_chem_comp.type 
_chem_comp.mon_nstd_flag 
_chem_comp.name 
_chem_comp.pdbx_synonyms 
_chem_comp.formula 
_chem_comp.formula_weight 
5CM 'DNA linking' n "5-METHYL-2'-DEOXY-CYTIDINE-5'-MONOPHOSPHATE" ? 'C10 H16 N3 O7 P' 321.224 
DC  'DNA linking' y "2'-DEOXYCYTIDINE-5'-MONOPHOSPHATE"           ? 'C9 H14 N3 O7 P'  307.197 
DG  'DNA linking' y "2'-DEOXYGUANOSINE-5'-MONOPHOSPHATE"          ? 'C10 H14 N5 O7 P' 347.221 
HOH non-polymer   . WATER                                         ? 'H2 O'            18.015  
# 
loop_
_pdbx_poly_seq_scheme.asym_id 
_pdbx_poly_seq_scheme.entity_id 
_pdbx_poly_seq_scheme.seq_id 
_pdbx_poly_seq_scheme.mon_id 
_pdbx_poly_seq_scheme.ndb_seq_num 
_pdbx_poly_seq_scheme.pdb_seq_num 
_pdbx_poly_seq_scheme.auth_seq_num 
_pdbx_poly_seq_scheme.pdb_mon_id 
_pdbx_poly_seq_scheme.auth_mon_id 
_pdbx_poly_seq_scheme.pdb_strand_id 
_pdbx_poly_seq_scheme.pdb_ins_code 
_pdbx_poly_seq_scheme.hetero 
A 1 1 DG  1 1  1  DG  G  A . n 
A 1 2 DG  2 2  2  DG  G  A . n 
A 1 3 5CM 3 3  3  5CM +C A . n 
A 1 4 DG  4 4  4  DG  G  A . n 
A 1 5 DC  5 5  5  DC  C  A . n 
A 1 6 DC  6 6  6  DC  C  A . n 
B 1 1 DG  1 7  7  DG  G  B . n 
B 1 2 DG  2 8  8  DG  G  B . n 
B 1 3 5CM 3 9  9  5CM +C B . n 
B 1 4 DG  4 10 10 DG  G  B . n 
B 1 5 DC  5 11 11 DC  C  B . n 
B 1 6 DC  6 12 12 DC  C  B . n 
C 1 1 DG  1 13 13 DG  G  C . n 
C 1 2 DG  2 14 14 DG  G  C . n 
C 1 3 5CM 3 15 15 5CM +C C . n 
C 1 4 DG  4 16 16 DG  G  C . n 
C 1 5 DC  5 17 17 DC  C  C . n 
C 1 6 DC  6 18 18 DC  C  C . n 
D 1 1 DG  1 19 19 DG  G  D . n 
D 1 2 DG  2 20 20 DG  G  D . n 
D 1 3 5CM 3 21 21 5CM +C D . n 
D 1 4 DG  4 22 22 DG  G  D . n 
D 1 5 DC  5 23 23 DC  C  D . n 
D 1 6 DC  6 24 24 DC  C  D . n 
E 1 1 DG  1 25 25 DG  G  E . n 
E 1 2 DG  2 26 26 DG  G  E . n 
E 1 3 5CM 3 27 27 5CM +C E . n 
E 1 4 DG  4 28 28 DG  G  E . n 
E 1 5 DC  5 29 29 DC  C  E . n 
E 1 6 DC  6 30 30 DC  C  E . n 
F 1 1 DG  1 31 31 DG  G  F . n 
F 1 2 DG  2 32 32 DG  G  F . n 
F 1 3 5CM 3 33 33 5CM +C F . n 
F 1 4 DG  4 34 34 DG  G  F . n 
F 1 5 DC  5 35 35 DC  C  F . n 
F 1 6 DC  6 36 36 DC  C  F . n 
G 1 1 DG  1 37 37 DG  G  G . n 
G 1 2 DG  2 38 38 DG  G  G . n 
G 1 3 5CM 3 39 39 5CM +C G . n 
G 1 4 DG  4 40 40 DG  G  G . n 
G 1 5 DC  5 41 41 DC  C  G . n 
G 1 6 DC  6 42 42 DC  C  G . n 
H 1 1 DG  1 43 43 DG  G  H . n 
H 1 2 DG  2 44 44 DG  G  H . n 
H 1 3 5CM 3 45 45 5CM +C H . n 
H 1 4 DG  4 46 46 DG  G  H . n 
H 1 5 DC  5 47 47 DC  C  H . n 
H 1 6 DC  6 48 48 DC  C  H . n 
# 
loop_
_pdbx_nonpoly_scheme.asym_id 
_pdbx_nonpoly_scheme.entity_id 
_pdbx_nonpoly_scheme.mon_id 
_pdbx_nonpoly_scheme.ndb_seq_num 
_pdbx_nonpoly_scheme.pdb_seq_num 
_pdbx_nonpoly_scheme.auth_seq_num 
_pdbx_nonpoly_scheme.pdb_mon_id 
_pdbx_nonpoly_scheme.auth_mon_id 
_pdbx_nonpoly_scheme.pdb_strand_id 
_pdbx_nonpoly_scheme.pdb_ins_code 
I 2 HOH 1  49  49  HOH HOH A . 
I 2 HOH 2  50  50  HOH HOH A . 
I 2 HOH 3  51  51  HOH HOH A . 
I 2 HOH 4  52  52  HOH HOH A . 
I 2 HOH 5  53  53  HOH HOH A . 
I 2 HOH 6  54  54  HOH HOH A . 
I 2 HOH 7  55  55  HOH HOH A . 
I 2 HOH 8  56  56  HOH HOH A . 
I 2 HOH 9  57  57  HOH HOH A . 
I 2 HOH 10 58  58  HOH HOH A . 
I 2 HOH 11 59  59  HOH HOH A . 
I 2 HOH 12 94  94  HOH HOH A . 
I 2 HOH 13 122 122 HOH HOH A . 
I 2 HOH 14 139 139 HOH HOH A . 
I 2 HOH 15 146 146 HOH HOH A . 
I 2 HOH 16 147 147 HOH HOH A . 
I 2 HOH 17 159 159 HOH HOH A . 
J 2 HOH 1  63  63  HOH HOH B . 
J 2 HOH 2  64  64  HOH HOH B . 
J 2 HOH 3  65  65  HOH HOH B . 
J 2 HOH 4  66  66  HOH HOH B . 
J 2 HOH 5  67  67  HOH HOH B . 
J 2 HOH 6  68  68  HOH HOH B . 
J 2 HOH 7  69  69  HOH HOH B . 
J 2 HOH 8  70  70  HOH HOH B . 
J 2 HOH 9  71  71  HOH HOH B . 
J 2 HOH 10 72  72  HOH HOH B . 
J 2 HOH 11 73  73  HOH HOH B . 
J 2 HOH 12 74  74  HOH HOH B . 
J 2 HOH 13 145 145 HOH HOH B . 
J 2 HOH 14 148 148 HOH HOH B . 
K 2 HOH 1  62  62  HOH HOH C . 
K 2 HOH 2  75  75  HOH HOH C . 
K 2 HOH 3  76  76  HOH HOH C . 
K 2 HOH 4  77  77  HOH HOH C . 
K 2 HOH 5  78  78  HOH HOH C . 
K 2 HOH 6  79  79  HOH HOH C . 
K 2 HOH 7  80  80  HOH HOH C . 
K 2 HOH 8  81  81  HOH HOH C . 
K 2 HOH 9  82  82  HOH HOH C . 
K 2 HOH 10 83  83  HOH HOH C . 
K 2 HOH 11 84  84  HOH HOH C . 
K 2 HOH 12 86  86  HOH HOH C . 
K 2 HOH 13 88  88  HOH HOH C . 
K 2 HOH 14 135 135 HOH HOH C . 
K 2 HOH 15 138 138 HOH HOH C . 
K 2 HOH 16 149 149 HOH HOH C . 
K 2 HOH 17 150 150 HOH HOH C . 
K 2 HOH 18 151 151 HOH HOH C . 
K 2 HOH 19 152 152 HOH HOH C . 
L 2 HOH 1  60  60  HOH HOH D . 
L 2 HOH 2  61  61  HOH HOH D . 
L 2 HOH 3  89  89  HOH HOH D . 
L 2 HOH 4  90  90  HOH HOH D . 
L 2 HOH 5  91  91  HOH HOH D . 
L 2 HOH 6  92  92  HOH HOH D . 
L 2 HOH 7  93  93  HOH HOH D . 
L 2 HOH 8  95  95  HOH HOH D . 
L 2 HOH 9  96  96  HOH HOH D . 
L 2 HOH 10 97  97  HOH HOH D . 
L 2 HOH 11 98  98  HOH HOH D . 
L 2 HOH 12 99  99  HOH HOH D . 
L 2 HOH 13 123 123 HOH HOH D . 
L 2 HOH 14 136 136 HOH HOH D . 
L 2 HOH 15 137 137 HOH HOH D . 
L 2 HOH 16 144 144 HOH HOH D . 
L 2 HOH 17 153 153 HOH HOH D . 
L 2 HOH 18 154 154 HOH HOH D . 
L 2 HOH 19 160 160 HOH HOH D . 
M 2 HOH 1  85  85  HOH HOH E . 
M 2 HOH 2  100 100 HOH HOH E . 
M 2 HOH 3  101 101 HOH HOH E . 
M 2 HOH 4  102 102 HOH HOH E . 
M 2 HOH 5  103 103 HOH HOH E . 
M 2 HOH 6  104 104 HOH HOH E . 
M 2 HOH 7  105 105 HOH HOH E . 
M 2 HOH 8  106 106 HOH HOH E . 
M 2 HOH 9  107 107 HOH HOH E . 
M 2 HOH 10 108 108 HOH HOH E . 
M 2 HOH 11 109 109 HOH HOH E . 
M 2 HOH 12 110 110 HOH HOH E . 
M 2 HOH 13 111 111 HOH HOH E . 
M 2 HOH 14 128 128 HOH HOH E . 
M 2 HOH 15 155 155 HOH HOH E . 
M 2 HOH 16 156 156 HOH HOH E . 
M 2 HOH 17 157 157 HOH HOH E . 
M 2 HOH 18 161 161 HOH HOH E . 
N 2 HOH 1  112 112 HOH HOH F . 
N 2 HOH 2  113 113 HOH HOH F . 
N 2 HOH 3  114 114 HOH HOH F . 
N 2 HOH 4  115 115 HOH HOH F . 
N 2 HOH 5  116 116 HOH HOH F . 
N 2 HOH 6  117 117 HOH HOH F . 
N 2 HOH 7  118 118 HOH HOH F . 
N 2 HOH 8  119 119 HOH HOH F . 
N 2 HOH 9  120 120 HOH HOH F . 
N 2 HOH 10 121 121 HOH HOH F . 
N 2 HOH 11 140 140 HOH HOH F . 
N 2 HOH 12 141 141 HOH HOH F . 
N 2 HOH 13 142 142 HOH HOH F . 
N 2 HOH 14 162 162 HOH HOH F . 
O 2 HOH 1  124 124 HOH HOH G . 
O 2 HOH 2  125 125 HOH HOH G . 
O 2 HOH 3  126 126 HOH HOH G . 
O 2 HOH 4  127 127 HOH HOH G . 
O 2 HOH 5  129 129 HOH HOH G . 
O 2 HOH 6  143 143 HOH HOH G . 
P 2 HOH 1  87  87  HOH HOH H . 
P 2 HOH 2  130 130 HOH HOH H . 
P 2 HOH 3  131 131 HOH HOH H . 
P 2 HOH 4  132 132 HOH HOH H . 
P 2 HOH 5  133 133 HOH HOH H . 
P 2 HOH 6  134 134 HOH HOH H . 
P 2 HOH 7  158 158 HOH HOH H . 
P 2 HOH 8  163 163 HOH HOH H . 
# 
loop_
_software.name 
_software.classification 
_software.version 
_software.citation_id 
_software.pdbx_ordinal 
CNS       refinement     . ? 1 
SCALEPACK 'data scaling' . ? 2 
CNS       phasing        . ? 3 
# 
_cell.entry_id           1IH4 
_cell.length_a           41.934 
_cell.length_b           41.934 
_cell.length_c           176.697 
_cell.angle_alpha        90.00 
_cell.angle_beta         90.00 
_cell.angle_gamma        120.00 
_cell.Z_PDB              48 
_cell.pdbx_unique_axis   ? 
# 
_symmetry.entry_id                         1IH4 
_symmetry.space_group_name_H-M             'P 32 2 1' 
_symmetry.pdbx_full_space_group_name_H-M   ? 
_symmetry.cell_setting                     ? 
_symmetry.Int_Tables_number                154 
# 
_exptl.entry_id          1IH4 
_exptl.method            'X-RAY DIFFRACTION' 
_exptl.crystals_number   1 
# 
_exptl_crystal.id                    1 
_exptl_crystal.density_meas          ? 
_exptl_crystal.density_Matthews      3.54 
_exptl_crystal.density_percent_sol   65.29 
_exptl_crystal.description           ? 
# 
_exptl_crystal_grow.crystal_id      1 
_exptl_crystal_grow.method          'VAPOR DIFFUSION, SITTING DROP' 
_exptl_crystal_grow.temp            298 
_exptl_crystal_grow.temp_details    ? 
_exptl_crystal_grow.pH              6.0 
_exptl_crystal_grow.pdbx_details    
'magnesium chloride, sodium cacodylate, spermine tetrahydrochloride, pH 6.0, VAPOR DIFFUSION, SITTING DROP, temperature 298K' 
_exptl_crystal_grow.pdbx_pH_range   ? 
# 
loop_
_exptl_crystal_grow_comp.crystal_id 
_exptl_crystal_grow_comp.id 
_exptl_crystal_grow_comp.sol_id 
_exptl_crystal_grow_comp.name 
_exptl_crystal_grow_comp.volume 
_exptl_crystal_grow_comp.conc 
_exptl_crystal_grow_comp.details 
1 1 1 'magnesium chloride'          ? ? ? 
1 2 1 'sodium cacodylate'           ? ? ? 
1 3 1 'spermine tetrahydrochloride' ? ? ? 
# 
_diffrn.id                     1 
_diffrn.ambient_temp           298 
_diffrn.ambient_temp_details   ? 
_diffrn.crystal_id             1 
# 
_diffrn_detector.diffrn_id              1 
_diffrn_detector.detector               'IMAGE PLATE' 
_diffrn_detector.type                   'RIGAKU RAXIS IV' 
_diffrn_detector.pdbx_collection_date   2000-08-18 
_diffrn_detector.details                mirrors 
# 
_diffrn_radiation.diffrn_id                        1 
_diffrn_radiation.wavelength_id                    1 
_diffrn_radiation.pdbx_monochromatic_or_laue_m_l   M 
_diffrn_radiation.monochromator                    'Yale Mirrors' 
_diffrn_radiation.pdbx_diffrn_protocol             'SINGLE WAVELENGTH' 
_diffrn_radiation.pdbx_scattering_type             x-ray 
# 
_diffrn_radiation_wavelength.id           1 
_diffrn_radiation_wavelength.wavelength   1.5418 
_diffrn_radiation_wavelength.wt           1.0 
# 
_diffrn_source.diffrn_id                   1 
_diffrn_source.source                      'ROTATING ANODE' 
_diffrn_source.type                        'RIGAKU RU300' 
_diffrn_source.pdbx_synchrotron_site       ? 
_diffrn_source.pdbx_synchrotron_beamline   ? 
_diffrn_source.pdbx_wavelength             ? 
_diffrn_source.pdbx_wavelength_list        1.5418 
# 
_reflns.entry_id                     1IH4 
_reflns.observed_criterion_sigma_I   0.0 
_reflns.observed_criterion_sigma_F   0.0 
_reflns.d_resolution_low             99.0 
_reflns.d_resolution_high            1.9 
_reflns.number_obs                   14957 
_reflns.number_all                   14957 
_reflns.percent_possible_obs         99.0 
_reflns.pdbx_Rmerge_I_obs            0.042 
_reflns.pdbx_Rsym_value              ? 
_reflns.pdbx_netI_over_sigmaI        39.1 
_reflns.B_iso_Wilson_estimate        43.3 
_reflns.pdbx_redundancy              7.2 
_reflns.R_free_details               ? 
_reflns.pdbx_diffrn_id               1 
_reflns.pdbx_ordinal                 1 
# 
_reflns_shell.d_res_high             1.90 
_reflns_shell.d_res_low              1.97 
_reflns_shell.percent_possible_all   96.5 
_reflns_shell.Rmerge_I_obs           0.407 
_reflns_shell.pdbx_Rsym_value        ? 
_reflns_shell.meanI_over_sigI_obs    ? 
_reflns_shell.pdbx_redundancy        4.0 
_reflns_shell.percent_possible_obs   ? 
_reflns_shell.number_unique_all      ? 
_reflns_shell.pdbx_diffrn_id         ? 
_reflns_shell.pdbx_ordinal           1 
# 
_refine.entry_id                                 1IH4 
_refine.ls_number_reflns_obs                     14930 
_refine.ls_number_reflns_all                     14930 
_refine.pdbx_ls_sigma_I                          0.0 
_refine.pdbx_ls_sigma_F                          0.0 
_refine.pdbx_data_cutoff_high_absF               ? 
_refine.pdbx_data_cutoff_low_absF                ? 
_refine.ls_d_res_low                             20.0 
_refine.ls_d_res_high                            1.9 
_refine.ls_percent_reflns_obs                    ? 
_refine.ls_R_factor_obs                          0.189 
_refine.ls_R_factor_all                          0.189 
_refine.ls_R_factor_R_work                       0.185 
_refine.ls_R_factor_R_free                       0.204 
_refine.ls_R_factor_R_free_error                 ? 
_refine.ls_R_factor_R_free_error_details         ? 
_refine.ls_percent_reflns_R_free                 ? 
_refine.ls_number_reflns_R_free                  698 
_refine.ls_number_parameters                     ? 
_refine.ls_number_restraints                     ? 
_refine.occupancy_min                            ? 
_refine.occupancy_max                            ? 
_refine.B_iso_mean                               ? 
_refine.aniso_B[1][1]                            ? 
_refine.aniso_B[2][2]                            ? 
_refine.aniso_B[3][3]                            ? 
_refine.aniso_B[1][2]                            ? 
_refine.aniso_B[1][3]                            ? 
_refine.aniso_B[2][3]                            ? 
_refine.solvent_model_details                    ? 
_refine.solvent_model_param_ksol                 ? 
_refine.solvent_model_param_bsol                 ? 
_refine.pdbx_ls_cross_valid_method               ? 
_refine.details                                  ? 
_refine.pdbx_starting_model                      ? 
_refine.pdbx_method_to_determine_struct          'MOLECULAR REPLACEMENT' 
_refine.pdbx_isotropic_thermal_model             ? 
_refine.pdbx_stereochemistry_target_values       'G.Parkinson, J.Vojtechovsky, L.Clowney, A.T.Brunger, H.M.Berman' 
_refine.pdbx_stereochem_target_val_spec_case     ? 
_refine.pdbx_R_Free_selection_details            Random 
_refine.pdbx_overall_ESU_R_Free                  ? 
_refine.overall_SU_B                             ? 
_refine.ls_redundancy_reflns_obs                 ? 
_refine.correlation_coeff_Fo_to_Fc               ? 
_refine.correlation_coeff_Fo_to_Fc_free          ? 
_refine.overall_SU_R_Cruickshank_DPI             ? 
_refine.overall_SU_R_free                        ? 
_refine.overall_SU_ML                            ? 
_refine.pdbx_overall_ESU_R                       ? 
_refine.pdbx_data_cutoff_high_rms_absF           ? 
_refine.pdbx_refine_id                           'X-RAY DIFFRACTION' 
_refine.pdbx_diffrn_id                           1 
_refine.pdbx_TLS_residual_ADP_flag               ? 
_refine.pdbx_solvent_vdw_probe_radii             ? 
_refine.pdbx_solvent_ion_probe_radii             ? 
_refine.pdbx_solvent_shrinkage_radii             ? 
_refine.pdbx_overall_phase_error                 ? 
_refine.pdbx_overall_SU_R_free_Cruickshank_DPI   ? 
_refine.pdbx_overall_SU_R_Blow_DPI               ? 
_refine.pdbx_overall_SU_R_free_Blow_DPI          ? 
# 
_refine_hist.pdbx_refine_id                   'X-RAY DIFFRACTION' 
_refine_hist.cycle_id                         LAST 
_refine_hist.pdbx_number_atoms_protein        0 
_refine_hist.pdbx_number_atoms_nucleic_acid   960 
_refine_hist.pdbx_number_atoms_ligand         8 
_refine_hist.number_atoms_solvent             115 
_refine_hist.number_atoms_total               1083 
_refine_hist.d_res_high                       1.9 
_refine_hist.d_res_low                        20.0 
# 
loop_
_refine_ls_restr.type 
_refine_ls_restr.dev_ideal 
_refine_ls_restr.dev_ideal_target 
_refine_ls_restr.weight 
_refine_ls_restr.number 
_refine_ls_restr.pdbx_refine_id 
_refine_ls_restr.pdbx_restraint_function 
c_bond_d    0.003 ? ? ? 'X-RAY DIFFRACTION' ? 
c_angle_deg 0.81  ? ? ? 'X-RAY DIFFRACTION' ? 
# 
_struct.entry_id                  1IH4 
_struct.title                     'Multi-Conformation Crystal Structure of GGm5CGCC' 
_struct.pdbx_model_details        ? 
_struct.pdbx_CASP_flag            ? 
_struct.pdbx_model_type_details   ? 
# 
_struct_keywords.entry_id        1IH4 
_struct_keywords.pdbx_keywords   DNA 
_struct_keywords.text            'B to A DNA transition, DNA transition, structural transition, DNA' 
# 
loop_
_struct_asym.id 
_struct_asym.pdbx_blank_PDB_chainid_flag 
_struct_asym.pdbx_modified 
_struct_asym.entity_id 
_struct_asym.details 
A N N 1 ? 
B N N 1 ? 
C N N 1 ? 
D N N 1 ? 
E N N 1 ? 
F N N 1 ? 
G N N 1 ? 
H N N 1 ? 
I N N 2 ? 
J N N 2 ? 
K N N 2 ? 
L N N 2 ? 
M N N 2 ? 
N N N 2 ? 
O N N 2 ? 
P N N 2 ? 
# 
_struct_ref.id                         1 
_struct_ref.entity_id                  1 
_struct_ref.db_name                    PDB 
_struct_ref.db_code                    1IH4 
_struct_ref.pdbx_db_accession          1IH4 
_struct_ref.pdbx_db_isoform            ? 
_struct_ref.pdbx_seq_one_letter_code   ? 
_struct_ref.pdbx_align_begin           ? 
# 
loop_
_struct_ref_seq.align_id 
_struct_ref_seq.ref_id 
_struct_ref_seq.pdbx_PDB_id_code 
_struct_ref_seq.pdbx_strand_id 
_struct_ref_seq.seq_align_beg 
_struct_ref_seq.pdbx_seq_align_beg_ins_code 
_struct_ref_seq.seq_align_end 
_struct_ref_seq.pdbx_seq_align_end_ins_code 
_struct_ref_seq.pdbx_db_accession 
_struct_ref_seq.db_align_beg 
_struct_ref_seq.pdbx_db_align_beg_ins_code 
_struct_ref_seq.db_align_end 
_struct_ref_seq.pdbx_db_align_end_ins_code 
_struct_ref_seq.pdbx_auth_seq_align_beg 
_struct_ref_seq.pdbx_auth_seq_align_end 
1 1 1IH4 A 1 ? 6 ? 1IH4 1  ? 6  ? 1  6  
2 1 1IH4 B 1 ? 6 ? 1IH4 7  ? 12 ? 7  12 
3 1 1IH4 C 1 ? 6 ? 1IH4 13 ? 18 ? 13 18 
4 1 1IH4 D 1 ? 6 ? 1IH4 19 ? 24 ? 19 24 
5 1 1IH4 E 1 ? 6 ? 1IH4 25 ? 30 ? 25 30 
6 1 1IH4 F 1 ? 6 ? 1IH4 31 ? 36 ? 31 36 
7 1 1IH4 G 1 ? 6 ? 1IH4 37 ? 42 ? 37 42 
8 1 1IH4 H 1 ? 6 ? 1IH4 43 ? 48 ? 43 48 
# 
loop_
_pdbx_struct_assembly.id 
_pdbx_struct_assembly.details 
_pdbx_struct_assembly.method_details 
_pdbx_struct_assembly.oligomeric_details 
_pdbx_struct_assembly.oligomeric_count 
1 author_defined_assembly ? dimeric 2 
2 author_defined_assembly ? dimeric 2 
3 author_defined_assembly ? dimeric 2 
4 author_defined_assembly ? dimeric 2 
# 
loop_
_pdbx_struct_assembly_gen.assembly_id 
_pdbx_struct_assembly_gen.oper_expression 
_pdbx_struct_assembly_gen.asym_id_list 
1 1 A,B,I,J 
2 1 C,D,K,L 
3 1 E,F,M,N 
4 1 G,H,O,P 
# 
_pdbx_struct_oper_list.id                   1 
_pdbx_struct_oper_list.type                 'identity operation' 
_pdbx_struct_oper_list.name                 1_555 
_pdbx_struct_oper_list.symmetry_operation   x,y,z 
_pdbx_struct_oper_list.matrix[1][1]         1.0000000000 
_pdbx_struct_oper_list.matrix[1][2]         0.0000000000 
_pdbx_struct_oper_list.matrix[1][3]         0.0000000000 
_pdbx_struct_oper_list.vector[1]            0.0000000000 
_pdbx_struct_oper_list.matrix[2][1]         0.0000000000 
_pdbx_struct_oper_list.matrix[2][2]         1.0000000000 
_pdbx_struct_oper_list.matrix[2][3]         0.0000000000 
_pdbx_struct_oper_list.vector[2]            0.0000000000 
_pdbx_struct_oper_list.matrix[3][1]         0.0000000000 
_pdbx_struct_oper_list.matrix[3][2]         0.0000000000 
_pdbx_struct_oper_list.matrix[3][3]         1.0000000000 
_pdbx_struct_oper_list.vector[3]            0.0000000000 
# 
loop_
_struct_biol.id 
_struct_biol.pdbx_parent_biol_id 
_struct_biol.details 
1 ? ? 
2 ? ? 
3 ? ? 
4 ? ? 
# 
loop_
_struct_conn.id 
_struct_conn.conn_type_id 
_struct_conn.pdbx_leaving_atom_flag 
_struct_conn.pdbx_PDB_id 
_struct_conn.ptnr1_label_asym_id 
_struct_conn.ptnr1_label_comp_id 
_struct_conn.ptnr1_label_seq_id 
_struct_conn.ptnr1_label_atom_id 
_struct_conn.pdbx_ptnr1_label_alt_id 
_struct_conn.pdbx_ptnr1_PDB_ins_code 
_struct_conn.pdbx_ptnr1_standard_comp_id 
_struct_conn.ptnr1_symmetry 
_struct_conn.ptnr2_label_asym_id 
_struct_conn.ptnr2_label_comp_id 
_struct_conn.ptnr2_label_seq_id 
_struct_conn.ptnr2_label_atom_id 
_struct_conn.pdbx_ptnr2_label_alt_id 
_struct_conn.pdbx_ptnr2_PDB_ins_code 
_struct_conn.ptnr1_auth_asym_id 
_struct_conn.ptnr1_auth_comp_id 
_struct_conn.ptnr1_auth_seq_id 
_struct_conn.ptnr2_auth_asym_id 
_struct_conn.ptnr2_auth_comp_id 
_struct_conn.ptnr2_auth_seq_id 
_struct_conn.ptnr2_symmetry 
_struct_conn.pdbx_ptnr3_label_atom_id 
_struct_conn.pdbx_ptnr3_label_seq_id 
_struct_conn.pdbx_ptnr3_label_comp_id 
_struct_conn.pdbx_ptnr3_label_asym_id 
_struct_conn.pdbx_ptnr3_label_alt_id 
_struct_conn.pdbx_ptnr3_PDB_ins_code 
_struct_conn.details 
_struct_conn.pdbx_dist_value 
_struct_conn.pdbx_value_order 
_struct_conn.pdbx_role 
covale1  covale both ? A DG  2 "O3'" ? ? ? 1_555 A 5CM 3 P  ? ? A DG  2  A 5CM 3  1_555 ? ? ? ? ? ? ?            1.608 ? ? 
covale2  covale both ? A 5CM 3 "O3'" ? ? ? 1_555 A DG  4 P  ? ? A 5CM 3  A DG  4  1_555 ? ? ? ? ? ? ?            1.607 ? ? 
covale3  covale both ? B DG  2 "O3'" ? ? ? 1_555 B 5CM 3 P  ? ? B DG  8  B 5CM 9  1_555 ? ? ? ? ? ? ?            1.606 ? ? 
covale4  covale both ? B 5CM 3 "O3'" ? ? ? 1_555 B DG  4 P  ? ? B 5CM 9  B DG  10 1_555 ? ? ? ? ? ? ?            1.605 ? ? 
covale5  covale both ? C DG  2 "O3'" ? ? ? 1_555 C 5CM 3 P  ? ? C DG  14 C 5CM 15 1_555 ? ? ? ? ? ? ?            1.607 ? ? 
covale6  covale both ? C 5CM 3 "O3'" ? ? ? 1_555 C DG  4 P  ? ? C 5CM 15 C DG  16 1_555 ? ? ? ? ? ? ?            1.604 ? ? 
covale7  covale both ? D DG  2 "O3'" ? ? ? 1_555 D 5CM 3 P  ? ? D DG  20 D 5CM 21 1_555 ? ? ? ? ? ? ?            1.607 ? ? 
covale8  covale both ? D 5CM 3 "O3'" ? ? ? 1_555 D DG  4 P  ? ? D 5CM 21 D DG  22 1_555 ? ? ? ? ? ? ?            1.603 ? ? 
covale9  covale both ? E DG  2 "O3'" ? ? ? 1_555 E 5CM 3 P  ? ? E DG  26 E 5CM 27 1_555 ? ? ? ? ? ? ?            1.606 ? ? 
covale10 covale both ? E 5CM 3 "O3'" ? ? ? 1_555 E DG  4 P  ? ? E 5CM 27 E DG  28 1_555 ? ? ? ? ? ? ?            1.604 ? ? 
covale11 covale both ? F DG  2 "O3'" ? ? ? 1_555 F 5CM 3 P  ? ? F DG  32 F 5CM 33 1_555 ? ? ? ? ? ? ?            1.606 ? ? 
covale12 covale both ? F 5CM 3 "O3'" ? ? ? 1_555 F DG  4 P  ? ? F 5CM 33 F DG  34 1_555 ? ? ? ? ? ? ?            1.606 ? ? 
covale13 covale both ? G DG  2 "O3'" ? ? ? 1_555 G 5CM 3 P  ? ? G DG  38 G 5CM 39 1_555 ? ? ? ? ? ? ?            1.605 ? ? 
covale14 covale both ? G 5CM 3 "O3'" ? ? ? 1_555 G DG  4 P  ? ? G 5CM 39 G DG  40 1_555 ? ? ? ? ? ? ?            1.608 ? ? 
covale15 covale both ? H DG  2 "O3'" ? ? ? 1_555 H 5CM 3 P  ? ? H DG  44 H 5CM 45 1_555 ? ? ? ? ? ? ?            1.605 ? ? 
covale16 covale both ? H 5CM 3 "O3'" ? ? ? 1_555 H DG  4 P  ? ? H 5CM 45 H DG  46 1_555 ? ? ? ? ? ? ?            1.610 ? ? 
hydrog1  hydrog ?    ? A DG  1 N1    ? ? ? 1_555 B DC  6 N3 ? ? A DG  1  B DC  12 1_555 ? ? ? ? ? ? WATSON-CRICK ?     ? ? 
hydrog2  hydrog ?    ? A DG  1 N2    ? ? ? 1_555 B DC  6 O2 ? ? A DG  1  B DC  12 1_555 ? ? ? ? ? ? WATSON-CRICK ?     ? ? 
hydrog3  hydrog ?    ? A DG  1 O6    ? ? ? 1_555 B DC  6 N4 ? ? A DG  1  B DC  12 1_555 ? ? ? ? ? ? WATSON-CRICK ?     ? ? 
hydrog4  hydrog ?    ? A DG  2 N1    ? ? ? 1_555 B DC  5 N3 ? ? A DG  2  B DC  11 1_555 ? ? ? ? ? ? WATSON-CRICK ?     ? ? 
hydrog5  hydrog ?    ? A DG  2 N2    ? ? ? 1_555 B DC  5 O2 ? ? A DG  2  B DC  11 1_555 ? ? ? ? ? ? WATSON-CRICK ?     ? ? 
hydrog6  hydrog ?    ? A DG  2 O6    ? ? ? 1_555 B DC  5 N4 ? ? A DG  2  B DC  11 1_555 ? ? ? ? ? ? WATSON-CRICK ?     ? ? 
hydrog7  hydrog ?    ? A 5CM 3 N3    ? ? ? 1_555 B DG  4 N1 ? ? A 5CM 3  B DG  10 1_555 ? ? ? ? ? ? WATSON-CRICK ?     ? ? 
hydrog8  hydrog ?    ? A 5CM 3 N4    ? ? ? 1_555 B DG  4 O6 ? ? A 5CM 3  B DG  10 1_555 ? ? ? ? ? ? WATSON-CRICK ?     ? ? 
hydrog9  hydrog ?    ? A 5CM 3 O2    ? ? ? 1_555 B DG  4 N2 ? ? A 5CM 3  B DG  10 1_555 ? ? ? ? ? ? WATSON-CRICK ?     ? ? 
hydrog10 hydrog ?    ? A DG  4 N1    ? ? ? 1_555 B 5CM 3 N3 ? ? A DG  4  B 5CM 9  1_555 ? ? ? ? ? ? WATSON-CRICK ?     ? ? 
hydrog11 hydrog ?    ? A DG  4 N2    ? ? ? 1_555 B 5CM 3 O2 ? ? A DG  4  B 5CM 9  1_555 ? ? ? ? ? ? WATSON-CRICK ?     ? ? 
hydrog12 hydrog ?    ? A DG  4 O6    ? ? ? 1_555 B 5CM 3 N4 ? ? A DG  4  B 5CM 9  1_555 ? ? ? ? ? ? WATSON-CRICK ?     ? ? 
hydrog13 hydrog ?    ? A DC  5 N3    ? ? ? 1_555 B DG  2 N1 ? ? A DC  5  B DG  8  1_555 ? ? ? ? ? ? WATSON-CRICK ?     ? ? 
hydrog14 hydrog ?    ? A DC  5 N4    ? ? ? 1_555 B DG  2 O6 ? ? A DC  5  B DG  8  1_555 ? ? ? ? ? ? WATSON-CRICK ?     ? ? 
hydrog15 hydrog ?    ? A DC  5 O2    ? ? ? 1_555 B DG  2 N2 ? ? A DC  5  B DG  8  1_555 ? ? ? ? ? ? WATSON-CRICK ?     ? ? 
hydrog16 hydrog ?    ? A DC  6 N3    ? ? ? 1_555 B DG  1 N1 ? ? A DC  6  B DG  7  1_555 ? ? ? ? ? ? WATSON-CRICK ?     ? ? 
hydrog17 hydrog ?    ? A DC  6 N4    ? ? ? 1_555 B DG  1 O6 ? ? A DC  6  B DG  7  1_555 ? ? ? ? ? ? WATSON-CRICK ?     ? ? 
hydrog18 hydrog ?    ? A DC  6 O2    ? ? ? 1_555 B DG  1 N2 ? ? A DC  6  B DG  7  1_555 ? ? ? ? ? ? WATSON-CRICK ?     ? ? 
hydrog19 hydrog ?    ? A DC  6 O2    ? ? ? 1_555 D DG  1 N2 ? ? A DC  6  D DG  19 1_555 ? ? ? ? ? ? 'DC-DG PAIR' ?     ? ? 
hydrog20 hydrog ?    ? C DG  1 N1    ? ? ? 1_555 D DC  6 N3 ? ? C DG  13 D DC  24 1_555 ? ? ? ? ? ? WATSON-CRICK ?     ? ? 
hydrog21 hydrog ?    ? C DG  1 N2    ? ? ? 1_555 D DC  6 O2 ? ? C DG  13 D DC  24 1_555 ? ? ? ? ? ? WATSON-CRICK ?     ? ? 
hydrog22 hydrog ?    ? C DG  1 O6    ? ? ? 1_555 D DC  6 N4 ? ? C DG  13 D DC  24 1_555 ? ? ? ? ? ? WATSON-CRICK ?     ? ? 
hydrog23 hydrog ?    ? C DG  2 N1    ? ? ? 1_555 D DC  5 N3 ? ? C DG  14 D DC  23 1_555 ? ? ? ? ? ? WATSON-CRICK ?     ? ? 
hydrog24 hydrog ?    ? C DG  2 N2    ? ? ? 1_555 D DC  5 O2 ? ? C DG  14 D DC  23 1_555 ? ? ? ? ? ? WATSON-CRICK ?     ? ? 
hydrog25 hydrog ?    ? C DG  2 O6    ? ? ? 1_555 D DC  5 N4 ? ? C DG  14 D DC  23 1_555 ? ? ? ? ? ? WATSON-CRICK ?     ? ? 
hydrog26 hydrog ?    ? C 5CM 3 N3    ? ? ? 1_555 D DG  4 N1 ? ? C 5CM 15 D DG  22 1_555 ? ? ? ? ? ? WATSON-CRICK ?     ? ? 
hydrog27 hydrog ?    ? C 5CM 3 N4    ? ? ? 1_555 D DG  4 O6 ? ? C 5CM 15 D DG  22 1_555 ? ? ? ? ? ? WATSON-CRICK ?     ? ? 
hydrog28 hydrog ?    ? C 5CM 3 O2    ? ? ? 1_555 D DG  4 N2 ? ? C 5CM 15 D DG  22 1_555 ? ? ? ? ? ? WATSON-CRICK ?     ? ? 
hydrog29 hydrog ?    ? C DG  4 N1    ? ? ? 1_555 D 5CM 3 N3 ? ? C DG  16 D 5CM 21 1_555 ? ? ? ? ? ? WATSON-CRICK ?     ? ? 
hydrog30 hydrog ?    ? C DG  4 N2    ? ? ? 1_555 D 5CM 3 O2 ? ? C DG  16 D 5CM 21 1_555 ? ? ? ? ? ? WATSON-CRICK ?     ? ? 
hydrog31 hydrog ?    ? C DG  4 O6    ? ? ? 1_555 D 5CM 3 N4 ? ? C DG  16 D 5CM 21 1_555 ? ? ? ? ? ? WATSON-CRICK ?     ? ? 
hydrog32 hydrog ?    ? C DC  5 N3    ? ? ? 1_555 D DG  2 N1 ? ? C DC  17 D DG  20 1_555 ? ? ? ? ? ? WATSON-CRICK ?     ? ? 
hydrog33 hydrog ?    ? C DC  5 N4    ? ? ? 1_555 D DG  2 O6 ? ? C DC  17 D DG  20 1_555 ? ? ? ? ? ? WATSON-CRICK ?     ? ? 
hydrog34 hydrog ?    ? C DC  5 O2    ? ? ? 1_555 D DG  2 N2 ? ? C DC  17 D DG  20 1_555 ? ? ? ? ? ? WATSON-CRICK ?     ? ? 
hydrog35 hydrog ?    ? C DC  6 N3    ? ? ? 1_555 D DG  1 N1 ? ? C DC  18 D DG  19 1_555 ? ? ? ? ? ? WATSON-CRICK ?     ? ? 
hydrog36 hydrog ?    ? C DC  6 N4    ? ? ? 1_555 D DG  1 O6 ? ? C DC  18 D DG  19 1_555 ? ? ? ? ? ? WATSON-CRICK ?     ? ? 
hydrog37 hydrog ?    ? C DC  6 O2    ? ? ? 1_555 D DG  1 N2 ? ? C DC  18 D DG  19 1_555 ? ? ? ? ? ? WATSON-CRICK ?     ? ? 
hydrog38 hydrog ?    ? E DG  1 N1    ? ? ? 1_555 F DC  6 N3 ? ? E DG  25 F DC  36 1_555 ? ? ? ? ? ? WATSON-CRICK ?     ? ? 
hydrog39 hydrog ?    ? E DG  1 N2    ? ? ? 1_555 F DC  6 O2 ? ? E DG  25 F DC  36 1_555 ? ? ? ? ? ? WATSON-CRICK ?     ? ? 
hydrog40 hydrog ?    ? E DG  1 O6    ? ? ? 1_555 F DC  6 N4 ? ? E DG  25 F DC  36 1_555 ? ? ? ? ? ? WATSON-CRICK ?     ? ? 
hydrog41 hydrog ?    ? E DG  2 N1    ? ? ? 1_555 F DC  5 N3 ? ? E DG  26 F DC  35 1_555 ? ? ? ? ? ? WATSON-CRICK ?     ? ? 
hydrog42 hydrog ?    ? E DG  2 N2    ? ? ? 1_555 F DC  5 O2 ? ? E DG  26 F DC  35 1_555 ? ? ? ? ? ? WATSON-CRICK ?     ? ? 
hydrog43 hydrog ?    ? E DG  2 O6    ? ? ? 1_555 F DC  5 N4 ? ? E DG  26 F DC  35 1_555 ? ? ? ? ? ? WATSON-CRICK ?     ? ? 
hydrog44 hydrog ?    ? E 5CM 3 N3    ? ? ? 1_555 F DG  4 N1 ? ? E 5CM 27 F DG  34 1_555 ? ? ? ? ? ? WATSON-CRICK ?     ? ? 
hydrog45 hydrog ?    ? E 5CM 3 N4    ? ? ? 1_555 F DG  4 O6 ? ? E 5CM 27 F DG  34 1_555 ? ? ? ? ? ? WATSON-CRICK ?     ? ? 
hydrog46 hydrog ?    ? E 5CM 3 O2    ? ? ? 1_555 F DG  4 N2 ? ? E 5CM 27 F DG  34 1_555 ? ? ? ? ? ? WATSON-CRICK ?     ? ? 
hydrog47 hydrog ?    ? E DG  4 N1    ? ? ? 1_555 F 5CM 3 N3 ? ? E DG  28 F 5CM 33 1_555 ? ? ? ? ? ? WATSON-CRICK ?     ? ? 
hydrog48 hydrog ?    ? E DG  4 N2    ? ? ? 1_555 F 5CM 3 O2 ? ? E DG  28 F 5CM 33 1_555 ? ? ? ? ? ? WATSON-CRICK ?     ? ? 
hydrog49 hydrog ?    ? E DG  4 O6    ? ? ? 1_555 F 5CM 3 N4 ? ? E DG  28 F 5CM 33 1_555 ? ? ? ? ? ? WATSON-CRICK ?     ? ? 
hydrog50 hydrog ?    ? E DC  5 N3    ? ? ? 1_555 F DG  2 N1 ? ? E DC  29 F DG  32 1_555 ? ? ? ? ? ? WATSON-CRICK ?     ? ? 
hydrog51 hydrog ?    ? E DC  5 N4    ? ? ? 1_555 F DG  2 O6 ? ? E DC  29 F DG  32 1_555 ? ? ? ? ? ? WATSON-CRICK ?     ? ? 
hydrog52 hydrog ?    ? E DC  5 O2    ? ? ? 1_555 F DG  2 N2 ? ? E DC  29 F DG  32 1_555 ? ? ? ? ? ? WATSON-CRICK ?     ? ? 
hydrog53 hydrog ?    ? E DC  6 N3    ? ? ? 1_555 F DG  1 N1 ? ? E DC  30 F DG  31 1_555 ? ? ? ? ? ? WATSON-CRICK ?     ? ? 
hydrog54 hydrog ?    ? E DC  6 N4    ? ? ? 1_555 F DG  1 O6 ? ? E DC  30 F DG  31 1_555 ? ? ? ? ? ? WATSON-CRICK ?     ? ? 
hydrog55 hydrog ?    ? E DC  6 O2    ? ? ? 1_555 F DG  1 N2 ? ? E DC  30 F DG  31 1_555 ? ? ? ? ? ? WATSON-CRICK ?     ? ? 
hydrog56 hydrog ?    ? G DG  1 N1    ? ? ? 1_555 H DC  6 N3 ? ? G DG  37 H DC  48 1_555 ? ? ? ? ? ? WATSON-CRICK ?     ? ? 
hydrog57 hydrog ?    ? G DG  1 N2    ? ? ? 1_555 H DC  6 O2 ? ? G DG  37 H DC  48 1_555 ? ? ? ? ? ? WATSON-CRICK ?     ? ? 
hydrog58 hydrog ?    ? G DG  1 O6    ? ? ? 1_555 H DC  6 N4 ? ? G DG  37 H DC  48 1_555 ? ? ? ? ? ? WATSON-CRICK ?     ? ? 
hydrog59 hydrog ?    ? G DG  2 N1    ? ? ? 1_555 H DC  5 N3 ? ? G DG  38 H DC  47 1_555 ? ? ? ? ? ? WATSON-CRICK ?     ? ? 
hydrog60 hydrog ?    ? G DG  2 N2    ? ? ? 1_555 H DC  5 O2 ? ? G DG  38 H DC  47 1_555 ? ? ? ? ? ? WATSON-CRICK ?     ? ? 
hydrog61 hydrog ?    ? G DG  2 O6    ? ? ? 1_555 H DC  5 N4 ? ? G DG  38 H DC  47 1_555 ? ? ? ? ? ? WATSON-CRICK ?     ? ? 
hydrog62 hydrog ?    ? G 5CM 3 N3    ? ? ? 1_555 H DG  4 N1 ? ? G 5CM 39 H DG  46 1_555 ? ? ? ? ? ? WATSON-CRICK ?     ? ? 
hydrog63 hydrog ?    ? G 5CM 3 N4    ? ? ? 1_555 H DG  4 O6 ? ? G 5CM 39 H DG  46 1_555 ? ? ? ? ? ? WATSON-CRICK ?     ? ? 
hydrog64 hydrog ?    ? G 5CM 3 O2    ? ? ? 1_555 H DG  4 N2 ? ? G 5CM 39 H DG  46 1_555 ? ? ? ? ? ? WATSON-CRICK ?     ? ? 
hydrog65 hydrog ?    ? G DG  4 N1    ? ? ? 1_555 H 5CM 3 N3 ? ? G DG  40 H 5CM 45 1_555 ? ? ? ? ? ? WATSON-CRICK ?     ? ? 
hydrog66 hydrog ?    ? G DG  4 N2    ? ? ? 1_555 H 5CM 3 O2 ? ? G DG  40 H 5CM 45 1_555 ? ? ? ? ? ? WATSON-CRICK ?     ? ? 
hydrog67 hydrog ?    ? G DG  4 O6    ? ? ? 1_555 H 5CM 3 N4 ? ? G DG  40 H 5CM 45 1_555 ? ? ? ? ? ? WATSON-CRICK ?     ? ? 
hydrog68 hydrog ?    ? G DC  5 N3    ? ? ? 1_555 H DG  2 N1 ? ? G DC  41 H DG  44 1_555 ? ? ? ? ? ? WATSON-CRICK ?     ? ? 
hydrog69 hydrog ?    ? G DC  5 N4    ? ? ? 1_555 H DG  2 O6 ? ? G DC  41 H DG  44 1_555 ? ? ? ? ? ? WATSON-CRICK ?     ? ? 
hydrog70 hydrog ?    ? G DC  5 O2    ? ? ? 1_555 H DG  2 N2 ? ? G DC  41 H DG  44 1_555 ? ? ? ? ? ? WATSON-CRICK ?     ? ? 
hydrog71 hydrog ?    ? G DC  6 N3    ? ? ? 1_555 H DG  1 N1 ? ? G DC  42 H DG  43 1_555 ? ? ? ? ? ? WATSON-CRICK ?     ? ? 
hydrog72 hydrog ?    ? G DC  6 N4    ? ? ? 1_555 H DG  1 O6 ? ? G DC  42 H DG  43 1_555 ? ? ? ? ? ? WATSON-CRICK ?     ? ? 
hydrog73 hydrog ?    ? G DC  6 O2    ? ? ? 1_555 H DG  1 N2 ? ? G DC  42 H DG  43 1_555 ? ? ? ? ? ? WATSON-CRICK ?     ? ? 
# 
loop_
_struct_conn_type.id 
_struct_conn_type.criteria 
_struct_conn_type.reference 
covale ? ? 
hydrog ? ? 
# 
loop_
_pdbx_struct_mod_residue.id 
_pdbx_struct_mod_residue.label_asym_id 
_pdbx_struct_mod_residue.label_comp_id 
_pdbx_struct_mod_residue.label_seq_id 
_pdbx_struct_mod_residue.auth_asym_id 
_pdbx_struct_mod_residue.auth_comp_id 
_pdbx_struct_mod_residue.auth_seq_id 
_pdbx_struct_mod_residue.PDB_ins_code 
_pdbx_struct_mod_residue.parent_comp_id 
_pdbx_struct_mod_residue.details 
1 A 5CM 3 A 5CM 3  ? DC ? 
2 B 5CM 3 B 5CM 9  ? DC ? 
3 C 5CM 3 C 5CM 15 ? DC ? 
4 D 5CM 3 D 5CM 21 ? DC ? 
5 E 5CM 3 E 5CM 27 ? DC ? 
6 F 5CM 3 F 5CM 33 ? DC ? 
7 G 5CM 3 G 5CM 39 ? DC ? 
8 H 5CM 3 H 5CM 45 ? DC ? 
# 
loop_
_chem_comp_atom.comp_id 
_chem_comp_atom.atom_id 
_chem_comp_atom.type_symbol 
_chem_comp_atom.pdbx_aromatic_flag 
_chem_comp_atom.pdbx_stereo_config 
_chem_comp_atom.pdbx_ordinal 
5CM N1     N N N 1   
5CM C2     C N N 2   
5CM N3     N N N 3   
5CM C4     C N N 4   
5CM C5     C N N 5   
5CM C5A    C N N 6   
5CM C6     C N N 7   
5CM O2     O N N 8   
5CM N4     N N N 9   
5CM "C1'"  C N R 10  
5CM "C2'"  C N N 11  
5CM "C3'"  C N S 12  
5CM "C4'"  C N R 13  
5CM "O4'"  O N N 14  
5CM "O3'"  O N N 15  
5CM "C5'"  C N N 16  
5CM "O5'"  O N N 17  
5CM P      P N N 18  
5CM OP1    O N N 19  
5CM OP2    O N N 20  
5CM OP3    O N N 21  
5CM H5A1   H N N 22  
5CM H5A2   H N N 23  
5CM H5A3   H N N 24  
5CM H6     H N N 25  
5CM HN41   H N N 26  
5CM HN42   H N N 27  
5CM "H1'"  H N N 28  
5CM "H2'"  H N N 29  
5CM "H2''" H N N 30  
5CM "H3'"  H N N 31  
5CM "H4'"  H N N 32  
5CM "HO3'" H N N 33  
5CM "H5'"  H N N 34  
5CM "H5''" H N N 35  
5CM HOP2   H N N 36  
5CM HOP3   H N N 37  
DC  OP3    O N N 38  
DC  P      P N N 39  
DC  OP1    O N N 40  
DC  OP2    O N N 41  
DC  "O5'"  O N N 42  
DC  "C5'"  C N N 43  
DC  "C4'"  C N R 44  
DC  "O4'"  O N N 45  
DC  "C3'"  C N S 46  
DC  "O3'"  O N N 47  
DC  "C2'"  C N N 48  
DC  "C1'"  C N R 49  
DC  N1     N N N 50  
DC  C2     C N N 51  
DC  O2     O N N 52  
DC  N3     N N N 53  
DC  C4     C N N 54  
DC  N4     N N N 55  
DC  C5     C N N 56  
DC  C6     C N N 57  
DC  HOP3   H N N 58  
DC  HOP2   H N N 59  
DC  "H5'"  H N N 60  
DC  "H5''" H N N 61  
DC  "H4'"  H N N 62  
DC  "H3'"  H N N 63  
DC  "HO3'" H N N 64  
DC  "H2'"  H N N 65  
DC  "H2''" H N N 66  
DC  "H1'"  H N N 67  
DC  H41    H N N 68  
DC  H42    H N N 69  
DC  H5     H N N 70  
DC  H6     H N N 71  
DG  OP3    O N N 72  
DG  P      P N N 73  
DG  OP1    O N N 74  
DG  OP2    O N N 75  
DG  "O5'"  O N N 76  
DG  "C5'"  C N N 77  
DG  "C4'"  C N R 78  
DG  "O4'"  O N N 79  
DG  "C3'"  C N S 80  
DG  "O3'"  O N N 81  
DG  "C2'"  C N N 82  
DG  "C1'"  C N R 83  
DG  N9     N Y N 84  
DG  C8     C Y N 85  
DG  N7     N Y N 86  
DG  C5     C Y N 87  
DG  C6     C N N 88  
DG  O6     O N N 89  
DG  N1     N N N 90  
DG  C2     C N N 91  
DG  N2     N N N 92  
DG  N3     N N N 93  
DG  C4     C Y N 94  
DG  HOP3   H N N 95  
DG  HOP2   H N N 96  
DG  "H5'"  H N N 97  
DG  "H5''" H N N 98  
DG  "H4'"  H N N 99  
DG  "H3'"  H N N 100 
DG  "HO3'" H N N 101 
DG  "H2'"  H N N 102 
DG  "H2''" H N N 103 
DG  "H1'"  H N N 104 
DG  H8     H N N 105 
DG  H1     H N N 106 
DG  H21    H N N 107 
DG  H22    H N N 108 
HOH O      O N N 109 
HOH H1     H N N 110 
HOH H2     H N N 111 
# 
loop_
_chem_comp_bond.comp_id 
_chem_comp_bond.atom_id_1 
_chem_comp_bond.atom_id_2 
_chem_comp_bond.value_order 
_chem_comp_bond.pdbx_aromatic_flag 
_chem_comp_bond.pdbx_stereo_config 
_chem_comp_bond.pdbx_ordinal 
5CM N1    C2     sing N N 1   
5CM N1    C6     sing N N 2   
5CM N1    "C1'"  sing N N 3   
5CM C2    N3     sing N N 4   
5CM C2    O2     doub N N 5   
5CM N3    C4     doub N N 6   
5CM C4    C5     sing N N 7   
5CM C4    N4     sing N N 8   
5CM C5    C5A    sing N N 9   
5CM C5    C6     doub N N 10  
5CM C5A   H5A1   sing N N 11  
5CM C5A   H5A2   sing N N 12  
5CM C5A   H5A3   sing N N 13  
5CM C6    H6     sing N N 14  
5CM N4    HN41   sing N N 15  
5CM N4    HN42   sing N N 16  
5CM "C1'" "C2'"  sing N N 17  
5CM "C1'" "O4'"  sing N N 18  
5CM "C1'" "H1'"  sing N N 19  
5CM "C2'" "C3'"  sing N N 20  
5CM "C2'" "H2'"  sing N N 21  
5CM "C2'" "H2''" sing N N 22  
5CM "C3'" "C4'"  sing N N 23  
5CM "C3'" "O3'"  sing N N 24  
5CM "C3'" "H3'"  sing N N 25  
5CM "C4'" "O4'"  sing N N 26  
5CM "C4'" "C5'"  sing N N 27  
5CM "C4'" "H4'"  sing N N 28  
5CM "O3'" "HO3'" sing N N 29  
5CM "C5'" "O5'"  sing N N 30  
5CM "C5'" "H5'"  sing N N 31  
5CM "C5'" "H5''" sing N N 32  
5CM "O5'" P      sing N N 33  
5CM P     OP1    doub N N 34  
5CM P     OP2    sing N N 35  
5CM P     OP3    sing N N 36  
5CM OP2   HOP2   sing N N 37  
5CM OP3   HOP3   sing N N 38  
DC  OP3   P      sing N N 39  
DC  OP3   HOP3   sing N N 40  
DC  P     OP1    doub N N 41  
DC  P     OP2    sing N N 42  
DC  P     "O5'"  sing N N 43  
DC  OP2   HOP2   sing N N 44  
DC  "O5'" "C5'"  sing N N 45  
DC  "C5'" "C4'"  sing N N 46  
DC  "C5'" "H5'"  sing N N 47  
DC  "C5'" "H5''" sing N N 48  
DC  "C4'" "O4'"  sing N N 49  
DC  "C4'" "C3'"  sing N N 50  
DC  "C4'" "H4'"  sing N N 51  
DC  "O4'" "C1'"  sing N N 52  
DC  "C3'" "O3'"  sing N N 53  
DC  "C3'" "C2'"  sing N N 54  
DC  "C3'" "H3'"  sing N N 55  
DC  "O3'" "HO3'" sing N N 56  
DC  "C2'" "C1'"  sing N N 57  
DC  "C2'" "H2'"  sing N N 58  
DC  "C2'" "H2''" sing N N 59  
DC  "C1'" N1     sing N N 60  
DC  "C1'" "H1'"  sing N N 61  
DC  N1    C2     sing N N 62  
DC  N1    C6     sing N N 63  
DC  C2    O2     doub N N 64  
DC  C2    N3     sing N N 65  
DC  N3    C4     doub N N 66  
DC  C4    N4     sing N N 67  
DC  C4    C5     sing N N 68  
DC  N4    H41    sing N N 69  
DC  N4    H42    sing N N 70  
DC  C5    C6     doub N N 71  
DC  C5    H5     sing N N 72  
DC  C6    H6     sing N N 73  
DG  OP3   P      sing N N 74  
DG  OP3   HOP3   sing N N 75  
DG  P     OP1    doub N N 76  
DG  P     OP2    sing N N 77  
DG  P     "O5'"  sing N N 78  
DG  OP2   HOP2   sing N N 79  
DG  "O5'" "C5'"  sing N N 80  
DG  "C5'" "C4'"  sing N N 81  
DG  "C5'" "H5'"  sing N N 82  
DG  "C5'" "H5''" sing N N 83  
DG  "C4'" "O4'"  sing N N 84  
DG  "C4'" "C3'"  sing N N 85  
DG  "C4'" "H4'"  sing N N 86  
DG  "O4'" "C1'"  sing N N 87  
DG  "C3'" "O3'"  sing N N 88  
DG  "C3'" "C2'"  sing N N 89  
DG  "C3'" "H3'"  sing N N 90  
DG  "O3'" "HO3'" sing N N 91  
DG  "C2'" "C1'"  sing N N 92  
DG  "C2'" "H2'"  sing N N 93  
DG  "C2'" "H2''" sing N N 94  
DG  "C1'" N9     sing N N 95  
DG  "C1'" "H1'"  sing N N 96  
DG  N9    C8     sing Y N 97  
DG  N9    C4     sing Y N 98  
DG  C8    N7     doub Y N 99  
DG  C8    H8     sing N N 100 
DG  N7    C5     sing Y N 101 
DG  C5    C6     sing N N 102 
DG  C5    C4     doub Y N 103 
DG  C6    O6     doub N N 104 
DG  C6    N1     sing N N 105 
DG  N1    C2     sing N N 106 
DG  N1    H1     sing N N 107 
DG  C2    N2     sing N N 108 
DG  C2    N3     doub N N 109 
DG  N2    H21    sing N N 110 
DG  N2    H22    sing N N 111 
DG  N3    C4     sing N N 112 
HOH O     H1     sing N N 113 
HOH O     H2     sing N N 114 
# 
loop_
_ndb_struct_conf_na.entry_id 
_ndb_struct_conf_na.feature 
1IH4 'double helix'        
1IH4 'a-form double helix' 
# 
loop_
_ndb_struct_na_base_pair.model_number 
_ndb_struct_na_base_pair.i_label_asym_id 
_ndb_struct_na_base_pair.i_label_comp_id 
_ndb_struct_na_base_pair.i_label_seq_id 
_ndb_struct_na_base_pair.i_symmetry 
_ndb_struct_na_base_pair.j_label_asym_id 
_ndb_struct_na_base_pair.j_label_comp_id 
_ndb_struct_na_base_pair.j_label_seq_id 
_ndb_struct_na_base_pair.j_symmetry 
_ndb_struct_na_base_pair.shear 
_ndb_struct_na_base_pair.stretch 
_ndb_struct_na_base_pair.stagger 
_ndb_struct_na_base_pair.buckle 
_ndb_struct_na_base_pair.propeller 
_ndb_struct_na_base_pair.opening 
_ndb_struct_na_base_pair.pair_number 
_ndb_struct_na_base_pair.pair_name 
_ndb_struct_na_base_pair.i_auth_asym_id 
_ndb_struct_na_base_pair.i_auth_seq_id 
_ndb_struct_na_base_pair.i_PDB_ins_code 
_ndb_struct_na_base_pair.j_auth_asym_id 
_ndb_struct_na_base_pair.j_auth_seq_id 
_ndb_struct_na_base_pair.j_PDB_ins_code 
_ndb_struct_na_base_pair.hbond_type_28 
_ndb_struct_na_base_pair.hbond_type_12 
1 A DG  1 1_555 B DC  6 1_555 -0.309 -0.107 -0.249 -9.645  2.513   0.213  1  A_DG1:DC12_B   A 1  ? B 12 ? 19 1 
1 A DG  2 1_555 B DC  5 1_555 -0.240 -0.141 -0.266 -9.523  -10.519 2.449  2  A_DG2:DC11_B   A 2  ? B 11 ? 19 1 
1 A 5CM 3 1_555 B DG  4 1_555 0.083  -0.225 0.009  -3.156  -9.326  -0.628 3  A_5CM3:DG10_B  A 3  ? B 10 ? 19 1 
1 A DG  4 1_555 B 5CM 3 1_555 -0.266 -0.180 -0.119 -3.613  -11.157 1.099  4  A_DG4:5CM9_B   A 4  ? B 9  ? 19 1 
1 A DC  5 1_555 B DG  2 1_555 0.260  -0.128 -0.153 2.269   -7.925  3.319  5  A_DC5:DG8_B    A 5  ? B 8  ? 19 1 
1 A DC  6 1_555 B DG  1 1_555 0.418  -0.199 -0.050 6.789   4.871   -2.713 6  A_DC6:DG7_B    A 6  ? B 7  ? 19 1 
1 C DG  1 1_555 D DC  6 1_555 -0.270 -0.114 -0.079 -5.759  0.890   0.316  7  C_DG13:DC24_D  C 13 ? D 24 ? 19 1 
1 C DG  2 1_555 D DC  5 1_555 -0.304 -0.131 0.029  1.331   -5.755  1.123  8  C_DG14:DC23_D  C 14 ? D 23 ? 19 1 
1 C 5CM 3 1_555 D DG  4 1_555 0.215  -0.159 -0.099 6.575   -13.867 -0.061 9  C_5CM15:DG22_D C 15 ? D 22 ? 19 1 
1 C DG  4 1_555 D 5CM 3 1_555 -0.218 -0.155 -0.081 -4.629  -13.263 2.027  10 C_DG16:5CM21_D C 16 ? D 21 ? 19 1 
1 C DC  5 1_555 D DG  2 1_555 0.276  -0.076 -0.038 2.997   -9.061  4.134  11 C_DC17:DG20_D  C 17 ? D 20 ? 19 1 
1 C DC  6 1_555 D DG  1 1_555 0.265  -0.079 -0.288 8.213   3.324   -0.085 12 C_DC18:DG19_D  C 18 ? D 19 ? 19 1 
1 E DG  1 1_555 F DC  6 1_555 -0.335 -0.093 -0.190 -5.231  0.280   1.476  13 E_DG25:DC36_F  E 25 ? F 36 ? 19 1 
1 E DG  2 1_555 F DC  5 1_555 -0.404 -0.164 -0.002 2.697   -3.414  1.049  14 E_DG26:DC35_F  E 26 ? F 35 ? 19 1 
1 E 5CM 3 1_555 F DG  4 1_555 0.187  -0.196 -0.188 6.573   -12.273 0.098  15 E_5CM27:DG34_F E 27 ? F 34 ? 19 1 
1 E DG  4 1_555 F 5CM 3 1_555 -0.196 -0.133 -0.053 -5.091  -12.634 1.766  16 E_DG28:5CM33_F E 28 ? F 33 ? 19 1 
1 E DC  5 1_555 F DG  2 1_555 0.321  -0.120 -0.118 -1.507  -8.816  5.912  17 E_DC29:DG32_F  E 29 ? F 32 ? 19 1 
1 E DC  6 1_555 F DG  1 1_555 0.298  -0.198 -0.047 5.785   6.376   -2.705 18 E_DC30:DG31_F  E 30 ? F 31 ? 19 1 
1 G DG  1 1_555 H DC  6 1_555 -0.342 -0.082 -0.328 -16.061 -4.258  -0.302 19 G_DG37:DC48_H  G 37 ? H 48 ? 19 1 
1 G DG  2 1_555 H DC  5 1_555 -0.505 -0.176 -0.282 -18.590 -10.485 0.627  20 G_DG38:DC47_H  G 38 ? H 47 ? 19 1 
1 G 5CM 3 1_555 H DG  4 1_555 0.443  -0.228 -0.001 -15.021 -3.090  1.585  21 G_5CM39:DG46_H G 39 ? H 46 ? 19 1 
1 G DG  4 1_555 H 5CM 3 1_555 -0.209 -0.271 0.037  12.434  -2.738  -0.018 22 G_DG40:5CM45_H G 40 ? H 45 ? 19 1 
1 G DC  5 1_555 H DG  2 1_555 0.182  -0.192 -0.114 14.411  -9.411  3.915  23 G_DC41:DG44_H  G 41 ? H 44 ? 19 1 
1 G DC  6 1_555 H DG  1 1_555 0.274  -0.163 -0.154 13.810  -9.410  -1.656 24 G_DC42:DG43_H  G 42 ? H 43 ? 19 1 
# 
loop_
_ndb_struct_na_base_pair_step.model_number 
_ndb_struct_na_base_pair_step.i_label_asym_id_1 
_ndb_struct_na_base_pair_step.i_label_comp_id_1 
_ndb_struct_na_base_pair_step.i_label_seq_id_1 
_ndb_struct_na_base_pair_step.i_symmetry_1 
_ndb_struct_na_base_pair_step.j_label_asym_id_1 
_ndb_struct_na_base_pair_step.j_label_comp_id_1 
_ndb_struct_na_base_pair_step.j_label_seq_id_1 
_ndb_struct_na_base_pair_step.j_symmetry_1 
_ndb_struct_na_base_pair_step.i_label_asym_id_2 
_ndb_struct_na_base_pair_step.i_label_comp_id_2 
_ndb_struct_na_base_pair_step.i_label_seq_id_2 
_ndb_struct_na_base_pair_step.i_symmetry_2 
_ndb_struct_na_base_pair_step.j_label_asym_id_2 
_ndb_struct_na_base_pair_step.j_label_comp_id_2 
_ndb_struct_na_base_pair_step.j_label_seq_id_2 
_ndb_struct_na_base_pair_step.j_symmetry_2 
_ndb_struct_na_base_pair_step.shift 
_ndb_struct_na_base_pair_step.slide 
_ndb_struct_na_base_pair_step.rise 
_ndb_struct_na_base_pair_step.tilt 
_ndb_struct_na_base_pair_step.roll 
_ndb_struct_na_base_pair_step.twist 
_ndb_struct_na_base_pair_step.x_displacement 
_ndb_struct_na_base_pair_step.y_displacement 
_ndb_struct_na_base_pair_step.helical_rise 
_ndb_struct_na_base_pair_step.inclination 
_ndb_struct_na_base_pair_step.tip 
_ndb_struct_na_base_pair_step.helical_twist 
_ndb_struct_na_base_pair_step.step_number 
_ndb_struct_na_base_pair_step.step_name 
_ndb_struct_na_base_pair_step.i_auth_asym_id_1 
_ndb_struct_na_base_pair_step.i_auth_seq_id_1 
_ndb_struct_na_base_pair_step.i_PDB_ins_code_1 
_ndb_struct_na_base_pair_step.j_auth_asym_id_1 
_ndb_struct_na_base_pair_step.j_auth_seq_id_1 
_ndb_struct_na_base_pair_step.j_PDB_ins_code_1 
_ndb_struct_na_base_pair_step.i_auth_asym_id_2 
_ndb_struct_na_base_pair_step.i_auth_seq_id_2 
_ndb_struct_na_base_pair_step.i_PDB_ins_code_2 
_ndb_struct_na_base_pair_step.j_auth_asym_id_2 
_ndb_struct_na_base_pair_step.j_auth_seq_id_2 
_ndb_struct_na_base_pair_step.j_PDB_ins_code_2 
1 A DG  1 1_555 B DC  6 1_555 A DG  2 1_555 B DC  5 1_555 0.503  -1.976 3.407 1.872  6.685  30.827 -4.852 -0.582 2.948 12.380 
-3.466 31.581 1  AA_DG1DG2:DC11DC12_BB     A 1  ? B 12 ? A 2  ? B 11 ? 
1 A DG  2 1_555 B DC  5 1_555 A 5CM 3 1_555 B DG  4 1_555 -0.589 -1.550 3.224 -1.297 1.982  33.113 -3.038 0.818  3.148 3.472  
2.272  33.195 2  AA_DG25CM3:DG10DC11_BB    A 2  ? B 11 ? A 3  ? B 10 ? 
1 A 5CM 3 1_555 B DG  4 1_555 A DG  4 1_555 B 5CM 3 1_555 0.437  -1.854 3.298 1.397  8.919  24.513 -6.333 -0.619 2.499 20.153 
-3.157 26.099 3  AA_5CM3DG4:5CM9DG10_BB    A 3  ? B 10 ? A 4  ? B 9  ? 
1 A DG  4 1_555 B 5CM 3 1_555 A DC  5 1_555 B DG  2 1_555 0.483  -1.724 3.244 0.342  1.710  33.719 -3.240 -0.778 3.159 2.945  
-0.589 33.763 4  AA_DG4DC5:DG85CM9_BB      A 4  ? B 9  ? A 5  ? B 8  ? 
1 A DC  5 1_555 B DG  2 1_555 A DC  6 1_555 B DG  1 1_555 -0.621 -2.024 3.312 -1.652 5.696  29.498 -5.021 0.872  2.908 11.046 
3.204  30.076 5  AA_DC5DC6:DG7DG8_BB       A 5  ? B 8  ? A 6  ? B 7  ? 
1 C DG  1 1_555 D DC  6 1_555 C DG  2 1_555 D DC  5 1_555 -0.503 -1.686 3.290 -1.899 6.376  26.658 -5.046 0.614  2.846 13.561 
4.038  27.461 6  CC_DG13DG14:DC23DC24_DD   C 13 ? D 24 ? C 14 ? D 23 ? 
1 C DG  2 1_555 D DC  5 1_555 C 5CM 3 1_555 D DG  4 1_555 -0.187 -1.309 3.260 1.343  4.253  34.831 -2.789 0.505  3.074 7.070  
-2.232 35.107 7  CC_DG145CM15:DG22DC23_DD  C 14 ? D 23 ? C 15 ? D 22 ? 
1 C 5CM 3 1_555 D DG  4 1_555 C DG  4 1_555 D 5CM 3 1_555 0.452  -1.567 3.549 1.130  8.228  31.204 -4.323 -0.608 3.061 14.966 
-2.056 32.264 8  CC_5CM15DG16:5CM21DG22_DD C 15 ? D 22 ? C 16 ? D 21 ? 
1 C DG  4 1_555 D 5CM 3 1_555 C DC  5 1_555 D DG  2 1_555 0.639  -1.571 3.193 0.492  1.884  31.654 -3.209 -1.083 3.106 3.450  
-0.901 31.713 9  CC_DG16DC17:DG205CM21_DD  C 16 ? D 21 ? C 17 ? D 20 ? 
1 C DC  5 1_555 D DG  2 1_555 C DC  6 1_555 D DG  1 1_555 -0.570 -1.942 3.246 0.027  4.071  30.386 -4.440 1.083  2.966 7.724  
-0.050 30.652 10 CC_DC17DC18:DG19DG20_DD   C 17 ? D 20 ? C 18 ? D 19 ? 
1 E DG  1 1_555 F DC  6 1_555 E DG  2 1_555 F DC  5 1_555 -0.780 -2.110 3.262 -4.426 6.984  24.206 -6.619 0.590  2.657 16.066 
10.183 25.559 11 EE_DG25DG26:DC35DC36_FF   E 25 ? F 36 ? E 26 ? F 35 ? 
1 E DG  2 1_555 F DC  5 1_555 E 5CM 3 1_555 F DG  4 1_555 -0.381 -1.515 3.299 0.259  6.207  35.021 -3.360 0.660  2.992 10.215 
-0.426 35.551 12 EE_DG265CM27:DG34DC35_FF  E 26 ? F 35 ? E 27 ? F 34 ? 
1 E 5CM 3 1_555 F DG  4 1_555 E DG  4 1_555 F 5CM 3 1_555 0.421  -1.817 3.543 -0.777 10.967 28.419 -5.618 -0.955 2.662 21.356 
1.513  30.431 13 EE_5CM27DG28:5CM33DG34_FF E 27 ? F 34 ? E 28 ? F 33 ? 
1 E DG  4 1_555 F 5CM 3 1_555 E DC  5 1_555 F DG  2 1_555 0.561  -1.853 3.241 1.667  4.384  33.270 -3.895 -0.708 3.003 7.610  
-2.893 33.590 14 EE_DG28DC29:DG325CM33_FF  E 28 ? F 33 ? E 29 ? F 32 ? 
1 E DC  5 1_555 F DG  2 1_555 E DC  6 1_555 F DG  1 1_555 -0.678 -1.942 3.249 -1.252 5.816  28.607 -5.039 1.089  2.833 11.611 
2.499  29.206 15 EE_DC29DC30:DG31DG32_FF   E 29 ? F 32 ? E 30 ? F 31 ? 
1 G DG  1 1_555 H DC  6 1_555 G DG  2 1_555 H DC  5 1_555 0.591  -1.565 3.544 4.474  4.385  28.416 -4.137 -0.134 3.323 8.799  
-8.976 29.084 16 GG_DG37DG38:DC47DC48_HH   G 37 ? H 48 ? G 38 ? H 47 ? 
1 G DG  2 1_555 H DC  5 1_555 G 5CM 3 1_555 H DG  4 1_555 -0.258 -1.079 3.364 2.753  -1.314 38.671 -1.459 0.735  3.372 -1.981 
-4.149 38.786 17 GG_DG385CM39:DG46DC47_HH  G 38 ? H 47 ? G 39 ? H 46 ? 
1 G 5CM 3 1_555 H DG  4 1_555 G DG  4 1_555 H 5CM 3 1_555 0.013  -0.220 2.864 -0.161 6.098  24.432 -2.059 -0.070 2.729 14.130 
0.372  25.170 18 GG_5CM39DG40:5CM45DG46_HH G 39 ? H 46 ? G 40 ? H 45 ? 
1 G DG  4 1_555 H 5CM 3 1_555 G DC  5 1_555 H DG  2 1_555 0.204  -1.012 3.402 -3.165 -0.600 34.206 -1.616 -0.859 3.387 -1.017 
5.367  34.353 19 GG_DG40DC41:DG445CM45_HH  G 40 ? H 45 ? G 41 ? H 44 ? 
1 G DC  5 1_555 H DG  2 1_555 G DC  6 1_555 H DG  1 1_555 -0.691 -1.232 3.431 -3.336 4.744  32.834 -2.964 0.631  3.278 8.312  
5.845  33.328 20 GG_DC41DC42:DG43DG44_HH   G 41 ? H 44 ? G 42 ? H 43 ? 
# 
_atom_sites.entry_id                    1IH4 
_atom_sites.fract_transf_matrix[1][1]   0.00784338 
_atom_sites.fract_transf_matrix[1][2]   -0.02068736 
_atom_sites.fract_transf_matrix[1][3]   0.01639365 
_atom_sites.fract_transf_matrix[2][1]   -0.00654888 
_atom_sites.fract_transf_matrix[2][2]   -0.02594783 
_atom_sites.fract_transf_matrix[2][3]   -0.00648488 
_atom_sites.fract_transf_matrix[3][1]   0.00482205 
_atom_sites.fract_transf_matrix[3][2]   -0.00048689 
_atom_sites.fract_transf_matrix[3][3]   -0.00292147 
_atom_sites.fract_transf_vector[1]      0.239049 
_atom_sites.fract_transf_vector[2]      0.646371 
_atom_sites.fract_transf_vector[3]      0.087448 
# 
loop_
_atom_type.symbol 
C 
N 
O 
P 
# 
loop_
_atom_site.group_PDB 
_atom_site.id 
_atom_site.type_symbol 
_atom_site.label_atom_id 
_atom_site.label_alt_id 
_atom_site.label_comp_id 
_atom_site.label_asym_id 
_atom_site.label_entity_id 
_atom_site.label_seq_id 
_atom_site.pdbx_PDB_ins_code 
_atom_site.Cartn_x 
_atom_site.Cartn_y 
_atom_site.Cartn_z 
_atom_site.occupancy 
_atom_site.B_iso_or_equiv 
_atom_site.pdbx_formal_charge 
_atom_site.auth_seq_id 
_atom_site.auth_comp_id 
_atom_site.auth_asym_id 
_atom_site.auth_atom_id 
_atom_site.pdbx_PDB_model_num 
ATOM   1    O "O5'" . DG  A 1 1 ? -16.575 -19.505 4.300   1.00 27.22 ? 1   DG  A "O5'" 1 
ATOM   2    C "C5'" . DG  A 1 1 ? -16.485 -20.688 5.094   1.00 27.50 ? 1   DG  A "C5'" 1 
ATOM   3    C "C4'" . DG  A 1 1 ? -15.450 -21.662 4.582   1.00 26.76 ? 1   DG  A "C4'" 1 
ATOM   4    O "O4'" . DG  A 1 1 ? -15.695 -21.959 3.188   1.00 26.80 ? 1   DG  A "O4'" 1 
ATOM   5    C "C3'" . DG  A 1 1 ? -14.016 -21.149 4.615   1.00 25.99 ? 1   DG  A "C3'" 1 
ATOM   6    O "O3'" . DG  A 1 1 ? -13.436 -21.409 5.893   1.00 27.54 ? 1   DG  A "O3'" 1 
ATOM   7    C "C2'" . DG  A 1 1 ? -13.364 -22.005 3.546   1.00 25.97 ? 1   DG  A "C2'" 1 
ATOM   8    C "C1'" . DG  A 1 1 ? -14.455 -22.033 2.486   1.00 26.01 ? 1   DG  A "C1'" 1 
ATOM   9    N N9    . DG  A 1 1 ? -14.365 -20.874 1.604   1.00 25.70 ? 1   DG  A N9    1 
ATOM   10   C C8    . DG  A 1 1 ? -15.190 -19.775 1.567   1.00 25.96 ? 1   DG  A C8    1 
ATOM   11   N N7    . DG  A 1 1 ? -14.811 -18.884 0.690   1.00 25.38 ? 1   DG  A N7    1 
ATOM   12   C C5    . DG  A 1 1 ? -13.675 -19.431 0.110   1.00 25.19 ? 1   DG  A C5    1 
ATOM   13   C C6    . DG  A 1 1 ? -12.768 -18.880 -0.833  1.00 25.24 ? 1   DG  A C6    1 
ATOM   14   O O6    . DG  A 1 1 ? -12.830 -17.788 -1.417  1.00 24.98 ? 1   DG  A O6    1 
ATOM   15   N N1    . DG  A 1 1 ? -11.696 -19.737 -1.071  1.00 24.01 ? 1   DG  A N1    1 
ATOM   16   C C2    . DG  A 1 1 ? -11.514 -20.963 -0.473  1.00 25.03 ? 1   DG  A C2    1 
ATOM   17   N N2    . DG  A 1 1 ? -10.419 -21.649 -0.827  1.00 23.36 ? 1   DG  A N2    1 
ATOM   18   N N3    . DG  A 1 1 ? -12.349 -21.480 0.412   1.00 24.73 ? 1   DG  A N3    1 
ATOM   19   C C4    . DG  A 1 1 ? -13.396 -20.666 0.655   1.00 24.99 ? 1   DG  A C4    1 
ATOM   20   P P     . DG  A 1 2 ? -12.315 -20.417 6.472   1.00 29.15 ? 2   DG  A P     1 
ATOM   21   O OP1   . DG  A 1 2 ? -11.970 -20.878 7.837   1.00 29.91 ? 2   DG  A OP1   1 
ATOM   22   O OP2   . DG  A 1 2 ? -12.776 -19.022 6.253   1.00 29.00 ? 2   DG  A OP2   1 
ATOM   23   O "O5'" . DG  A 1 2 ? -11.052 -20.679 5.543   1.00 27.18 ? 2   DG  A "O5'" 1 
ATOM   24   C "C5'" . DG  A 1 2 ? -10.404 -21.947 5.555   1.00 27.83 ? 2   DG  A "C5'" 1 
ATOM   25   C "C4'" . DG  A 1 2 ? -9.382  -22.021 4.446   1.00 26.45 ? 2   DG  A "C4'" 1 
ATOM   26   O "O4'" . DG  A 1 2 ? -10.004 -21.716 3.178   1.00 24.53 ? 2   DG  A "O4'" 1 
ATOM   27   C "C3'" . DG  A 1 2 ? -8.245  -21.012 4.560   1.00 26.40 ? 2   DG  A "C3'" 1 
ATOM   28   O "O3'" . DG  A 1 2 ? -7.217  -21.526 5.409   1.00 28.92 ? 2   DG  A "O3'" 1 
ATOM   29   C "C2'" . DG  A 1 2 ? -7.755  -20.952 3.125   1.00 25.46 ? 2   DG  A "C2'" 1 
ATOM   30   C "C1'" . DG  A 1 2 ? -9.053  -21.069 2.333   1.00 24.68 ? 2   DG  A "C1'" 1 
ATOM   31   N N9    . DG  A 1 2 ? -9.593  -19.769 1.948   1.00 24.12 ? 2   DG  A N9    1 
ATOM   32   C C8    . DG  A 1 2 ? -10.666 -19.101 2.489   1.00 23.46 ? 2   DG  A C8    1 
ATOM   33   N N7    . DG  A 1 2 ? -10.885 -17.945 1.919   1.00 23.84 ? 2   DG  A N7    1 
ATOM   34   C C5    . DG  A 1 2 ? -9.899  -17.847 0.946   1.00 23.56 ? 2   DG  A C5    1 
ATOM   35   C C6    . DG  A 1 2 ? -9.582  -16.785 0.054   1.00 24.42 ? 2   DG  A C6    1 
ATOM   36   O O6    . DG  A 1 2 ? -10.176 -15.711 -0.107  1.00 24.75 ? 2   DG  A O6    1 
ATOM   37   N N1    . DG  A 1 2 ? -8.446  -17.071 -0.700  1.00 23.08 ? 2   DG  A N1    1 
ATOM   38   C C2    . DG  A 1 2 ? -7.713  -18.229 -0.611  1.00 23.96 ? 2   DG  A C2    1 
ATOM   39   N N2    . DG  A 1 2 ? -6.641  -18.331 -1.416  1.00 22.68 ? 2   DG  A N2    1 
ATOM   40   N N3    . DG  A 1 2 ? -8.002  -19.223 0.209   1.00 23.37 ? 2   DG  A N3    1 
ATOM   41   C C4    . DG  A 1 2 ? -9.097  -18.966 0.952   1.00 23.79 ? 2   DG  A C4    1 
HETATM 42   N N1    . 5CM A 1 3 ? -4.959  -17.569 1.774   1.00 24.34 ? 3   5CM A N1    1 
HETATM 43   C C2    . 5CM A 1 3 ? -4.910  -16.486 0.904   1.00 24.63 ? 3   5CM A C2    1 
HETATM 44   N N3    . 5CM A 1 3 ? -5.841  -15.509 1.011   1.00 24.13 ? 3   5CM A N3    1 
HETATM 45   C C4    . 5CM A 1 3 ? -6.788  -15.590 1.948   1.00 23.61 ? 3   5CM A C4    1 
HETATM 46   C C5    . 5CM A 1 3 ? -6.848  -16.677 2.862   1.00 23.72 ? 3   5CM A C5    1 
HETATM 47   C C5A   . 5CM A 1 3 ? -7.917  -16.692 3.908   1.00 23.40 ? 3   5CM A C5A   1 
HETATM 48   C C6    . 5CM A 1 3 ? -5.926  -17.641 2.737   1.00 23.15 ? 3   5CM A C6    1 
HETATM 49   O O2    . 5CM A 1 3 ? -4.004  -16.451 0.053   1.00 24.65 ? 3   5CM A O2    1 
HETATM 50   N N4    . 5CM A 1 3 ? -7.701  -14.620 2.007   1.00 23.41 ? 3   5CM A N4    1 
HETATM 51   C "C1'" . 5CM A 1 3 ? -3.944  -18.620 1.629   1.00 26.15 ? 3   5CM A "C1'" 1 
HETATM 52   C "C2'" . 5CM A 1 3 ? -2.653  -18.278 2.368   1.00 27.31 ? 3   5CM A "C2'" 1 
HETATM 53   C "C3'" . 5CM A 1 3 ? -2.878  -18.952 3.708   1.00 28.75 ? 3   5CM A "C3'" 1 
HETATM 54   C "C4'" . 5CM A 1 3 ? -3.576  -20.238 3.282   1.00 27.58 ? 3   5CM A "C4'" 1 
HETATM 55   O "O4'" . 5CM A 1 3 ? -4.460  -19.813 2.222   1.00 26.80 ? 3   5CM A "O4'" 1 
HETATM 56   O "O3'" . 5CM A 1 3 ? -1.629  -19.239 4.338   1.00 32.32 ? 3   5CM A "O3'" 1 
HETATM 57   C "C5'" . 5CM A 1 3 ? -4.357  -20.940 4.369   1.00 27.44 ? 3   5CM A "C5'" 1 
HETATM 58   O "O5'" . 5CM A 1 3 ? -5.225  -20.022 5.027   1.00 27.25 ? 3   5CM A "O5'" 1 
HETATM 59   P P     . 5CM A 1 3 ? -6.222  -20.515 6.165   1.00 29.41 ? 3   5CM A P     1 
HETATM 60   O OP1   . 5CM A 1 3 ? -5.450  -21.321 7.146   1.00 30.18 ? 3   5CM A OP1   1 
HETATM 61   O OP2   . 5CM A 1 3 ? -7.023  -19.359 6.634   1.00 29.50 ? 3   5CM A OP2   1 
ATOM   62   P P     . DG  A 1 4 ? -1.011  -18.191 5.388   1.00 34.29 ? 4   DG  A P     1 
ATOM   63   O OP1   . DG  A 1 4 ? 0.288   -18.769 5.809   1.00 36.18 ? 4   DG  A OP1   1 
ATOM   64   O OP2   . DG  A 1 4 ? -2.037  -17.864 6.404   1.00 34.83 ? 4   DG  A OP2   1 
ATOM   65   O "O5'" . DG  A 1 4 ? -0.775  -16.863 4.543   1.00 35.00 ? 4   DG  A "O5'" 1 
ATOM   66   C "C5'" . DG  A 1 4 ? 0.349   -16.741 3.682   1.00 35.31 ? 4   DG  A "C5'" 1 
ATOM   67   C "C4'" . DG  A 1 4 ? 0.225   -15.511 2.812   1.00 35.41 ? 4   DG  A "C4'" 1 
ATOM   68   O "O4'" . DG  A 1 4 ? -1.055  -15.439 2.146   1.00 34.54 ? 4   DG  A "O4'" 1 
ATOM   69   C "C3'" . DG  A 1 4 ? 0.325   -14.159 3.507   1.00 35.13 ? 4   DG  A "C3'" 1 
ATOM   70   O "O3'" . DG  A 1 4 ? 1.676   -13.854 3.854   1.00 36.02 ? 4   DG  A "O3'" 1 
ATOM   71   C "C2'" . DG  A 1 4 ? -0.147  -13.248 2.391   1.00 33.98 ? 4   DG  A "C2'" 1 
ATOM   72   C "C1'" . DG  A 1 4 ? -1.252  -14.084 1.738   1.00 32.75 ? 4   DG  A "C1'" 1 
ATOM   73   N N9    . DG  A 1 4 ? -2.570  -13.650 2.182   1.00 30.31 ? 4   DG  A N9    1 
ATOM   74   C C8    . DG  A 1 4 ? -3.347  -14.178 3.182   1.00 30.06 ? 4   DG  A C8    1 
ATOM   75   N N7    . DG  A 1 4 ? -4.465  -13.526 3.357   1.00 29.50 ? 4   DG  A N7    1 
ATOM   76   C C5    . DG  A 1 4 ? -4.420  -12.512 2.412   1.00 29.48 ? 4   DG  A C5    1 
ATOM   77   C C6    . DG  A 1 4 ? -5.279  -11.402 2.217   1.00 29.73 ? 4   DG  A C6    1 
ATOM   78   O O6    . DG  A 1 4 ? -6.343  -11.145 2.784   1.00 29.61 ? 4   DG  A O6    1 
ATOM   79   N N1    . DG  A 1 4 ? -4.786  -10.539 1.247   1.00 29.84 ? 4   DG  A N1    1 
ATOM   80   C C2    . DG  A 1 4 ? -3.617  -10.712 0.555   1.00 30.05 ? 4   DG  A C2    1 
ATOM   81   N N2    . DG  A 1 4 ? -3.315  -9.768  -0.352  1.00 29.53 ? 4   DG  A N2    1 
ATOM   82   N N3    . DG  A 1 4 ? -2.803  -11.735 0.735   1.00 29.34 ? 4   DG  A N3    1 
ATOM   83   C C4    . DG  A 1 4 ? -3.263  -12.587 1.671   1.00 29.71 ? 4   DG  A C4    1 
ATOM   84   P P     . DC  A 1 5 ? 1.981   -12.737 4.970   1.00 36.97 ? 5   DC  A P     1 
ATOM   85   O OP1   . DC  A 1 5 ? 3.456   -12.726 5.154   1.00 37.02 ? 5   DC  A OP1   1 
ATOM   86   O OP2   . DC  A 1 5 ? 1.092   -12.941 6.142   1.00 36.34 ? 5   DC  A OP2   1 
ATOM   87   O "O5'" . DC  A 1 5 ? 1.542   -11.369 4.282   1.00 33.48 ? 5   DC  A "O5'" 1 
ATOM   88   C "C5'" . DC  A 1 5 ? 2.275   -10.845 3.184   1.00 30.32 ? 5   DC  A "C5'" 1 
ATOM   89   C "C4'" . DC  A 1 5 ? 1.575   -9.633  2.617   1.00 28.82 ? 5   DC  A "C4'" 1 
ATOM   90   O "O4'" . DC  A 1 5 ? 0.239   -9.971  2.188   1.00 27.82 ? 5   DC  A "O4'" 1 
ATOM   91   C "C3'" . DC  A 1 5 ? 1.353   -8.483  3.592   1.00 28.20 ? 5   DC  A "C3'" 1 
ATOM   92   O "O3'" . DC  A 1 5 ? 2.548   -7.715  3.754   1.00 28.79 ? 5   DC  A "O3'" 1 
ATOM   93   C "C2'" . DC  A 1 5 ? 0.304   -7.682  2.847   1.00 27.33 ? 5   DC  A "C2'" 1 
ATOM   94   C "C1'" . DC  A 1 5 ? -0.563  -8.791  2.244   1.00 27.68 ? 5   DC  A "C1'" 1 
ATOM   95   N N1    . DC  A 1 5 ? -1.730  -9.071  3.084   1.00 25.99 ? 5   DC  A N1    1 
ATOM   96   C C2    . DC  A 1 5 ? -2.834  -8.239  2.959   1.00 26.22 ? 5   DC  A C2    1 
ATOM   97   O O2    . DC  A 1 5 ? -2.782  -7.311  2.134   1.00 26.12 ? 5   DC  A O2    1 
ATOM   98   N N3    . DC  A 1 5 ? -3.924  -8.461  3.729   1.00 25.90 ? 5   DC  A N3    1 
ATOM   99   C C4    . DC  A 1 5 ? -3.927  -9.477  4.597   1.00 25.99 ? 5   DC  A C4    1 
ATOM   100  N N4    . DC  A 1 5 ? -5.028  -9.672  5.331   1.00 25.33 ? 5   DC  A N4    1 
ATOM   101  C C5    . DC  A 1 5 ? -2.804  -10.342 4.748   1.00 26.11 ? 5   DC  A C5    1 
ATOM   102  C C6    . DC  A 1 5 ? -1.738  -10.107 3.974   1.00 26.25 ? 5   DC  A C6    1 
ATOM   103  P P     . DC  A 1 6 ? 2.729   -6.796  5.056   1.00 27.98 ? 6   DC  A P     1 
ATOM   104  O OP1   . DC  A 1 6 ? 4.131   -6.308  5.032   1.00 29.26 ? 6   DC  A OP1   1 
ATOM   105  O OP2   . DC  A 1 6 ? 2.228   -7.534  6.237   1.00 27.79 ? 6   DC  A OP2   1 
ATOM   106  O "O5'" . DC  A 1 6 ? 1.757   -5.561  4.796   1.00 26.18 ? 6   DC  A "O5'" 1 
ATOM   107  C "C5'" . DC  A 1 6 ? 2.009   -4.648  3.733   1.00 25.29 ? 6   DC  A "C5'" 1 
ATOM   108  C "C4'" . DC  A 1 6 ? 0.956   -3.564  3.716   1.00 24.61 ? 6   DC  A "C4'" 1 
ATOM   109  O "O4'" . DC  A 1 6 ? -0.335  -4.149  3.443   1.00 24.39 ? 6   DC  A "O4'" 1 
ATOM   110  C "C3'" . DC  A 1 6 ? 0.756   -2.840  5.040   1.00 23.96 ? 6   DC  A "C3'" 1 
ATOM   111  O "O3'" . DC  A 1 6 ? 1.698   -1.781  5.190   1.00 24.87 ? 6   DC  A "O3'" 1 
ATOM   112  C "C2'" . DC  A 1 6 ? -0.646  -2.281  4.878   1.00 23.24 ? 6   DC  A "C2'" 1 
ATOM   113  C "C1'" . DC  A 1 6 ? -1.347  -3.360  4.059   1.00 23.57 ? 6   DC  A "C1'" 1 
ATOM   114  N N1    . DC  A 1 6 ? -2.186  -4.253  4.867   1.00 23.29 ? 6   DC  A N1    1 
ATOM   115  C C2    . DC  A 1 6 ? -3.488  -3.853  5.157   1.00 23.22 ? 6   DC  A C2    1 
ATOM   116  O O2    . DC  A 1 6 ? -3.879  -2.750  4.742   1.00 24.05 ? 6   DC  A O2    1 
ATOM   117  N N3    . DC  A 1 6 ? -4.286  -4.672  5.875   1.00 23.89 ? 6   DC  A N3    1 
ATOM   118  C C4    . DC  A 1 6 ? -3.825  -5.850  6.299   1.00 22.70 ? 6   DC  A C4    1 
ATOM   119  N N4    . DC  A 1 6 ? -4.659  -6.634  6.979   1.00 22.96 ? 6   DC  A N4    1 
ATOM   120  C C5    . DC  A 1 6 ? -2.491  -6.276  6.034   1.00 22.56 ? 6   DC  A C5    1 
ATOM   121  C C6    . DC  A 1 6 ? -1.712  -5.452  5.321   1.00 22.59 ? 6   DC  A C6    1 
ATOM   122  O "O5'" . DG  B 1 1 ? -14.062 -3.674  8.273   1.00 35.16 ? 7   DG  B "O5'" 1 
ATOM   123  C "C5'" . DG  B 1 1 ? -14.650 -2.401  7.985   1.00 32.71 ? 7   DG  B "C5'" 1 
ATOM   124  C "C4'" . DG  B 1 1 ? -13.690 -1.501  7.243   1.00 31.43 ? 7   DG  B "C4'" 1 
ATOM   125  O "O4'" . DG  B 1 1 ? -12.509 -1.255  8.044   1.00 30.14 ? 7   DG  B "O4'" 1 
ATOM   126  C "C3'" . DG  B 1 1 ? -13.144 -2.089  5.950   1.00 31.43 ? 7   DG  B "C3'" 1 
ATOM   127  O "O3'" . DG  B 1 1 ? -14.061 -1.873  4.877   1.00 33.28 ? 7   DG  B "O3'" 1 
ATOM   128  C "C2'" . DG  B 1 1 ? -11.879 -1.272  5.766   1.00 29.96 ? 7   DG  B "C2'" 1 
ATOM   129  C "C1'" . DG  B 1 1 ? -11.358 -1.213  7.198   1.00 28.88 ? 7   DG  B "C1'" 1 
ATOM   130  N N9    . DG  B 1 1 ? -10.516 -2.360  7.526   1.00 26.09 ? 7   DG  B N9    1 
ATOM   131  C C8    . DG  B 1 1 ? -10.817 -3.400  8.370   1.00 25.91 ? 7   DG  B C8    1 
ATOM   132  N N7    . DG  B 1 1 ? -9.873  -4.301  8.432   1.00 25.05 ? 7   DG  B N7    1 
ATOM   133  C C5    . DG  B 1 1 ? -8.885  -3.823  7.582   1.00 24.98 ? 7   DG  B C5    1 
ATOM   134  C C6    . DG  B 1 1 ? -7.624  -4.379  7.223   1.00 24.66 ? 7   DG  B C6    1 
ATOM   135  O O6    . DG  B 1 1 ? -7.112  -5.439  7.593   1.00 25.52 ? 7   DG  B O6    1 
ATOM   136  N N1    . DG  B 1 1 ? -6.945  -3.563  6.330   1.00 24.61 ? 7   DG  B N1    1 
ATOM   137  C C2    . DG  B 1 1 ? -7.412  -2.376  5.832   1.00 24.21 ? 7   DG  B C2    1 
ATOM   138  N N2    . DG  B 1 1 ? -6.603  -1.742  4.972   1.00 23.47 ? 7   DG  B N2    1 
ATOM   139  N N3    . DG  B 1 1 ? -8.582  -1.850  6.149   1.00 24.61 ? 7   DG  B N3    1 
ATOM   140  C C4    . DG  B 1 1 ? -9.262  -2.621  7.023   1.00 25.19 ? 7   DG  B C4    1 
ATOM   141  P P     . DG  B 1 2 ? -14.186 -2.968  3.708   1.00 34.82 ? 8   DG  B P     1 
ATOM   142  O OP1   . DG  B 1 2 ? -15.282 -2.532  2.808   1.00 36.23 ? 8   DG  B OP1   1 
ATOM   143  O OP2   . DG  B 1 2 ? -14.229 -4.315  4.330   1.00 33.95 ? 8   DG  B OP2   1 
ATOM   144  O "O5'" . DG  B 1 2 ? -12.814 -2.852  2.908   1.00 32.91 ? 8   DG  B "O5'" 1 
ATOM   145  C "C5'" . DG  B 1 2 ? -12.528 -1.703  2.120   1.00 31.16 ? 8   DG  B "C5'" 1 
ATOM   146  C "C4'" . DG  B 1 2 ? -11.077 -1.705  1.699   1.00 30.30 ? 8   DG  B "C4'" 1 
ATOM   147  O "O4'" . DG  B 1 2 ? -10.221 -1.928  2.841   1.00 29.64 ? 8   DG  B "O4'" 1 
ATOM   148  C "C3'" . DG  B 1 2 ? -10.675 -2.804  0.723   1.00 29.96 ? 8   DG  B "C3'" 1 
ATOM   149  O "O3'" . DG  B 1 2 ? -11.010 -2.421  -0.612  1.00 30.25 ? 8   DG  B "O3'" 1 
ATOM   150  C "C2'" . DG  B 1 2 ? -9.169  -2.818  0.907   1.00 29.77 ? 8   DG  B "C2'" 1 
ATOM   151  C "C1'" . DG  B 1 2 ? -9.031  -2.584  2.410   1.00 28.57 ? 8   DG  B "C1'" 1 
ATOM   152  N N9    . DG  B 1 2 ? -8.904  -3.828  3.162   1.00 28.32 ? 8   DG  B N9    1 
ATOM   153  C C8    . DG  B 1 2 ? -9.854  -4.441  3.942   1.00 27.31 ? 8   DG  B C8    1 
ATOM   154  N N7    . DG  B 1 2 ? -9.434  -5.554  4.478   1.00 27.75 ? 8   DG  B N7    1 
ATOM   155  C C5    . DG  B 1 2 ? -8.128  -5.682  4.027   1.00 26.93 ? 8   DG  B C5    1 
ATOM   156  C C6    . DG  B 1 2 ? -7.178  -6.725  4.221   1.00 27.35 ? 8   DG  B C6    1 
ATOM   157  O O6    . DG  B 1 2 ? -7.285  -7.756  4.902   1.00 26.86 ? 8   DG  B O6    1 
ATOM   158  N N1    . DG  B 1 2 ? -6.001  -6.479  3.521   1.00 26.63 ? 8   DG  B N1    1 
ATOM   159  C C2    . DG  B 1 2 ? -5.764  -5.378  2.735   1.00 26.67 ? 8   DG  B C2    1 
ATOM   160  N N2    . DG  B 1 2 ? -4.563  -5.317  2.138   1.00 25.54 ? 8   DG  B N2    1 
ATOM   161  N N3    . DG  B 1 2 ? -6.637  -4.406  2.545   1.00 26.67 ? 8   DG  B N3    1 
ATOM   162  C C4    . DG  B 1 2 ? -7.787  -4.622  3.215   1.00 27.44 ? 8   DG  B C4    1 
HETATM 163  N N1    . 5CM B 1 3 ? -6.764  -6.364  -0.681  1.00 29.44 ? 9   5CM B N1    1 
HETATM 164  C C2    . 5CM B 1 3 ? -5.969  -7.414  -0.231  1.00 29.08 ? 9   5CM B C2    1 
HETATM 165  N N3    . 5CM B 1 3 ? -6.486  -8.320  0.628   1.00 28.19 ? 9   5CM B N3    1 
HETATM 166  C C4    . 5CM B 1 3 ? -7.752  -8.208  1.030   1.00 28.22 ? 9   5CM B C4    1 
HETATM 167  C C5    . 5CM B 1 3 ? -8.595  -7.155  0.574   1.00 28.20 ? 9   5CM B C5    1 
HETATM 168  C C5A   . 5CM B 1 3 ? -10.012 -7.094  1.054   1.00 28.48 ? 9   5CM B C5A   1 
HETATM 169  C C6    . 5CM B 1 3 ? -8.065  -6.260  -0.275  1.00 29.21 ? 9   5CM B C6    1 
HETATM 170  O O2    . 5CM B 1 3 ? -4.801  -7.488  -0.637  1.00 29.34 ? 9   5CM B O2    1 
HETATM 171  N N4    . 5CM B 1 3 ? -8.217  -9.120  1.890   1.00 28.19 ? 9   5CM B N4    1 
HETATM 172  C "C1'" . 5CM B 1 3 ? -6.160  -5.383  -1.593  1.00 31.66 ? 9   5CM B "C1'" 1 
HETATM 173  C "C2'" . 5CM B 1 3 ? -6.186  -5.816  -3.054  1.00 33.00 ? 9   5CM B "C2'" 1 
HETATM 174  C "C3'" . 5CM B 1 3 ? -7.413  -5.099  -3.581  1.00 33.67 ? 9   5CM B "C3'" 1 
HETATM 175  C "C4'" . 5CM B 1 3 ? -7.370  -3.786  -2.810  1.00 32.49 ? 9   5CM B "C4'" 1 
HETATM 176  O "O4'" . 5CM B 1 3 ? -6.904  -4.169  -1.498  1.00 31.06 ? 9   5CM B "O4'" 1 
HETATM 177  O "O3'" . 5CM B 1 3 ? -7.281  -4.854  -4.979  1.00 38.04 ? 9   5CM B "O3'" 1 
HETATM 178  C "C5'" . 5CM B 1 3 ? -8.712  -3.109  -2.675  1.00 31.28 ? 9   5CM B "C5'" 1 
HETATM 179  O "O5'" . 5CM B 1 3 ? -9.629  -3.983  -2.026  1.00 29.98 ? 9   5CM B "O5'" 1 
HETATM 180  P P     . 5CM B 1 3 ? -11.132 -3.536  -1.761  1.00 30.92 ? 9   5CM B P     1 
HETATM 181  O OP1   . 5CM B 1 3 ? -11.619 -2.851  -2.982  1.00 30.68 ? 9   5CM B OP1   1 
HETATM 182  O OP2   . 5CM B 1 3 ? -11.871 -4.702  -1.214  1.00 30.29 ? 9   5CM B OP2   1 
ATOM   183  P P     . DG  B 1 4 ? -7.865  -5.921  -6.025  1.00 42.27 ? 10  DG  B P     1 
ATOM   184  O OP1   . DG  B 1 4 ? -7.660  -5.359  -7.385  1.00 44.15 ? 10  DG  B OP1   1 
ATOM   185  O OP2   . DG  B 1 4 ? -9.226  -6.330  -5.592  1.00 42.25 ? 10  DG  B OP2   1 
ATOM   186  O "O5'" . DG  B 1 4 ? -6.923  -7.191  -5.848  1.00 41.52 ? 10  DG  B "O5'" 1 
ATOM   187  C "C5'" . DG  B 1 4 ? -5.690  -7.281  -6.550  1.00 40.51 ? 10  DG  B "C5'" 1 
ATOM   188  C "C4'" . DG  B 1 4 ? -4.916  -8.494  -6.092  1.00 38.92 ? 10  DG  B "C4'" 1 
ATOM   189  O "O4'" . DG  B 1 4 ? -4.907  -8.563  -4.651  1.00 37.54 ? 10  DG  B "O4'" 1 
ATOM   190  C "C3'" . DG  B 1 4 ? -5.502  -9.842  -6.490  1.00 38.90 ? 10  DG  B "C3'" 1 
ATOM   191  O "O3'" . DG  B 1 4 ? -5.213  -10.169 -7.851  1.00 39.65 ? 10  DG  B "O3'" 1 
ATOM   192  C "C2'" . DG  B 1 4 ? -4.752  -10.764 -5.549  1.00 37.37 ? 10  DG  B "C2'" 1 
ATOM   193  C "C1'" . DG  B 1 4 ? -4.653  -9.916  -4.281  1.00 35.07 ? 10  DG  B "C1'" 1 
ATOM   194  N N9    . DG  B 1 4 ? -5.631  -10.313 -3.275  1.00 32.22 ? 10  DG  B N9    1 
ATOM   195  C C8    . DG  B 1 4 ? -6.846  -9.742  -2.986  1.00 31.00 ? 10  DG  B C8    1 
ATOM   196  N N7    . DG  B 1 4 ? -7.479  -10.354 -2.021  1.00 30.23 ? 10  DG  B N7    1 
ATOM   197  C C5    . DG  B 1 4 ? -6.624  -11.388 -1.656  1.00 29.34 ? 10  DG  B C5    1 
ATOM   198  C C6    . DG  B 1 4 ? -6.785  -12.429 -0.704  1.00 28.53 ? 10  DG  B C6    1 
ATOM   199  O O6    . DG  B 1 4 ? -7.716  -12.615 0.084   1.00 27.82 ? 10  DG  B O6    1 
ATOM   200  N N1    . DG  B 1 4 ? -5.709  -13.306 -0.720  1.00 28.10 ? 10  DG  B N1    1 
ATOM   201  C C2    . DG  B 1 4 ? -4.612  -13.197 -1.538  1.00 28.79 ? 10  DG  B C2    1 
ATOM   202  N N2    . DG  B 1 4 ? -3.673  -14.143 -1.411  1.00 28.08 ? 10  DG  B N2    1 
ATOM   203  N N3    . DG  B 1 4 ? -4.446  -12.231 -2.418  1.00 28.99 ? 10  DG  B N3    1 
ATOM   204  C C4    . DG  B 1 4 ? -5.483  -11.371 -2.423  1.00 29.98 ? 10  DG  B C4    1 
ATOM   205  P P     . DC  B 1 5 ? -6.213  -11.134 -8.659  1.00 41.35 ? 11  DC  B P     1 
ATOM   206  O OP1   . DC  B 1 5 ? -5.827  -11.057 -10.092 1.00 42.32 ? 11  DC  B OP1   1 
ATOM   207  O OP2   . DC  B 1 5 ? -7.619  -10.878 -8.258  1.00 39.65 ? 11  DC  B OP2   1 
ATOM   208  O "O5'" . DC  B 1 5 ? -5.880  -12.591 -8.110  1.00 37.88 ? 11  DC  B "O5'" 1 
ATOM   209  C "C5'" . DC  B 1 5 ? -4.586  -13.154 -8.278  1.00 33.79 ? 11  DC  B "C5'" 1 
ATOM   210  C "C4'" . DC  B 1 5 ? -4.409  -14.326 -7.342  1.00 30.58 ? 11  DC  B "C4'" 1 
ATOM   211  O "O4'" . DC  B 1 5 ? -4.598  -13.888 -5.979  1.00 29.41 ? 11  DC  B "O4'" 1 
ATOM   212  C "C3'" . DC  B 1 5 ? -5.427  -15.452 -7.485  1.00 28.97 ? 11  DC  B "C3'" 1 
ATOM   213  O "O3'" . DC  B 1 5 ? -5.107  -16.315 -8.577  1.00 28.51 ? 11  DC  B "O3'" 1 
ATOM   214  C "C2'" . DC  B 1 5 ? -5.229  -16.175 -6.171  1.00 27.79 ? 11  DC  B "C2'" 1 
ATOM   215  C "C1'" . DC  B 1 5 ? -5.011  -15.011 -5.205  1.00 27.17 ? 11  DC  B "C1'" 1 
ATOM   216  N N1    . DC  B 1 5 ? -6.241  -14.659 -4.486  1.00 25.33 ? 11  DC  B N1    1 
ATOM   217  C C2    . DC  B 1 5 ? -6.560  -15.417 -3.368  1.00 24.78 ? 11  DC  B C2    1 
ATOM   218  O O2    . DC  B 1 5 ? -5.793  -16.338 -3.048  1.00 24.38 ? 11  DC  B O2    1 
ATOM   219  N N3    . DC  B 1 5 ? -7.685  -15.138 -2.671  1.00 23.69 ? 11  DC  B N3    1 
ATOM   220  C C4    . DC  B 1 5 ? -8.480  -14.141 -3.062  1.00 23.82 ? 11  DC  B C4    1 
ATOM   221  N N4    . DC  B 1 5 ? -9.578  -13.907 -2.344  1.00 21.96 ? 11  DC  B N4    1 
ATOM   222  C C5    . DC  B 1 5 ? -8.180  -13.344 -4.209  1.00 24.04 ? 11  DC  B C5    1 
ATOM   223  C C6    . DC  B 1 5 ? -7.057  -13.637 -4.886  1.00 25.23 ? 11  DC  B C6    1 
ATOM   224  P P     . DC  B 1 6 ? -6.261  -17.206 -9.250  1.00 28.04 ? 12  DC  B P     1 
ATOM   225  O OP1   . DC  B 1 6 ? -5.730  -17.738 -10.530 1.00 28.93 ? 12  DC  B OP1   1 
ATOM   226  O OP2   . DC  B 1 6 ? -7.526  -16.442 -9.245  1.00 27.61 ? 12  DC  B OP2   1 
ATOM   227  O "O5'" . DC  B 1 6 ? -6.456  -18.423 -8.240  1.00 26.11 ? 12  DC  B "O5'" 1 
ATOM   228  C "C5'" . DC  B 1 6 ? -5.427  -19.386 -8.042  1.00 25.12 ? 12  DC  B "C5'" 1 
ATOM   229  C "C4'" . DC  B 1 6 ? -5.882  -20.429 -7.046  1.00 25.17 ? 12  DC  B "C4'" 1 
ATOM   230  O "O4'" . DC  B 1 6 ? -6.109  -19.793 -5.767  1.00 25.29 ? 12  DC  B "O4'" 1 
ATOM   231  C "C3'" . DC  B 1 6 ? -7.214  -21.094 -7.382  1.00 26.36 ? 12  DC  B "C3'" 1 
ATOM   232  O "O3'" . DC  B 1 6 ? -7.050  -22.256 -8.201  1.00 27.86 ? 12  DC  B "O3'" 1 
ATOM   233  C "C2'" . DC  B 1 6 ? -7.717  -21.528 -6.017  1.00 25.37 ? 12  DC  B "C2'" 1 
ATOM   234  C "C1'" . DC  B 1 6 ? -7.165  -20.456 -5.081  1.00 24.51 ? 12  DC  B "C1'" 1 
ATOM   235  N N1    . DC  B 1 6 ? -8.162  -19.450 -4.690  1.00 23.45 ? 12  DC  B N1    1 
ATOM   236  C C2    . DC  B 1 6 ? -8.985  -19.733 -3.603  1.00 23.87 ? 12  DC  B C2    1 
ATOM   237  O O2    . DC  B 1 6 ? -8.851  -20.823 -3.025  1.00 24.00 ? 12  DC  B O2    1 
ATOM   238  N N3    . DC  B 1 6 ? -9.904  -18.821 -3.210  1.00 23.62 ? 12  DC  B N3    1 
ATOM   239  C C4    . DC  B 1 6 ? -10.023 -17.667 -3.870  1.00 23.56 ? 12  DC  B C4    1 
ATOM   240  N N4    . DC  B 1 6 ? -10.945 -16.799 -3.442  1.00 22.68 ? 12  DC  B N4    1 
ATOM   241  C C5    . DC  B 1 6 ? -9.200  -17.355 -4.996  1.00 22.79 ? 12  DC  B C5    1 
ATOM   242  C C6    . DC  B 1 6 ? -8.289  -18.268 -5.366  1.00 23.64 ? 12  DC  B C6    1 
ATOM   243  O "O5'" . DG  C 1 1 ? -0.318  3.048   24.297  1.00 30.72 ? 13  DG  C "O5'" 1 
ATOM   244  C "C5'" . DG  C 1 1 ? -0.018  4.063   25.254  1.00 28.10 ? 13  DG  C "C5'" 1 
ATOM   245  C "C4'" . DG  C 1 1 ? 1.430   4.494   25.205  1.00 28.03 ? 13  DG  C "C4'" 1 
ATOM   246  O "O4'" . DG  C 1 1 ? 2.287   3.403   25.612  1.00 27.78 ? 13  DG  C "O4'" 1 
ATOM   247  C "C3'" . DG  C 1 1 ? 1.937   4.887   23.822  1.00 27.22 ? 13  DG  C "C3'" 1 
ATOM   248  O "O3'" . DG  C 1 1 ? 1.645   6.261   23.568  1.00 27.59 ? 13  DG  C "O3'" 1 
ATOM   249  C "C2'" . DG  C 1 1 ? 3.431   4.670   23.974  1.00 27.76 ? 13  DG  C "C2'" 1 
ATOM   250  C "C1'" . DG  C 1 1 ? 3.470   3.397   24.811  1.00 27.24 ? 13  DG  C "C1'" 1 
ATOM   251  N N9    . DG  C 1 1 ? 3.446   2.194   23.987  1.00 26.28 ? 13  DG  C N9    1 
ATOM   252  C C8    . DG  C 1 1 ? 2.368   1.383   23.736  1.00 25.94 ? 13  DG  C C8    1 
ATOM   253  N N7    . DG  C 1 1 ? 2.651   0.391   22.936  1.00 25.87 ? 13  DG  C N7    1 
ATOM   254  C C5    . DG  C 1 1 ? 3.999   0.554   22.649  1.00 25.83 ? 13  DG  C C5    1 
ATOM   255  C C6    . DG  C 1 1 ? 4.835   -0.155  21.747  1.00 25.84 ? 13  DG  C C6    1 
ATOM   256  O O6    . DG  C 1 1 ? 4.566   -1.159  21.078  1.00 26.61 ? 13  DG  C O6    1 
ATOM   257  N N1    . DG  C 1 1 ? 6.098   0.417   21.661  1.00 25.97 ? 13  DG  C N1    1 
ATOM   258  C C2    . DG  C 1 1 ? 6.510   1.530   22.354  1.00 26.00 ? 13  DG  C C2    1 
ATOM   259  N N2    . DG  C 1 1 ? 7.770   1.935   22.137  1.00 26.04 ? 13  DG  C N2    1 
ATOM   260  N N3    . DG  C 1 1 ? 5.741   2.199   23.196  1.00 25.46 ? 13  DG  C N3    1 
ATOM   261  C C4    . DG  C 1 1 ? 4.506   1.659   23.294  1.00 25.94 ? 13  DG  C C4    1 
ATOM   262  P P     . DG  C 1 2 ? 1.447   6.770   22.058  1.00 29.26 ? 14  DG  C P     1 
ATOM   263  O OP1   . DG  C 1 2 ? 0.862   8.131   22.128  1.00 30.48 ? 14  DG  C OP1   1 
ATOM   264  O OP2   . DG  C 1 2 ? 0.751   5.702   21.296  1.00 29.19 ? 14  DG  C OP2   1 
ATOM   265  O "O5'" . DG  C 1 2 ? 2.930   6.907   21.500  1.00 27.95 ? 14  DG  C "O5'" 1 
ATOM   266  C "C5'" . DG  C 1 2 ? 3.829   7.856   22.069  1.00 25.93 ? 14  DG  C "C5'" 1 
ATOM   267  C "C4'" . DG  C 1 2 ? 5.232   7.611   21.564  1.00 24.84 ? 14  DG  C "C4'" 1 
ATOM   268  O "O4'" . DG  C 1 2 ? 5.661   6.271   21.889  1.00 22.79 ? 14  DG  C "O4'" 1 
ATOM   269  C "C3'" . DG  C 1 2 ? 5.388   7.715   20.051  1.00 24.54 ? 14  DG  C "C3'" 1 
ATOM   270  O "O3'" . DG  C 1 2 ? 5.626   9.075   19.697  1.00 26.38 ? 14  DG  C "O3'" 1 
ATOM   271  C "C2'" . DG  C 1 2 ? 6.637   6.889   19.811  1.00 24.01 ? 14  DG  C "C2'" 1 
ATOM   272  C "C1'" . DG  C 1 2 ? 6.477   5.767   20.831  1.00 24.03 ? 14  DG  C "C1'" 1 
ATOM   273  N N9    . DG  C 1 2 ? 5.817   4.588   20.282  1.00 23.10 ? 14  DG  C N9    1 
ATOM   274  C C8    . DG  C 1 2 ? 4.516   4.191   20.478  1.00 23.29 ? 14  DG  C C8    1 
ATOM   275  N N7    . DG  C 1 2 ? 4.222   3.082   19.858  1.00 23.26 ? 14  DG  C N7    1 
ATOM   276  C C5    . DG  C 1 2 ? 5.399   2.727   19.212  1.00 22.94 ? 14  DG  C C5    1 
ATOM   277  C C6    . DG  C 1 2 ? 5.693   1.622   18.370  1.00 23.05 ? 14  DG  C C6    1 
ATOM   278  O O6    . DG  C 1 2 ? 4.952   0.693   18.039  1.00 22.72 ? 14  DG  C O6    1 
ATOM   279  N N1    . DG  C 1 2 ? 7.005   1.665   17.906  1.00 21.88 ? 14  DG  C N1    1 
ATOM   280  C C2    . DG  C 1 2 ? 7.921   2.643   18.217  1.00 22.54 ? 14  DG  C C2    1 
ATOM   281  N N2    . DG  C 1 2 ? 9.142   2.517   17.679  1.00 22.08 ? 14  DG  C N2    1 
ATOM   282  N N3    . DG  C 1 2 ? 7.658   3.672   19.003  1.00 22.43 ? 14  DG  C N3    1 
ATOM   283  C C4    . DG  C 1 2 ? 6.390   3.650   19.461  1.00 23.19 ? 14  DG  C C4    1 
HETATM 284  N N1    . 5CM C 1 3 ? 7.226   5.493   15.746  1.00 22.11 ? 15  5CM C N1    1 
HETATM 285  C C2    . 5CM C 1 3 ? 7.292   4.257   15.109  1.00 22.65 ? 15  5CM C C2    1 
HETATM 286  N N3    . 5CM C 1 3 ? 6.194   3.460   15.089  1.00 22.21 ? 15  5CM C N3    1 
HETATM 287  C C4    . 5CM C 1 3 ? 5.071   3.861   15.683  1.00 21.87 ? 15  5CM C C4    1 
HETATM 288  C C5    . 5CM C 1 3 ? 4.972   5.125   16.330  1.00 22.17 ? 15  5CM C C5    1 
HETATM 289  C C5A   . 5CM C 1 3 ? 3.675   5.518   16.965  1.00 21.63 ? 15  5CM C C5A   1 
HETATM 290  C C6    . 5CM C 1 3 ? 6.063   5.904   16.338  1.00 22.19 ? 15  5CM C C6    1 
HETATM 291  O O2    . 5CM C 1 3 ? 8.361   3.920   14.574  1.00 22.73 ? 15  5CM C O2    1 
HETATM 292  N N4    . 5CM C 1 3 ? 4.023   3.034   15.668  1.00 22.57 ? 15  5CM C N4    1 
HETATM 293  C "C1'" . 5CM C 1 3 ? 8.432   6.336   15.763  1.00 23.95 ? 15  5CM C "C1'" 1 
HETATM 294  C "C2'" . 5CM C 1 3 ? 8.557   7.189   14.502  1.00 24.90 ? 15  5CM C "C2'" 1 
HETATM 295  C "C3'" . 5CM C 1 3 ? 7.806   8.434   14.927  1.00 25.94 ? 15  5CM C "C3'" 1 
HETATM 296  C "C4'" . 5CM C 1 3 ? 8.315   8.598   16.353  1.00 25.03 ? 15  5CM C "C4'" 1 
HETATM 297  O "O4'" . 5CM C 1 3 ? 8.322   7.246   16.863  1.00 24.27 ? 15  5CM C "O4'" 1 
HETATM 298  O "O3'" . 5CM C 1 3 ? 8.176   9.552   14.117  1.00 28.51 ? 15  5CM C "O3'" 1 
HETATM 299  C "C5'" . 5CM C 1 3 ? 7.481   9.493   17.238  1.00 24.92 ? 15  5CM C "C5'" 1 
HETATM 300  O "O5'" . 5CM C 1 3 ? 6.122   9.070   17.231  1.00 25.21 ? 15  5CM C "O5'" 1 
HETATM 301  P P     . 5CM C 1 3 ? 5.088   9.645   18.294  1.00 28.03 ? 15  5CM C P     1 
HETATM 302  O OP1   . 5CM C 1 3 ? 5.259   11.118  18.360  1.00 28.42 ? 15  5CM C OP1   1 
HETATM 303  O OP2   . 5CM C 1 3 ? 3.750   9.072   18.019  1.00 27.74 ? 15  5CM C OP2   1 
ATOM   304  P P     . DG  C 1 4 ? 7.294   9.917   12.827  1.00 29.47 ? 16  DG  C P     1 
ATOM   305  O OP1   . DG  C 1 4 ? 7.853   11.160  12.241  1.00 30.43 ? 16  DG  C OP1   1 
ATOM   306  O OP2   . DG  C 1 4 ? 5.859   9.855   13.192  1.00 27.92 ? 16  DG  C OP2   1 
ATOM   307  O "O5'" . DG  C 1 4 ? 7.570   8.717   11.821  1.00 27.88 ? 16  DG  C "O5'" 1 
ATOM   308  C "C5'" . DG  C 1 4 ? 8.864   8.513   11.271  1.00 26.16 ? 16  DG  C "C5'" 1 
ATOM   309  C "C4'" . DG  C 1 4 ? 8.898   7.227   10.481  1.00 26.22 ? 16  DG  C "C4'" 1 
ATOM   310  O "O4'" . DG  C 1 4 ? 8.646   6.086   11.328  1.00 25.45 ? 16  DG  C "O4'" 1 
ATOM   311  C "C3'" . DG  C 1 4 ? 7.853   7.103   9.380   1.00 26.77 ? 16  DG  C "C3'" 1 
ATOM   312  O "O3'" . DG  C 1 4 ? 8.281   7.810   8.214   1.00 28.41 ? 16  DG  C "O3'" 1 
ATOM   313  C "C2'" . DG  C 1 4 ? 7.884   5.608   9.131   1.00 23.80 ? 16  DG  C "C2'" 1 
ATOM   314  C "C1'" . DG  C 1 4 ? 7.999   5.070   10.558  1.00 23.99 ? 16  DG  C "C1'" 1 
ATOM   315  N N9    . DG  C 1 4 ? 6.695   4.820   11.161  1.00 22.70 ? 16  DG  C N9    1 
ATOM   316  C C8    . DG  C 1 4 ? 5.987   5.651   11.996  1.00 22.75 ? 16  DG  C C8    1 
ATOM   317  N N7    . DG  C 1 4 ? 4.838   5.149   12.363  1.00 22.08 ? 16  DG  C N7    1 
ATOM   318  C C5    . DG  C 1 4 ? 4.787   3.915   11.733  1.00 22.34 ? 16  DG  C C5    1 
ATOM   319  C C6    . DG  C 1 4 ? 3.751   2.950   11.691  1.00 22.35 ? 16  DG  C C6    1 
ATOM   320  O O6    . DG  C 1 4 ? 2.668   2.962   12.287  1.00 22.13 ? 16  DG  C O6    1 
ATOM   321  N N1    . DG  C 1 4 ? 4.077   1.888   10.850  1.00 22.50 ? 16  DG  C N1    1 
ATOM   322  C C2    . DG  C 1 4 ? 5.254   1.770   10.145  1.00 22.74 ? 16  DG  C C2    1 
ATOM   323  N N2    . DG  C 1 4 ? 5.392   0.679   9.378   1.00 23.37 ? 16  DG  C N2    1 
ATOM   324  N N3    . DG  C 1 4 ? 6.227   2.659   10.186  1.00 22.04 ? 16  DG  C N3    1 
ATOM   325  C C4    . DG  C 1 4 ? 5.929   3.698   10.990  1.00 22.37 ? 16  DG  C C4    1 
ATOM   326  P P     . DC  C 1 5 ? 7.194   8.434   7.218   1.00 30.33 ? 17  DC  C P     1 
ATOM   327  O OP1   . DC  C 1 5 ? 7.964   9.133   6.158   1.00 32.15 ? 17  DC  C OP1   1 
ATOM   328  O OP2   . DC  C 1 5 ? 6.172   9.174   7.996   1.00 29.13 ? 17  DC  C OP2   1 
ATOM   329  O "O5'" . DC  C 1 5 ? 6.464   7.171   6.578   1.00 27.52 ? 17  DC  C "O5'" 1 
ATOM   330  C "C5'" . DC  C 1 5 ? 7.119   6.363   5.611   1.00 25.96 ? 17  DC  C "C5'" 1 
ATOM   331  C "C4'" . DC  C 1 5 ? 6.389   5.052   5.435   1.00 24.87 ? 17  DC  C "C4'" 1 
ATOM   332  O "O4'" . DC  C 1 5 ? 6.106   4.427   6.709   1.00 24.68 ? 17  DC  C "O4'" 1 
ATOM   333  C "C3'" . DC  C 1 5 ? 5.018   5.143   4.777   1.00 24.51 ? 17  DC  C "C3'" 1 
ATOM   334  O "O3'" . DC  C 1 5 ? 5.145   5.297   3.363   1.00 25.48 ? 17  DC  C "O3'" 1 
ATOM   335  C "C2'" . DC  C 1 5 ? 4.451   3.780   5.122   1.00 22.68 ? 17  DC  C "C2'" 1 
ATOM   336  C "C1'" . DC  C 1 5 ? 4.958   3.594   6.557   1.00 22.63 ? 17  DC  C "C1'" 1 
ATOM   337  N N1    . DC  C 1 5 ? 3.954   4.003   7.551   1.00 22.56 ? 17  DC  C N1    1 
ATOM   338  C C2    . DC  C 1 5 ? 2.920   3.112   7.835   1.00 22.24 ? 17  DC  C C2    1 
ATOM   339  O O2    . DC  C 1 5 ? 2.904   2.018   7.252   1.00 21.63 ? 17  DC  C O2    1 
ATOM   340  N N3    . DC  C 1 5 ? 1.971   3.459   8.727   1.00 22.78 ? 17  DC  C N3    1 
ATOM   341  C C4    . DC  C 1 5 ? 2.027   4.650   9.329   1.00 23.32 ? 17  DC  C C4    1 
ATOM   342  N N4    . DC  C 1 5 ? 1.061   4.952   10.204  1.00 22.42 ? 17  DC  C N4    1 
ATOM   343  C C5    . DC  C 1 5 ? 3.076   5.580   9.063   1.00 22.82 ? 17  DC  C C5    1 
ATOM   344  C C6    . DC  C 1 5 ? 4.011   5.218   8.174   1.00 22.95 ? 17  DC  C C6    1 
ATOM   345  P P     . DC  C 1 6 ? 3.907   5.866   2.513   1.00 24.51 ? 18  DC  C P     1 
ATOM   346  O OP1   . DC  C 1 6 ? 4.450   6.137   1.163   1.00 25.00 ? 18  DC  C OP1   1 
ATOM   347  O OP2   . DC  C 1 6 ? 3.248   6.949   3.270   1.00 23.48 ? 18  DC  C OP2   1 
ATOM   348  O "O5'" . DC  C 1 6 ? 2.871   4.657   2.453   1.00 22.38 ? 18  DC  C "O5'" 1 
ATOM   349  C "C5'" . DC  C 1 6 ? 3.141   3.483   1.693   1.00 22.98 ? 18  DC  C "C5'" 1 
ATOM   350  C "C4'" . DC  C 1 6 ? 1.970   2.529   1.773   1.00 22.27 ? 18  DC  C "C4'" 1 
ATOM   351  O "O4'" . DC  C 1 6 ? 1.760   2.135   3.146   1.00 23.66 ? 18  DC  C "O4'" 1 
ATOM   352  C "C3'" . DC  C 1 6 ? 0.633   3.119   1.342   1.00 23.11 ? 18  DC  C "C3'" 1 
ATOM   353  O "O3'" . DC  C 1 6 ? 0.449   2.925   -0.056  1.00 24.08 ? 18  DC  C "O3'" 1 
ATOM   354  C "C2'" . DC  C 1 6 ? -0.364  2.254   2.091   1.00 22.54 ? 18  DC  C "C2'" 1 
ATOM   355  C "C1'" . DC  C 1 6 ? 0.377   1.889   3.375   1.00 22.30 ? 18  DC  C "C1'" 1 
ATOM   356  N N1    . DC  C 1 6 ? -0.036  2.697   4.531   1.00 21.57 ? 18  DC  C N1    1 
ATOM   357  C C2    . DC  C 1 6 ? -1.139  2.285   5.274   1.00 21.95 ? 18  DC  C C2    1 
ATOM   358  O O2    . DC  C 1 6 ? -1.741  1.253   4.929   1.00 22.69 ? 18  DC  C O2    1 
ATOM   359  N N3    . DC  C 1 6 ? -1.526  3.018   6.345   1.00 21.83 ? 18  DC  C N3    1 
ATOM   360  C C4    . DC  C 1 6 ? -0.856  4.129   6.672   1.00 22.12 ? 18  DC  C C4    1 
ATOM   361  N N4    . DC  C 1 6 ? -1.277  4.834   7.729   1.00 21.47 ? 18  DC  C N4    1 
ATOM   362  C C5    . DC  C 1 6 ? 0.275   4.573   5.924   1.00 21.19 ? 18  DC  C C5    1 
ATOM   363  C C6    . DC  C 1 6 ? 0.646   3.831   4.873   1.00 21.23 ? 18  DC  C C6    1 
ATOM   364  O "O5'" . DG  D 1 1 ? -9.343  1.449   12.675  1.00 28.17 ? 19  DG  D "O5'" 1 
ATOM   365  C "C5'" . DG  D 1 1 ? -10.038 0.229   12.426  1.00 27.13 ? 19  DG  D "C5'" 1 
ATOM   366  C "C4'" . DG  D 1 1 ? -9.542  -0.507  11.201  1.00 27.04 ? 19  DG  D "C4'" 1 
ATOM   367  O "O4'" . DG  D 1 1 ? -9.531  0.373   10.051  1.00 27.07 ? 19  DG  D "O4'" 1 
ATOM   368  C "C3'" . DG  D 1 1 ? -8.117  -1.040  11.289  1.00 27.19 ? 19  DG  D "C3'" 1 
ATOM   369  O "O3'" . DG  D 1 1 ? -8.116  -2.323  11.922  1.00 28.34 ? 19  DG  D "O3'" 1 
ATOM   370  C "C2'" . DG  D 1 1 ? -7.758  -1.170  9.821   1.00 26.26 ? 19  DG  D "C2'" 1 
ATOM   371  C "C1'" . DG  D 1 1 ? -8.384  0.100   9.250   1.00 25.62 ? 19  DG  D "C1'" 1 
ATOM   372  N N9    . DG  D 1 1 ? -7.480  1.237   9.365   1.00 23.84 ? 19  DG  D N9    1 
ATOM   373  C C8    . DG  D 1 1 ? -7.592  2.316   10.210  1.00 23.86 ? 19  DG  D C8    1 
ATOM   374  N N7    . DG  D 1 1 ? -6.593  3.152   10.103  1.00 23.48 ? 19  DG  D N7    1 
ATOM   375  C C5    . DG  D 1 1 ? -5.780  2.595   9.124   1.00 22.84 ? 19  DG  D C5    1 
ATOM   376  C C6    . DG  D 1 1 ? -4.544  3.041   8.593   1.00 23.00 ? 19  DG  D C6    1 
ATOM   377  O O6    . DG  D 1 1 ? -3.898  4.047   8.895   1.00 22.68 ? 19  DG  D O6    1 
ATOM   378  N N1    . DG  D 1 1 ? -4.065  2.175   7.613   1.00 22.08 ? 19  DG  D N1    1 
ATOM   379  C C2    . DG  D 1 1 ? -4.691  1.021   7.203   1.00 22.87 ? 19  DG  D C2    1 
ATOM   380  N N2    . DG  D 1 1 ? -4.081  0.315   6.238   1.00 21.63 ? 19  DG  D N2    1 
ATOM   381  N N3    . DG  D 1 1 ? -5.836  0.589   7.702   1.00 22.86 ? 19  DG  D N3    1 
ATOM   382  C C4    . DG  D 1 1 ? -6.320  1.420   8.651   1.00 23.38 ? 19  DG  D C4    1 
ATOM   383  P P     . DG  D 1 2 ? -6.835  -2.796  12.767  1.00 29.35 ? 20  DG  D P     1 
ATOM   384  O OP1   . DG  D 1 2 ? -7.191  -4.087  13.406  1.00 30.80 ? 20  DG  D OP1   1 
ATOM   385  O OP2   . DG  D 1 2 ? -6.371  -1.665  13.608  1.00 29.83 ? 20  DG  D OP2   1 
ATOM   386  O "O5'" . DG  D 1 2 ? -5.706  -3.075  11.677  1.00 28.32 ? 20  DG  D "O5'" 1 
ATOM   387  C "C5'" . DG  D 1 2 ? -5.888  -4.071  10.673  1.00 26.27 ? 20  DG  D "C5'" 1 
ATOM   388  C "C4'" . DG  D 1 2 ? -4.795  -3.972  9.633   1.00 24.80 ? 20  DG  D "C4'" 1 
ATOM   389  O "O4'" . DG  D 1 2 ? -4.814  -2.665  9.017   1.00 23.08 ? 20  DG  D "O4'" 1 
ATOM   390  C "C3'" . DG  D 1 2 ? -3.369  -4.129  10.153  1.00 24.50 ? 20  DG  D "C3'" 1 
ATOM   391  O "O3'" . DG  D 1 2 ? -3.019  -5.516  10.201  1.00 26.18 ? 20  DG  D "O3'" 1 
ATOM   392  C "C2'" . DG  D 1 2 ? -2.575  -3.446  9.058   1.00 22.59 ? 20  DG  D "C2'" 1 
ATOM   393  C "C1'" . DG  D 1 2 ? -3.486  -2.289  8.664   1.00 22.97 ? 20  DG  D "C1'" 1 
ATOM   394  N N9    . DG  D 1 2 ? -3.158  -1.055  9.372   1.00 21.29 ? 20  DG  D N9    1 
ATOM   395  C C8    . DG  D 1 2 ? -3.826  -0.482  10.426  1.00 21.70 ? 20  DG  D C8    1 
ATOM   396  N N7    . DG  D 1 2 ? -3.264  0.621   10.847  1.00 21.61 ? 20  DG  D N7    1 
ATOM   397  C C5    . DG  D 1 2 ? -2.160  0.781   10.019  1.00 21.08 ? 20  DG  D C5    1 
ATOM   398  C C6    . DG  D 1 2 ? -1.145  1.776   10.011  1.00 21.36 ? 20  DG  D C6    1 
ATOM   399  O O6    . DG  D 1 2 ? -1.029  2.772   10.740  1.00 20.59 ? 20  DG  D O6    1 
ATOM   400  N N1    . DG  D 1 2 ? -0.200  1.531   9.024   1.00 20.13 ? 20  DG  D N1    1 
ATOM   401  C C2    . DG  D 1 2 ? -0.222  0.474   8.150   1.00 21.69 ? 20  DG  D C2    1 
ATOM   402  N N2    . DG  D 1 2 ? 0.788   0.414   7.263   1.00 20.60 ? 20  DG  D N2    1 
ATOM   403  N N3    . DG  D 1 2 ? -1.163  -0.455  8.144   1.00 21.02 ? 20  DG  D N3    1 
ATOM   404  C C4    . DG  D 1 2 ? -2.088  -0.243  9.100   1.00 21.04 ? 20  DG  D C4    1 
HETATM 405  N N1    . 5CM D 1 3 ? 1.646   -2.343  9.711   1.00 23.24 ? 21  5CM D N1    1 
HETATM 406  C C2    . 5CM D 1 3 ? 2.453   -1.215  9.762   1.00 23.51 ? 21  5CM D C2    1 
HETATM 407  N N3    . 5CM D 1 3 ? 2.197   -0.259  10.685  1.00 22.44 ? 21  5CM D N3    1 
HETATM 408  C C4    . 5CM D 1 3 ? 1.188   -0.417  11.546  1.00 22.45 ? 21  5CM D C4    1 
HETATM 409  C C5    . 5CM D 1 3 ? 0.363   -1.578  11.532  1.00 23.43 ? 21  5CM D C5    1 
HETATM 410  C C5A   . 5CM D 1 3 ? -0.739  -1.707  12.536  1.00 22.70 ? 21  5CM D C5A   1 
HETATM 411  C C6    . 5CM D 1 3 ? 0.625   -2.508  10.602  1.00 22.82 ? 21  5CM D C6    1 
HETATM 412  O O2    . 5CM D 1 3 ? 3.400   -1.128  8.955   1.00 23.45 ? 21  5CM D O2    1 
HETATM 413  N N4    . 5CM D 1 3 ? 0.960   0.552   12.433  1.00 22.03 ? 21  5CM D N4    1 
HETATM 414  C "C1'" . 5CM D 1 3 ? 1.924   -3.340  8.671   1.00 24.41 ? 21  5CM D "C1'" 1 
HETATM 415  C "C2'" . 5CM D 1 3 ? 3.054   -4.280  9.067   1.00 24.51 ? 21  5CM D "C2'" 1 
HETATM 416  C "C3'" . 5CM D 1 3 ? 2.281   -5.420  9.695   1.00 26.10 ? 21  5CM D "C3'" 1 
HETATM 417  C "C4'" . 5CM D 1 3 ? 1.087   -5.518  8.758   1.00 25.58 ? 21  5CM D "C4'" 1 
HETATM 418  O "O4'" . 5CM D 1 3 ? 0.751   -4.138  8.501   1.00 25.83 ? 21  5CM D "O4'" 1 
HETATM 419  O "O3'" . 5CM D 1 3 ? 3.050   -6.617  9.655   1.00 26.41 ? 21  5CM D "O3'" 1 
HETATM 420  C "C5'" . 5CM D 1 3 ? -0.103  -6.243  9.335   1.00 26.49 ? 21  5CM D "C5'" 1 
HETATM 421  O "O5'" . 5CM D 1 3 ? -0.520  -5.616  10.541  1.00 26.14 ? 21  5CM D "O5'" 1 
HETATM 422  P P     . 5CM D 1 3 ? -1.892  -6.031  11.225  1.00 28.29 ? 21  5CM D P     1 
HETATM 423  O OP1   . 5CM D 1 3 ? -1.947  -7.514  11.198  1.00 29.79 ? 21  5CM D OP1   1 
HETATM 424  O OP2   . 5CM D 1 3 ? -2.021  -5.308  12.511  1.00 26.32 ? 21  5CM D OP2   1 
ATOM   425  P P     . DG  D 1 4 ? 4.082   -6.931  10.841  1.00 28.54 ? 22  DG  D P     1 
ATOM   426  O OP1   . DG  D 1 4 ? 4.590   -8.306  10.598  1.00 28.82 ? 22  DG  D OP1   1 
ATOM   427  O OP2   . DG  D 1 4 ? 3.434   -6.598  12.130  1.00 26.93 ? 22  DG  D OP2   1 
ATOM   428  O "O5'" . DG  D 1 4 ? 5.266   -5.890  10.617  1.00 25.92 ? 22  DG  D "O5'" 1 
ATOM   429  C "C5'" . DG  D 1 4 ? 6.126   -5.991  9.483   1.00 25.71 ? 22  DG  D "C5'" 1 
ATOM   430  C "C4'" . DG  D 1 4 ? 7.158   -4.887  9.505   1.00 25.52 ? 22  DG  D "C4'" 1 
ATOM   431  O "O4'" . DG  D 1 4 ? 6.508   -3.603  9.372   1.00 24.52 ? 22  DG  D "O4'" 1 
ATOM   432  C "C3'" . DG  D 1 4 ? 7.945   -4.761  10.803  1.00 25.23 ? 22  DG  D "C3'" 1 
ATOM   433  O "O3'" . DG  D 1 4 ? 9.043   -5.672  10.832  1.00 27.26 ? 22  DG  D "O3'" 1 
ATOM   434  C "C2'" . DG  D 1 4 ? 8.456   -3.338  10.696  1.00 24.38 ? 22  DG  D "C2'" 1 
ATOM   435  C "C1'" . DG  D 1 4 ? 7.224   -2.630  10.139  1.00 24.13 ? 22  DG  D "C1'" 1 
ATOM   436  N N9    . DG  D 1 4 ? 6.331   -2.130  11.181  1.00 21.99 ? 22  DG  D N9    1 
ATOM   437  C C8    . DG  D 1 4 ? 5.177   -2.717  11.644  1.00 21.85 ? 22  DG  D C8    1 
ATOM   438  N N7    . DG  D 1 4 ? 4.576   -2.011  12.564  1.00 21.02 ? 22  DG  D N7    1 
ATOM   439  C C5    . DG  D 1 4 ? 5.383   -0.894  12.722  1.00 21.10 ? 22  DG  D C5    1 
ATOM   440  C C6    . DG  D 1 4 ? 5.253   0.222   13.591  1.00 21.21 ? 22  DG  D C6    1 
ATOM   441  O O6    . DG  D 1 4 ? 4.334   0.487   14.377  1.00 20.55 ? 22  DG  D O6    1 
ATOM   442  N N1    . DG  D 1 4 ? 6.332   1.088   13.474  1.00 20.85 ? 22  DG  D N1    1 
ATOM   443  C C2    . DG  D 1 4 ? 7.397   0.915   12.622  1.00 22.27 ? 22  DG  D C2    1 
ATOM   444  N N2    . DG  D 1 4 ? 8.361   1.852   12.670  1.00 22.32 ? 22  DG  D N2    1 
ATOM   445  N N3    . DG  D 1 4 ? 7.516   -0.103  11.789  1.00 21.99 ? 22  DG  D N3    1 
ATOM   446  C C4    . DG  D 1 4 ? 6.481   -0.962  11.889  1.00 21.83 ? 22  DG  D C4    1 
ATOM   447  P P     . DC  D 1 5 ? 9.593   -6.197  12.247  1.00 29.94 ? 23  DC  D P     1 
ATOM   448  O OP1   . DC  D 1 5 ? 10.663  -7.185  11.965  1.00 31.89 ? 23  DC  D OP1   1 
ATOM   449  O OP2   . DC  D 1 5 ? 8.443   -6.580  13.096  1.00 29.41 ? 23  DC  D OP2   1 
ATOM   450  O "O5'" . DC  D 1 5 ? 10.263  -4.912  12.901  1.00 28.90 ? 23  DC  D "O5'" 1 
ATOM   451  C "C5'" . DC  D 1 5 ? 11.426  -4.325  12.323  1.00 26.62 ? 23  DC  D "C5'" 1 
ATOM   452  C "C4'" . DC  D 1 5 ? 11.833  -3.097  13.101  1.00 25.85 ? 23  DC  D "C4'" 1 
ATOM   453  O "O4'" . DC  D 1 5 ? 10.831  -2.065  12.976  1.00 25.33 ? 23  DC  D "O4'" 1 
ATOM   454  C "C3'" . DC  D 1 5 ? 11.970  -3.299  14.606  1.00 26.63 ? 23  DC  D "C3'" 1 
ATOM   455  O "O3'" . DC  D 1 5 ? 13.257  -3.841  14.913  1.00 28.29 ? 23  DC  D "O3'" 1 
ATOM   456  C "C2'" . DC  D 1 5 ? 11.855  -1.874  15.108  1.00 24.32 ? 23  DC  D "C2'" 1 
ATOM   457  C "C1'" . DC  D 1 5 ? 10.783  -1.302  14.182  1.00 23.91 ? 23  DC  D "C1'" 1 
ATOM   458  N N1    . DC  D 1 5 ? 9.433   -1.425  14.748  1.00 21.57 ? 23  DC  D N1    1 
ATOM   459  C C2    . DC  D 1 5 ? 8.972   -0.418  15.596  1.00 22.04 ? 23  DC  D C2    1 
ATOM   460  O O2    . DC  D 1 5 ? 9.716   0.553   15.836  1.00 23.32 ? 23  DC  D O2    1 
ATOM   461  N N3    . DC  D 1 5 ? 7.737   -0.521  16.136  1.00 21.73 ? 23  DC  D N3    1 
ATOM   462  C C4    . DC  D 1 5 ? 6.973   -1.579  15.860  1.00 22.06 ? 23  DC  D C4    1 
ATOM   463  N N4    . DC  D 1 5 ? 5.764   -1.641  16.429  1.00 21.58 ? 23  DC  D N4    1 
ATOM   464  C C5    . DC  D 1 5 ? 7.416   -2.619  14.989  1.00 22.12 ? 23  DC  D C5    1 
ATOM   465  C C6    . DC  D 1 5 ? 8.643   -2.503  14.460  1.00 21.96 ? 23  DC  D C6    1 
ATOM   466  P P     . DC  D 1 6 ? 13.443  -4.751  16.223  1.00 29.62 ? 24  DC  D P     1 
ATOM   467  O OP1   . DC  D 1 6 ? 14.853  -5.215  16.196  1.00 30.70 ? 24  DC  D OP1   1 
ATOM   468  O OP2   . DC  D 1 6 ? 12.340  -5.736  16.301  1.00 29.56 ? 24  DC  D OP2   1 
ATOM   469  O "O5'" . DC  D 1 6 ? 13.231  -3.747  17.438  1.00 28.66 ? 24  DC  D "O5'" 1 
ATOM   470  C "C5'" . DC  D 1 6 ? 14.200  -2.754  17.742  1.00 29.63 ? 24  DC  D "C5'" 1 
ATOM   471  C "C4'" . DC  D 1 6 ? 13.648  -1.788  18.765  1.00 30.41 ? 24  DC  D "C4'" 1 
ATOM   472  O "O4'" . DC  D 1 6 ? 12.381  -1.258  18.328  1.00 29.84 ? 24  DC  D "O4'" 1 
ATOM   473  C "C3'" . DC  D 1 6 ? 13.324  -2.395  20.123  1.00 31.23 ? 24  DC  D "C3'" 1 
ATOM   474  O "O3'" . DC  D 1 6 ? 14.516  -2.557  20.894  1.00 33.10 ? 24  DC  D "O3'" 1 
ATOM   475  C "C2'" . DC  D 1 6 ? 12.399  -1.343  20.705  1.00 29.13 ? 24  DC  D "C2'" 1 
ATOM   476  C "C1'" . DC  D 1 6 ? 11.659  -0.817  19.474  1.00 28.40 ? 24  DC  D "C1'" 1 
ATOM   477  N N1    . DC  D 1 6 ? 10.284  -1.328  19.386  1.00 26.92 ? 24  DC  D N1    1 
ATOM   478  C C2    . DC  D 1 6 ? 9.288   -0.636  20.075  1.00 26.10 ? 24  DC  D C2    1 
ATOM   479  O O2    . DC  D 1 6 ? 9.600   0.395   20.682  1.00 25.82 ? 24  DC  D O2    1 
ATOM   480  N N3    . DC  D 1 6 ? 8.022   -1.101  20.062  1.00 25.59 ? 24  DC  D N3    1 
ATOM   481  C C4    . DC  D 1 6 ? 7.729   -2.214  19.390  1.00 25.91 ? 24  DC  D C4    1 
ATOM   482  N N4    . DC  D 1 6 ? 6.465   -2.645  19.428  1.00 24.97 ? 24  DC  D N4    1 
ATOM   483  C C5    . DC  D 1 6 ? 8.719   -2.933  18.655  1.00 25.82 ? 24  DC  D C5    1 
ATOM   484  C C6    . DC  D 1 6 ? 9.976   -2.455  18.678  1.00 25.92 ? 24  DC  D C6    1 
ATOM   485  O "O5'" . DG  E 1 1 ? -12.015 3.925   5.309   1.00 34.00 ? 25  DG  E "O5'" 1 
ATOM   486  C "C5'" . DG  E 1 1 ? -11.609 3.593   6.640   1.00 31.57 ? 25  DG  E "C5'" 1 
ATOM   487  C "C4'" . DG  E 1 1 ? -10.207 3.029   6.697   1.00 29.65 ? 25  DG  E "C4'" 1 
ATOM   488  O "O4'" . DG  E 1 1 ? -10.186 1.694   6.139   1.00 29.14 ? 25  DG  E "O4'" 1 
ATOM   489  C "C3'" . DG  E 1 1 ? -9.164  3.798   5.896   1.00 28.93 ? 25  DG  E "C3'" 1 
ATOM   490  O "O3'" . DG  E 1 1 ? -8.623  4.861   6.680   1.00 27.48 ? 25  DG  E "O3'" 1 
ATOM   491  C "C2'" . DG  E 1 1 ? -8.122  2.723   5.649   1.00 28.00 ? 25  DG  E "C2'" 1 
ATOM   492  C "C1'" . DG  E 1 1 ? -9.008  1.518   5.355   1.00 28.76 ? 25  DG  E "C1'" 1 
ATOM   493  N N9    . DG  E 1 1 ? -9.411  1.460   3.954   1.00 28.24 ? 25  DG  E N9    1 
ATOM   494  C C8    . DG  E 1 1 ? -10.647 1.753   3.434   1.00 28.19 ? 25  DG  E C8    1 
ATOM   495  N N7    . DG  E 1 1 ? -10.692 1.648   2.133   1.00 28.43 ? 25  DG  E N7    1 
ATOM   496  C C5    . DG  E 1 1 ? -9.409  1.254   1.774   1.00 27.51 ? 25  DG  E C5    1 
ATOM   497  C C6    . DG  E 1 1 ? -8.845  1.015   0.493   1.00 28.10 ? 25  DG  E C6    1 
ATOM   498  O O6    . DG  E 1 1 ? -9.388  1.089   -0.614  1.00 28.82 ? 25  DG  E O6    1 
ATOM   499  N N1    . DG  E 1 1 ? -7.504  0.656   0.582   1.00 26.52 ? 25  DG  E N1    1 
ATOM   500  C C2    . DG  E 1 1 ? -6.793  0.548   1.750   1.00 26.75 ? 25  DG  E C2    1 
ATOM   501  N N2    . DG  E 1 1 ? -5.502  0.198   1.626   1.00 25.21 ? 25  DG  E N2    1 
ATOM   502  N N3    . DG  E 1 1 ? -7.307  0.770   2.951   1.00 26.34 ? 25  DG  E N3    1 
ATOM   503  C C4    . DG  E 1 1 ? -8.610  1.119   2.886   1.00 27.57 ? 25  DG  E C4    1 
ATOM   504  P P     . DG  E 1 2 ? -8.159  6.218   5.968   1.00 29.91 ? 26  DG  E P     1 
ATOM   505  O OP1   . DG  E 1 2 ? -8.006  7.248   7.026   1.00 30.08 ? 26  DG  E OP1   1 
ATOM   506  O OP2   . DG  E 1 2 ? -9.031  6.485   4.797   1.00 29.02 ? 26  DG  E OP2   1 
ATOM   507  O "O5'" . DG  E 1 2 ? -6.700  5.876   5.430   1.00 27.69 ? 26  DG  E "O5'" 1 
ATOM   508  C "C5'" . DG  E 1 2 ? -5.696  5.403   6.327   1.00 26.49 ? 26  DG  E "C5'" 1 
ATOM   509  C "C4'" . DG  E 1 2 ? -4.505  4.893   5.552   1.00 24.45 ? 26  DG  E "C4'" 1 
ATOM   510  O "O4'" . DG  E 1 2 ? -4.901  3.768   4.731   1.00 22.31 ? 26  DG  E "O4'" 1 
ATOM   511  C "C3'" . DG  E 1 2 ? -3.917  5.895   4.568   1.00 24.48 ? 26  DG  E "C3'" 1 
ATOM   512  O "O3'" . DG  E 1 2 ? -2.976  6.733   5.237   1.00 26.22 ? 26  DG  E "O3'" 1 
ATOM   513  C "C2'" . DG  E 1 2 ? -3.203  4.979   3.592   1.00 23.86 ? 26  DG  E "C2'" 1 
ATOM   514  C "C1'" . DG  E 1 2 ? -4.139  3.777   3.525   1.00 22.62 ? 26  DG  E "C1'" 1 
ATOM   515  N N9    . DG  E 1 2 ? -5.075  3.842   2.407   1.00 21.81 ? 26  DG  E N9    1 
ATOM   516  C C8    . DG  E 1 2 ? -6.413  4.156   2.454   1.00 22.27 ? 26  DG  E C8    1 
ATOM   517  N N7    . DG  E 1 2 ? -6.991  4.103   1.284   1.00 21.71 ? 26  DG  E N7    1 
ATOM   518  C C5    . DG  E 1 2 ? -5.970  3.741   0.415   1.00 21.79 ? 26  DG  E C5    1 
ATOM   519  C C6    . DG  E 1 2 ? -5.975  3.607   -0.995  1.00 22.53 ? 26  DG  E C6    1 
ATOM   520  O O6    . DG  E 1 2 ? -6.939  3.691   -1.771  1.00 22.79 ? 26  DG  E O6    1 
ATOM   521  N N1    . DG  E 1 2 ? -4.698  3.345   -1.492  1.00 21.66 ? 26  DG  E N1    1 
ATOM   522  C C2    . DG  E 1 2 ? -3.566  3.219   -0.729  1.00 21.68 ? 26  DG  E C2    1 
ATOM   523  N N2    . DG  E 1 2 ? -2.420  2.974   -1.394  1.00 20.70 ? 26  DG  E N2    1 
ATOM   524  N N3    . DG  E 1 2 ? -3.553  3.327   0.591   1.00 21.43 ? 26  DG  E N3    1 
ATOM   525  C C4    . DG  E 1 2 ? -4.780  3.587   1.091   1.00 21.92 ? 26  DG  E C4    1 
HETATM 526  N N1    . 5CM E 1 3 ? -2.125  6.711   -0.376  1.00 22.56 ? 27  5CM E N1    1 
HETATM 527  C C2    . 5CM E 1 3 ? -2.438  6.503   -1.716  1.00 22.52 ? 27  5CM E C2    1 
HETATM 528  N N3    . 5CM E 1 3 ? -3.728  6.592   -2.121  1.00 21.32 ? 27  5CM E N3    1 
HETATM 529  C C4    . 5CM E 1 3 ? -4.683  6.881   -1.234  1.00 21.39 ? 27  5CM E C4    1 
HETATM 530  C C5    . 5CM E 1 3 ? -4.387  7.119   0.138   1.00 21.86 ? 27  5CM E C5    1 
HETATM 531  C C5A   . 5CM E 1 3 ? -5.504  7.466   1.072   1.00 20.82 ? 27  5CM E C5A   1 
HETATM 532  C C6    . 5CM E 1 3 ? -3.106  7.021   0.524   1.00 21.45 ? 27  5CM E C6    1 
HETATM 533  O O2    . 5CM E 1 3 ? -1.512  6.245   -2.503  1.00 22.71 ? 27  5CM E O2    1 
HETATM 534  N N4    . 5CM E 1 3 ? -5.942  6.936   -1.663  1.00 20.81 ? 27  5CM E N4    1 
HETATM 535  C "C1'" . 5CM E 1 3 ? -0.718  6.588   0.031   1.00 24.00 ? 27  5CM E "C1'" 1 
HETATM 536  C "C2'" . 5CM E 1 3 ? 0.047   7.890   -0.171  1.00 24.84 ? 27  5CM E "C2'" 1 
HETATM 537  C "C3'" . 5CM E 1 3 ? -0.143  8.555   1.177   1.00 26.53 ? 27  5CM E "C3'" 1 
HETATM 538  C "C4'" . 5CM E 1 3 ? 0.014   7.364   2.112   1.00 25.46 ? 27  5CM E "C4'" 1 
HETATM 539  O "O4'" . 5CM E 1 3 ? -0.684  6.298   1.432   1.00 24.33 ? 27  5CM E "O4'" 1 
HETATM 540  O "O3'" . 5CM E 1 3 ? 0.887   9.513   1.411   1.00 30.71 ? 27  5CM E "O3'" 1 
HETATM 541  C "C5'" . 5CM E 1 3 ? -0.545  7.559   3.502   1.00 25.43 ? 27  5CM E "C5'" 1 
HETATM 542  O "O5'" . 5CM E 1 3 ? -1.863  8.095   3.431   1.00 26.23 ? 27  5CM E "O5'" 1 
HETATM 543  P P     . 5CM E 1 3 ? -2.751  8.245   4.742   1.00 28.07 ? 27  5CM E P     1 
HETATM 544  O OP1   . 5CM E 1 3 ? -1.922  8.901   5.785   1.00 28.54 ? 27  5CM E OP1   1 
HETATM 545  O OP2   . 5CM E 1 3 ? -4.061  8.826   4.371   1.00 27.89 ? 27  5CM E OP2   1 
ATOM   546  P P     . DG  E 1 4 ? 0.608   11.066  1.118   1.00 33.17 ? 28  DG  E P     1 
ATOM   547  O OP1   . DG  E 1 4 ? 1.835   11.793  1.524   1.00 35.05 ? 28  DG  E OP1   1 
ATOM   548  O OP2   . DG  E 1 4 ? -0.697  11.438  1.710   1.00 34.34 ? 28  DG  E OP2   1 
ATOM   549  O "O5'" . DG  E 1 4 ? 0.455   11.149  -0.465  1.00 32.86 ? 28  DG  E "O5'" 1 
ATOM   550  C "C5'" . DG  E 1 4 ? 1.592   11.017  -1.307  1.00 31.67 ? 28  DG  E "C5'" 1 
ATOM   551  C "C4'" . DG  E 1 4 ? 1.165   10.857  -2.749  1.00 29.80 ? 28  DG  E "C4'" 1 
ATOM   552  O "O4'" . DG  E 1 4 ? 0.255   9.748   -2.903  1.00 28.57 ? 28  DG  E "O4'" 1 
ATOM   553  C "C3'" . DG  E 1 4 ? 0.401   12.025  -3.359  1.00 29.11 ? 28  DG  E "C3'" 1 
ATOM   554  O "O3'" . DG  E 1 4 ? 1.294   13.087  -3.702  1.00 30.70 ? 28  DG  E "O3'" 1 
ATOM   555  C "C2'" . DG  E 1 4 ? -0.157  11.364  -4.602  1.00 27.08 ? 28  DG  E "C2'" 1 
ATOM   556  C "C1'" . DG  E 1 4 ? -0.543  9.981   -4.066  1.00 26.77 ? 28  DG  E "C1'" 1 
ATOM   557  N N9    . DG  E 1 4 ? -1.946  9.940   -3.673  1.00 25.38 ? 28  DG  E N9    1 
ATOM   558  C C8    . DG  E 1 4 ? -2.476  10.015  -2.407  1.00 24.99 ? 28  DG  E C8    1 
ATOM   559  N N7    . DG  E 1 4 ? -3.781  9.979   -2.397  1.00 23.79 ? 28  DG  E N7    1 
ATOM   560  C C5    . DG  E 1 4 ? -4.130  9.868   -3.737  1.00 23.87 ? 28  DG  E C5    1 
ATOM   561  C C6    . DG  E 1 4 ? -5.406  9.906   -4.360  1.00 23.56 ? 28  DG  E C6    1 
ATOM   562  O O6    . DG  E 1 4 ? -6.525  9.933   -3.830  1.00 21.75 ? 28  DG  E O6    1 
ATOM   563  N N1    . DG  E 1 4 ? -5.296  9.905   -5.747  1.00 23.10 ? 28  DG  E N1    1 
ATOM   564  C C2    . DG  E 1 4 ? -4.115  9.872   -6.446  1.00 24.29 ? 28  DG  E C2    1 
ATOM   565  N N2    . DG  E 1 4 ? -4.214  9.878   -7.784  1.00 24.46 ? 28  DG  E N2    1 
ATOM   566  N N3    . DG  E 1 4 ? -2.923  9.834   -5.878  1.00 24.25 ? 28  DG  E N3    1 
ATOM   567  C C4    . DG  E 1 4 ? -3.006  9.836   -4.533  1.00 24.48 ? 28  DG  E C4    1 
ATOM   568  P P     . DC  E 1 5 ? 0.765   14.601  -3.713  1.00 31.56 ? 29  DC  E P     1 
ATOM   569  O OP1   . DC  E 1 5 ? 1.924   15.470  -4.051  1.00 33.09 ? 29  DC  E OP1   1 
ATOM   570  O OP2   . DC  E 1 5 ? -0.008  14.856  -2.474  1.00 32.15 ? 29  DC  E OP2   1 
ATOM   571  O "O5'" . DC  E 1 5 ? -0.254  14.648  -4.939  1.00 29.67 ? 29  DC  E "O5'" 1 
ATOM   572  C "C5'" . DC  E 1 5 ? 0.212   14.473  -6.274  1.00 28.21 ? 29  DC  E "C5'" 1 
ATOM   573  C "C4'" . DC  E 1 5 ? -0.949  14.413  -7.240  1.00 26.74 ? 29  DC  E "C4'" 1 
ATOM   574  O "O4'" . DC  E 1 5 ? -1.803  13.277  -6.975  1.00 26.06 ? 29  DC  E "O4'" 1 
ATOM   575  C "C3'" . DC  E 1 5 ? -1.915  15.588  -7.197  1.00 26.64 ? 29  DC  E "C3'" 1 
ATOM   576  O "O3'" . DC  E 1 5 ? -1.360  16.732  -7.850  1.00 26.92 ? 29  DC  E "O3'" 1 
ATOM   577  C "C2'" . DC  E 1 5 ? -3.076  15.012  -7.986  1.00 25.34 ? 29  DC  E "C2'" 1 
ATOM   578  C "C1'" . DC  E 1 5 ? -3.113  13.574  -7.461  1.00 25.56 ? 29  DC  E "C1'" 1 
ATOM   579  N N1    . DC  E 1 5 ? -4.062  13.420  -6.347  1.00 25.05 ? 29  DC  E N1    1 
ATOM   580  C C2    . DC  E 1 5 ? -5.407  13.236  -6.654  1.00 25.47 ? 29  DC  E C2    1 
ATOM   581  O O2    . DC  E 1 5 ? -5.744  13.198  -7.847  1.00 25.01 ? 29  DC  E O2    1 
ATOM   582  N N3    . DC  E 1 5 ? -6.307  13.108  -5.652  1.00 25.25 ? 29  DC  E N3    1 
ATOM   583  C C4    . DC  E 1 5 ? -5.901  13.161  -4.381  1.00 25.64 ? 29  DC  E C4    1 
ATOM   584  N N4    . DC  E 1 5 ? -6.829  13.034  -3.425  1.00 25.07 ? 29  DC  E N4    1 
ATOM   585  C C5    . DC  E 1 5 ? -4.527  13.349  -4.036  1.00 25.13 ? 29  DC  E C5    1 
ATOM   586  C C6    . DC  E 1 5 ? -3.650  13.469  -5.046  1.00 24.76 ? 29  DC  E C6    1 
ATOM   587  P P     . DC  E 1 6 ? -1.945  18.193  -7.526  1.00 27.47 ? 30  DC  E P     1 
ATOM   588  O OP1   . DC  E 1 6 ? -1.058  19.186  -8.187  1.00 28.60 ? 30  DC  E OP1   1 
ATOM   589  O OP2   . DC  E 1 6 ? -2.192  18.296  -6.074  1.00 27.66 ? 30  DC  E OP2   1 
ATOM   590  O "O5'" . DC  E 1 6 ? -3.358  18.197  -8.260  1.00 25.99 ? 30  DC  E "O5'" 1 
ATOM   591  C "C5'" . DC  E 1 6 ? -3.444  18.178  -9.682  1.00 25.49 ? 30  DC  E "C5'" 1 
ATOM   592  C "C4'" . DC  E 1 6 ? -4.887  18.268  -10.122 1.00 24.46 ? 30  DC  E "C4'" 1 
ATOM   593  O "O4'" . DC  E 1 6 ? -5.605  17.096  -9.675  1.00 25.31 ? 30  DC  E "O4'" 1 
ATOM   594  C "C3'" . DC  E 1 6 ? -5.680  19.429  -9.533  1.00 24.72 ? 30  DC  E "C3'" 1 
ATOM   595  O "O3'" . DC  E 1 6 ? -5.501  20.640  -10.267 1.00 24.80 ? 30  DC  E "O3'" 1 
ATOM   596  C "C2'" . DC  E 1 6 ? -7.106  18.939  -9.689  1.00 24.18 ? 30  DC  E "C2'" 1 
ATOM   597  C "C1'" . DC  E 1 6 ? -6.975  17.433  -9.472  1.00 23.97 ? 30  DC  E "C1'" 1 
ATOM   598  N N1    . DC  E 1 6 ? -7.347  17.019  -8.110  1.00 22.80 ? 30  DC  E N1    1 
ATOM   599  C C2    . DC  E 1 6 ? -8.686  16.742  -7.843  1.00 22.94 ? 30  DC  E C2    1 
ATOM   600  O O2    . DC  E 1 6 ? -9.506  16.855  -8.761  1.00 23.69 ? 30  DC  E O2    1 
ATOM   601  N N3    . DC  E 1 6 ? -9.053  16.365  -6.596  1.00 22.77 ? 30  DC  E N3    1 
ATOM   602  C C4    . DC  E 1 6 ? -8.129  16.268  -5.632  1.00 23.54 ? 30  DC  E C4    1 
ATOM   603  N N4    . DC  E 1 6 ? -8.531  15.902  -4.412  1.00 22.93 ? 30  DC  E N4    1 
ATOM   604  C C5    . DC  E 1 6 ? -6.753  16.545  -5.878  1.00 22.34 ? 30  DC  E C5    1 
ATOM   605  C C6    . DC  E 1 6 ? -6.408  16.913  -7.122  1.00 22.75 ? 30  DC  E C6    1 
ATOM   606  O "O5'" . DG  F 1 1 ? -17.927 13.367  -2.964  1.00 36.44 ? 31  DG  F "O5'" 1 
ATOM   607  C "C5'" . DG  F 1 1 ? -19.037 13.424  -3.861  1.00 33.00 ? 31  DG  F "C5'" 1 
ATOM   608  C "C4'" . DG  F 1 1 ? -18.631 13.899  -5.238  1.00 31.52 ? 31  DG  F "C4'" 1 
ATOM   609  O "O4'" . DG  F 1 1 ? -17.994 15.193  -5.141  1.00 29.80 ? 31  DG  F "O4'" 1 
ATOM   610  C "C3'" . DG  F 1 1 ? -17.602 13.020  -5.939  1.00 31.60 ? 31  DG  F "C3'" 1 
ATOM   611  O "O3'" . DG  F 1 1 ? -18.247 11.953  -6.634  1.00 33.71 ? 31  DG  F "O3'" 1 
ATOM   612  C "C2'" . DG  F 1 1 ? -16.978 14.002  -6.913  1.00 29.85 ? 31  DG  F "C2'" 1 
ATOM   613  C "C1'" . DG  F 1 1 ? -16.909 15.269  -6.067  1.00 28.47 ? 31  DG  F "C1'" 1 
ATOM   614  N N9    . DG  F 1 1 ? -15.675 15.354  -5.295  1.00 26.10 ? 31  DG  F N9    1 
ATOM   615  C C8    . DG  F 1 1 ? -15.541 15.217  -3.936  1.00 26.37 ? 31  DG  F C8    1 
ATOM   616  N N7    . DG  F 1 1 ? -14.305 15.314  -3.531  1.00 25.79 ? 31  DG  F N7    1 
ATOM   617  C C5    . DG  F 1 1 ? -13.577 15.535  -4.691  1.00 25.39 ? 31  DG  F C5    1 
ATOM   618  C C6    . DG  F 1 1 ? -12.181 15.669  -4.885  1.00 25.31 ? 31  DG  F C6    1 
ATOM   619  O O6    . DG  F 1 1 ? -11.281 15.657  -4.036  1.00 25.11 ? 31  DG  F O6    1 
ATOM   620  N N1    . DG  F 1 1 ? -11.865 15.830  -6.231  1.00 24.35 ? 31  DG  F N1    1 
ATOM   621  C C2    . DG  F 1 1 ? -12.777 15.855  -7.258  1.00 24.28 ? 31  DG  F C2    1 
ATOM   622  N N2    . DG  F 1 1 ? -12.277 16.028  -8.493  1.00 23.45 ? 31  DG  F N2    1 
ATOM   623  N N3    . DG  F 1 1 ? -14.080 15.723  -7.090  1.00 24.20 ? 31  DG  F N3    1 
ATOM   624  C C4    . DG  F 1 1 ? -14.408 15.569  -5.790  1.00 25.48 ? 31  DG  F C4    1 
ATOM   625  P P     . DG  F 1 2 ? -17.560 10.500  -6.671  1.00 35.95 ? 32  DG  F P     1 
ATOM   626  O OP1   . DG  F 1 2 ? -18.542 9.561   -7.268  1.00 37.36 ? 32  DG  F OP1   1 
ATOM   627  O OP2   . DG  F 1 2 ? -16.999 10.216  -5.325  1.00 35.47 ? 32  DG  F OP2   1 
ATOM   628  O "O5'" . DG  F 1 2 ? -16.346 10.671  -7.687  1.00 33.50 ? 32  DG  F "O5'" 1 
ATOM   629  C "C5'" . DG  F 1 2 ? -16.585 10.973  -9.058  1.00 30.71 ? 32  DG  F "C5'" 1 
ATOM   630  C "C4'" . DG  F 1 2 ? -15.307 11.420  -9.729  1.00 29.85 ? 32  DG  F "C4'" 1 
ATOM   631  O "O4'" . DG  F 1 2 ? -14.735 12.559  -9.045  1.00 29.37 ? 32  DG  F "O4'" 1 
ATOM   632  C "C3'" . DG  F 1 2 ? -14.176 10.401  -9.740  1.00 28.30 ? 32  DG  F "C3'" 1 
ATOM   633  O "O3'" . DG  F 1 2 ? -14.383 9.455   -10.788 1.00 29.44 ? 32  DG  F "O3'" 1 
ATOM   634  C "C2'" . DG  F 1 2 ? -12.990 11.298  -10.044 1.00 27.99 ? 32  DG  F "C2'" 1 
ATOM   635  C "C1'" . DG  F 1 2 ? -13.316 12.537  -9.212  1.00 27.10 ? 32  DG  F "C1'" 1 
ATOM   636  N N9    . DG  F 1 2 ? -12.711 12.488  -7.886  1.00 25.39 ? 32  DG  F N9    1 
ATOM   637  C C8    . DG  F 1 2 ? -13.327 12.188  -6.697  1.00 25.27 ? 32  DG  F C8    1 
ATOM   638  N N7    . DG  F 1 2 ? -12.508 12.199  -5.681  1.00 25.01 ? 32  DG  F N7    1 
ATOM   639  C C5    . DG  F 1 2 ? -11.279 12.531  -6.233  1.00 24.54 ? 32  DG  F C5    1 
ATOM   640  C C6    . DG  F 1 2 ? -9.996  12.651  -5.629  1.00 24.35 ? 32  DG  F C6    1 
ATOM   641  O O6    . DG  F 1 2 ? -9.681  12.507  -4.442  1.00 24.12 ? 32  DG  F O6    1 
ATOM   642  N N1    . DG  F 1 2 ? -9.022  12.972  -6.566  1.00 23.74 ? 32  DG  F N1    1 
ATOM   643  C C2    . DG  F 1 2 ? -9.243  13.143  -7.909  1.00 24.13 ? 32  DG  F C2    1 
ATOM   644  N N2    . DG  F 1 2 ? -8.175  13.444  -8.652  1.00 24.08 ? 32  DG  F N2    1 
ATOM   645  N N3    . DG  F 1 2 ? -10.426 13.026  -8.482  1.00 24.51 ? 32  DG  F N3    1 
ATOM   646  C C4    . DG  F 1 2 ? -11.391 12.722  -7.591  1.00 24.95 ? 32  DG  F C4    1 
HETATM 647  N N1    . 5CM F 1 3 ? -8.773  9.700   -9.393  1.00 23.21 ? 33  5CM F N1    1 
HETATM 648  C C2    . 5CM F 1 3 ? -7.641  9.867   -8.602  1.00 23.48 ? 33  5CM F C2    1 
HETATM 649  N N3    . 5CM F 1 3 ? -7.743  9.751   -7.255  1.00 22.49 ? 33  5CM F N3    1 
HETATM 650  C C4    . 5CM F 1 3 ? -8.921  9.466   -6.701  1.00 23.08 ? 33  5CM F C4    1 
HETATM 651  C C5    . 5CM F 1 3 ? -10.092 9.265   -7.488  1.00 22.77 ? 33  5CM F C5    1 
HETATM 652  C C5A   . 5CM F 1 3 ? -11.379 8.911   -6.810  1.00 23.79 ? 33  5CM F C5A   1 
HETATM 653  C C6    . 5CM F 1 3 ? -9.975  9.399   -8.819  1.00 23.36 ? 33  5CM F C6    1 
HETATM 654  O O2    . 5CM F 1 3 ? -6.567  10.112  -9.162  1.00 23.33 ? 33  5CM F O2    1 
HETATM 655  N N4    . 5CM F 1 3 ? -8.981  9.380   -5.368  1.00 24.26 ? 33  5CM F N4    1 
HETATM 656  C "C1'" . 5CM F 1 3 ? -8.624  9.851   -10.848 1.00 24.74 ? 33  5CM F "C1'" 1 
HETATM 657  C "C2'" . 5CM F 1 3 ? -8.054  8.591   -11.497 1.00 25.30 ? 33  5CM F "C2'" 1 
HETATM 658  C "C3'" . 5CM F 1 3 ? -9.325  7.836   -11.830 1.00 27.02 ? 33  5CM F "C3'" 1 
HETATM 659  C "C4'" . 5CM F 1 3 ? -10.214 8.971   -12.321 1.00 25.98 ? 33  5CM F "C4'" 1 
HETATM 660  O "O4'" . 5CM F 1 3 ? -9.920  10.051  -11.407 1.00 25.03 ? 33  5CM F "O4'" 1 
HETATM 661  O "O3'" . 5CM F 1 3 ? -9.102  6.875   -12.861 1.00 27.93 ? 33  5CM F "O3'" 1 
HETATM 662  C "C5'" . 5CM F 1 3 ? -11.696 8.675   -12.324 1.00 26.79 ? 33  5CM F "C5'" 1 
HETATM 663  O "O5'" . 5CM F 1 3 ? -12.134 8.336   -11.015 1.00 27.74 ? 33  5CM F "O5'" 1 
HETATM 664  P P     . 5CM F 1 3 ? -13.665 8.020   -10.726 1.00 29.73 ? 33  5CM F P     1 
HETATM 665  O OP1   . 5CM F 1 3 ? -14.198 7.214   -11.854 1.00 31.05 ? 33  5CM F OP1   1 
HETATM 666  O OP2   . 5CM F 1 3 ? -13.777 7.509   -9.340  1.00 30.09 ? 33  5CM F OP2   1 
ATOM   667  P P     . DG  F 1 4 ? -8.833  5.341   -12.465 1.00 30.61 ? 34  DG  F P     1 
ATOM   668  O OP1   . DG  F 1 4 ? -8.893  4.539   -13.712 1.00 31.88 ? 34  DG  F OP1   1 
ATOM   669  O OP2   . DG  F 1 4 ? -9.682  4.972   -11.306 1.00 29.46 ? 34  DG  F OP2   1 
ATOM   670  O "O5'" . DG  F 1 4 ? -7.330  5.347   -11.937 1.00 29.07 ? 34  DG  F "O5'" 1 
ATOM   671  C "C5'" . DG  F 1 4 ? -6.255  5.681   -12.807 1.00 29.01 ? 34  DG  F "C5'" 1 
ATOM   672  C "C4'" . DG  F 1 4 ? -4.957  5.752   -12.040 1.00 26.79 ? 34  DG  F "C4'" 1 
ATOM   673  O "O4'" . DG  F 1 4 ? -4.991  6.833   -11.082 1.00 26.45 ? 34  DG  F "O4'" 1 
ATOM   674  C "C3'" . DG  F 1 4 ? -4.628  4.531   -11.192 1.00 26.85 ? 34  DG  F "C3'" 1 
ATOM   675  O "O3'" . DG  F 1 4 ? -4.043  3.503   -11.990 1.00 28.77 ? 34  DG  F "O3'" 1 
ATOM   676  C "C2'" . DG  F 1 4 ? -3.590  5.105   -10.251 1.00 25.27 ? 34  DG  F "C2'" 1 
ATOM   677  C "C1'" . DG  F 1 4 ? -4.177  6.483   -9.961  1.00 24.64 ? 34  DG  F "C1'" 1 
ATOM   678  N N9    . DG  F 1 4 ? -5.024  6.481   -8.771  1.00 23.44 ? 34  DG  F N9    1 
ATOM   679  C C8    . DG  F 1 4 ? -6.394  6.398   -8.709  1.00 22.58 ? 34  DG  F C8    1 
ATOM   680  N N7    . DG  F 1 4 ? -6.852  6.424   -7.486  1.00 22.76 ? 34  DG  F N7    1 
ATOM   681  C C5    . DG  F 1 4 ? -5.713  6.534   -6.697  1.00 22.41 ? 34  DG  F C5    1 
ATOM   682  C C6    . DG  F 1 4 ? -5.567  6.513   -5.289  1.00 22.09 ? 34  DG  F C6    1 
ATOM   683  O O6    . DG  F 1 4 ? -6.448  6.500   -4.426  1.00 22.00 ? 34  DG  F O6    1 
ATOM   684  N N1    . DG  F 1 4 ? -4.228  6.513   -4.913  1.00 21.70 ? 34  DG  F N1    1 
ATOM   685  C C2    . DG  F 1 4 ? -3.162  6.539   -5.778  1.00 22.11 ? 34  DG  F C2    1 
ATOM   686  N N2    . DG  F 1 4 ? -1.934  6.533   -5.227  1.00 21.01 ? 34  DG  F N2    1 
ATOM   687  N N3    . DG  F 1 4 ? -3.286  6.567   -7.091  1.00 22.29 ? 34  DG  F N3    1 
ATOM   688  C C4    . DG  F 1 4 ? -4.579  6.562   -7.478  1.00 22.51 ? 34  DG  F C4    1 
ATOM   689  P P     . DC  F 1 5 ? -4.230  1.970   -11.568 1.00 30.28 ? 35  DC  F P     1 
ATOM   690  O OP1   . DC  F 1 5 ? -3.619  1.133   -12.634 1.00 31.66 ? 35  DC  F OP1   1 
ATOM   691  O OP2   . DC  F 1 5 ? -5.633  1.746   -11.164 1.00 29.79 ? 35  DC  F OP2   1 
ATOM   692  O "O5'" . DC  F 1 5 ? -3.328  1.803   -10.265 1.00 28.06 ? 35  DC  F "O5'" 1 
ATOM   693  C "C5'" . DC  F 1 5 ? -1.932  2.055   -10.309 1.00 27.22 ? 35  DC  F "C5'" 1 
ATOM   694  C "C4'" . DC  F 1 5 ? -1.339  1.918   -8.926  1.00 26.89 ? 35  DC  F "C4'" 1 
ATOM   695  O "O4'" . DC  F 1 5 ? -1.787  3.001   -8.081  1.00 24.81 ? 35  DC  F "O4'" 1 
ATOM   696  C "C3'" . DC  F 1 5 ? -1.776  0.665   -8.178  1.00 26.87 ? 35  DC  F "C3'" 1 
ATOM   697  O "O3'" . DC  F 1 5 ? -1.001  -0.456  -8.609  1.00 29.55 ? 35  DC  F "O3'" 1 
ATOM   698  C "C2'" . DC  F 1 5 ? -1.464  1.058   -6.746  1.00 26.31 ? 35  DC  F "C2'" 1 
ATOM   699  C "C1'" . DC  F 1 5 ? -1.855  2.537   -6.732  1.00 24.91 ? 35  DC  F "C1'" 1 
ATOM   700  N N1    . DC  F 1 5 ? -3.221  2.760   -6.239  1.00 23.90 ? 35  DC  F N1    1 
ATOM   701  C C2    . DC  F 1 5 ? -3.409  2.901   -4.864  1.00 23.32 ? 35  DC  F C2    1 
ATOM   702  O O2    . DC  F 1 5 ? -2.415  2.837   -4.121  1.00 23.31 ? 35  DC  F O2    1 
ATOM   703  N N3    . DC  F 1 5 ? -4.655  3.100   -4.379  1.00 21.77 ? 35  DC  F N3    1 
ATOM   704  C C4    . DC  F 1 5 ? -5.695  3.152   -5.213  1.00 22.61 ? 35  DC  F C4    1 
ATOM   705  N N4    . DC  F 1 5 ? -6.910  3.334   -4.680  1.00 21.46 ? 35  DC  F N4    1 
ATOM   706  C C5    . DC  F 1 5 ? -5.535  3.014   -6.627  1.00 22.70 ? 35  DC  F C5    1 
ATOM   707  C C6    . DC  F 1 5 ? -4.289  2.823   -7.093  1.00 23.42 ? 35  DC  F C6    1 
ATOM   708  P P     . DC  F 1 6 ? -1.569  -1.945  -8.400  1.00 31.35 ? 36  DC  F P     1 
ATOM   709  O OP1   . DC  F 1 6 ? -0.640  -2.893  -9.066  1.00 32.34 ? 36  DC  F OP1   1 
ATOM   710  O OP2   . DC  F 1 6 ? -3.011  -1.967  -8.738  1.00 29.94 ? 36  DC  F OP2   1 
ATOM   711  O "O5'" . DC  F 1 6 ? -1.396  -2.172  -6.838  1.00 31.57 ? 36  DC  F "O5'" 1 
ATOM   712  C "C5'" . DC  F 1 6 ? -2.407  -2.791  -6.062  1.00 32.33 ? 36  DC  F "C5'" 1 
ATOM   713  C "C4'" . DC  F 1 6 ? -2.058  -2.650  -4.600  1.00 33.29 ? 36  DC  F "C4'" 1 
ATOM   714  O "O4'" . DC  F 1 6 ? -2.304  -1.289  -4.187  1.00 31.86 ? 36  DC  F "O4'" 1 
ATOM   715  C "C3'" . DC  F 1 6 ? -2.879  -3.513  -3.651  1.00 33.44 ? 36  DC  F "C3'" 1 
ATOM   716  O "O3'" . DC  F 1 6 ? -2.203  -4.770  -3.564  1.00 35.89 ? 36  DC  F "O3'" 1 
ATOM   717  C "C2'" . DC  F 1 6 ? -2.815  -2.703  -2.369  1.00 32.23 ? 36  DC  F "C2'" 1 
ATOM   718  C "C1'" . DC  F 1 6 ? -2.888  -1.273  -2.892  1.00 30.94 ? 36  DC  F "C1'" 1 
ATOM   719  N N1    . DC  F 1 6 ? -4.263  -0.782  -3.034  1.00 28.70 ? 36  DC  F N1    1 
ATOM   720  C C2    . DC  F 1 6 ? -4.941  -0.364  -1.892  1.00 28.06 ? 36  DC  F C2    1 
ATOM   721  O O2    . DC  F 1 6 ? -4.348  -0.399  -0.801  1.00 27.10 ? 36  DC  F O2    1 
ATOM   722  N N3    . DC  F 1 6 ? -6.218  0.065   -2.001  1.00 27.52 ? 36  DC  F N3    1 
ATOM   723  C C4    . DC  F 1 6 ? -6.817  0.081   -3.194  1.00 27.29 ? 36  DC  F C4    1 
ATOM   724  N N4    . DC  F 1 6 ? -8.085  0.483   -3.246  1.00 27.79 ? 36  DC  F N4    1 
ATOM   725  C C5    . DC  F 1 6 ? -6.142  -0.325  -4.380  1.00 28.02 ? 36  DC  F C5    1 
ATOM   726  C C6    . DC  F 1 6 ? -4.876  -0.744  -4.256  1.00 28.57 ? 36  DC  F C6    1 
ATOM   727  O "O5'" . DG  G 1 1 ? -0.947  10.367  -11.874 1.00 35.93 ? 37  DG  G "O5'" 1 
ATOM   728  C "C5'" . DG  G 1 1 ? -1.386  11.311  -10.892 1.00 33.29 ? 37  DG  G "C5'" 1 
ATOM   729  C "C4'" . DG  G 1 1 ? -1.079  10.834  -9.491  1.00 33.33 ? 37  DG  G "C4'" 1 
ATOM   730  O "O4'" . DG  G 1 1 ? -1.673  9.536   -9.275  1.00 31.46 ? 37  DG  G "O4'" 1 
ATOM   731  C "C3'" . DG  G 1 1 ? 0.399   10.624  -9.191  1.00 34.18 ? 37  DG  G "C3'" 1 
ATOM   732  O "O3'" . DG  G 1 1 ? 0.996   11.855  -8.778  1.00 37.35 ? 37  DG  G "O3'" 1 
ATOM   733  C "C2'" . DG  G 1 1 ? 0.346   9.642   -8.037  1.00 32.45 ? 37  DG  G "C2'" 1 
ATOM   734  C "C1'" . DG  G 1 1 ? -0.830  8.754   -8.430  1.00 31.38 ? 37  DG  G "C1'" 1 
ATOM   735  N N9    . DG  G 1 1 ? -0.413  7.578   -9.186  1.00 29.61 ? 37  DG  G N9    1 
ATOM   736  C C8    . DG  G 1 1 ? -0.491  7.402   -10.546 1.00 29.75 ? 37  DG  G C8    1 
ATOM   737  N N7    . DG  G 1 1 ? -0.016  6.252   -10.940 1.00 29.77 ? 37  DG  G N7    1 
ATOM   738  C C5    . DG  G 1 1 ? 0.396   5.632   -9.770  1.00 28.80 ? 37  DG  G C5    1 
ATOM   739  C C6    . DG  G 1 1 ? 1.018   4.375   -9.570  1.00 29.43 ? 37  DG  G C6    1 
ATOM   740  O O6    . DG  G 1 1 ? 1.327   3.528   -10.418 1.00 29.54 ? 37  DG  G O6    1 
ATOM   741  N N1    . DG  G 1 1 ? 1.283   4.141   -8.223  1.00 29.03 ? 37  DG  G N1    1 
ATOM   742  C C2    . DG  G 1 1 ? 0.990   5.011   -7.200  1.00 29.75 ? 37  DG  G C2    1 
ATOM   743  N N2    . DG  G 1 1 ? 1.318   4.606   -5.961  1.00 29.41 ? 37  DG  G N2    1 
ATOM   744  N N3    . DG  G 1 1 ? 0.415   6.192   -7.376  1.00 28.57 ? 37  DG  G N3    1 
ATOM   745  C C4    . DG  G 1 1 ? 0.150   6.435   -8.676  1.00 29.24 ? 37  DG  G C4    1 
ATOM   746  P P     . DG  G 1 2 ? 2.591   11.965  -8.676  1.00 39.61 ? 38  DG  G P     1 
ATOM   747  O OP1   . DG  G 1 2 ? 2.953   13.400  -8.583  1.00 40.28 ? 38  DG  G OP1   1 
ATOM   748  O OP2   . DG  G 1 2 ? 3.143   11.137  -9.777  1.00 39.26 ? 38  DG  G OP2   1 
ATOM   749  O "O5'" . DG  G 1 2 ? 2.922   11.277  -7.280  1.00 39.03 ? 38  DG  G "O5'" 1 
ATOM   750  C "C5'" . DG  G 1 2 ? 4.212   10.748  -7.012  1.00 41.00 ? 38  DG  G "C5'" 1 
ATOM   751  C "C4'" . DG  G 1 2 ? 4.107   9.604   -6.032  1.00 42.06 ? 38  DG  G "C4'" 1 
ATOM   752  O "O4'" . DG  G 1 2 ? 3.215   8.601   -6.567  1.00 42.02 ? 38  DG  G "O4'" 1 
ATOM   753  C "C3'" . DG  G 1 2 ? 5.419   8.870   -5.795  1.00 42.63 ? 38  DG  G "C3'" 1 
ATOM   754  O "O3'" . DG  G 1 2 ? 6.131   9.476   -4.718  1.00 45.83 ? 38  DG  G "O3'" 1 
ATOM   755  C "C2'" . DG  G 1 2 ? 4.955   7.481   -5.408  1.00 42.30 ? 38  DG  G "C2'" 1 
ATOM   756  C "C1'" . DG  G 1 2 ? 3.715   7.301   -6.275  1.00 41.33 ? 38  DG  G "C1'" 1 
ATOM   757  N N9    . DG  G 1 2 ? 3.971   6.624   -7.541  1.00 40.46 ? 38  DG  G N9    1 
ATOM   758  C C8    . DG  G 1 2 ? 3.727   7.106   -8.802  1.00 40.08 ? 38  DG  G C8    1 
ATOM   759  N N7    . DG  G 1 2 ? 4.035   6.254   -9.743  1.00 40.13 ? 38  DG  G N7    1 
ATOM   760  C C5    . DG  G 1 2 ? 4.518   5.147   -9.061  1.00 39.69 ? 38  DG  G C5    1 
ATOM   761  C C6    . DG  G 1 2 ? 4.922   3.878   -9.547  1.00 39.78 ? 38  DG  G C6    1 
ATOM   762  O O6    . DG  G 1 2 ? 5.001   3.491   -10.716 1.00 39.67 ? 38  DG  G O6    1 
ATOM   763  N N1    . DG  G 1 2 ? 5.253   3.016   -8.509  1.00 40.11 ? 38  DG  G N1    1 
ATOM   764  C C2    . DG  G 1 2 ? 5.202   3.333   -7.173  1.00 40.65 ? 38  DG  G C2    1 
ATOM   765  N N2    . DG  G 1 2 ? 5.569   2.362   -6.320  1.00 40.53 ? 38  DG  G N2    1 
ATOM   766  N N3    . DG  G 1 2 ? 4.822   4.513   -6.707  1.00 40.24 ? 38  DG  G N3    1 
ATOM   767  C C4    . DG  G 1 2 ? 4.495   5.363   -7.700  1.00 39.86 ? 38  DG  G C4    1 
HETATM 768  N N1    . 5CM G 1 3 ? 8.527   4.505   -6.372  1.00 48.25 ? 39  5CM G N1    1 
HETATM 769  C C2    . 5CM G 1 3 ? 8.759   3.406   -7.195  1.00 47.45 ? 39  5CM G C2    1 
HETATM 770  N N3    . 5CM G 1 3 ? 8.675   3.554   -8.536  1.00 47.00 ? 39  5CM G N3    1 
HETATM 771  C C4    . 5CM G 1 3 ? 8.381   4.745   -9.058  1.00 46.59 ? 39  5CM G C4    1 
HETATM 772  C C5    . 5CM G 1 3 ? 8.157   5.888   -8.242  1.00 46.80 ? 39  5CM G C5    1 
HETATM 773  C C5A   . 5CM G 1 3 ? 7.844   7.199   -8.891  1.00 46.88 ? 39  5CM G C5A   1 
HETATM 774  C C6    . 5CM G 1 3 ? 8.240   5.727   -6.915  1.00 47.57 ? 39  5CM G C6    1 
HETATM 775  O O2    . 5CM G 1 3 ? 9.041   2.320   -6.671  1.00 47.75 ? 39  5CM G O2    1 
HETATM 776  N N4    . 5CM G 1 3 ? 8.296   4.844   -10.387 1.00 46.30 ? 39  5CM G N4    1 
HETATM 777  C "C1'" . 5CM G 1 3 ? 8.587   4.318   -4.917  1.00 49.91 ? 39  5CM G "C1'" 1 
HETATM 778  C "C2'" . 5CM G 1 3 ? 9.964   4.552   -4.309  1.00 51.19 ? 39  5CM G "C2'" 1 
HETATM 779  C "C3'" . 5CM G 1 3 ? 9.856   5.917   -3.652  1.00 52.45 ? 39  5CM G "C3'" 1 
HETATM 780  C "C4'" . 5CM G 1 3 ? 8.372   6.019   -3.308  1.00 51.03 ? 39  5CM G "C4'" 1 
HETATM 781  O "O4'" . 5CM G 1 3 ? 7.694   5.251   -4.324  1.00 50.69 ? 39  5CM G "O4'" 1 
HETATM 782  O "O3'" . 5CM G 1 3 ? 10.628  5.941   -2.448  1.00 55.74 ? 39  5CM G "O3'" 1 
HETATM 783  C "C5'" . 5CM G 1 3 ? 7.829   7.429   -3.314  1.00 49.85 ? 39  5CM G "C5'" 1 
HETATM 784  O "O5'" . 5CM G 1 3 ? 8.227   8.104   -4.503  1.00 47.61 ? 39  5CM G "O5'" 1 
HETATM 785  P P     . 5CM G 1 3 ? 7.731   9.588   -4.797  1.00 48.11 ? 39  5CM G P     1 
HETATM 786  O OP1   . 5CM G 1 3 ? 8.159   10.467  -3.679  1.00 49.15 ? 39  5CM G OP1   1 
HETATM 787  O OP2   . 5CM G 1 3 ? 8.081   9.950   -6.192  1.00 46.27 ? 39  5CM G OP2   1 
ATOM   788  P P     . DG  G 1 4 ? 12.194  6.302   -2.512  1.00 57.71 ? 40  DG  G P     1 
ATOM   789  O OP1   . DG  G 1 4 ? 12.605  6.724   -1.149  1.00 58.39 ? 40  DG  G OP1   1 
ATOM   790  O OP2   . DG  G 1 4 ? 12.415  7.216   -3.663  1.00 57.63 ? 40  DG  G OP2   1 
ATOM   791  O "O5'" . DG  G 1 4 ? 12.895  4.911   -2.840  1.00 56.90 ? 40  DG  G "O5'" 1 
ATOM   792  C "C5'" . DG  G 1 4 ? 12.362  3.686   -2.341  1.00 56.13 ? 40  DG  G "C5'" 1 
ATOM   793  C "C4'" . DG  G 1 4 ? 13.041  2.519   -3.019  1.00 55.78 ? 40  DG  G "C4'" 1 
ATOM   794  O "O4'" . DG  G 1 4 ? 12.501  2.381   -4.355  1.00 54.80 ? 40  DG  G "O4'" 1 
ATOM   795  C "C3'" . DG  G 1 4 ? 14.548  2.712   -3.198  1.00 56.42 ? 40  DG  G "C3'" 1 
ATOM   796  O "O3'" . DG  G 1 4 ? 15.230  1.459   -3.086  1.00 57.84 ? 40  DG  G "O3'" 1 
ATOM   797  C "C2'" . DG  G 1 4 ? 14.664  3.241   -4.614  1.00 54.84 ? 40  DG  G "C2'" 1 
ATOM   798  C "C1'" . DG  G 1 4 ? 13.545  2.487   -5.311  1.00 53.49 ? 40  DG  G "C1'" 1 
ATOM   799  N N9    . DG  G 1 4 ? 13.016  3.173   -6.485  1.00 51.29 ? 40  DG  G N9    1 
ATOM   800  C C8    . DG  G 1 4 ? 12.784  4.520   -6.622  1.00 50.54 ? 40  DG  G C8    1 
ATOM   801  N N7    . DG  G 1 4 ? 12.319  4.840   -7.797  1.00 50.05 ? 40  DG  G N7    1 
ATOM   802  C C5    . DG  G 1 4 ? 12.236  3.633   -8.477  1.00 49.70 ? 40  DG  G C5    1 
ATOM   803  C C6    . DG  G 1 4 ? 11.930  3.369   -9.837  1.00 49.19 ? 40  DG  G C6    1 
ATOM   804  O O6    . DG  G 1 4 ? 11.544  4.159   -10.707 1.00 48.82 ? 40  DG  G O6    1 
ATOM   805  N N1    . DG  G 1 4 ? 12.118  2.027   -10.153 1.00 49.02 ? 40  DG  G N1    1 
ATOM   806  C C2    . DG  G 1 4 ? 12.549  1.062   -9.278  1.00 49.06 ? 40  DG  G C2    1 
ATOM   807  N N2    . DG  G 1 4 ? 12.674  -0.178  -9.775  1.00 48.74 ? 40  DG  G N2    1 
ATOM   808  N N3    . DG  G 1 4 ? 12.837  1.294   -8.008  1.00 49.63 ? 40  DG  G N3    1 
ATOM   809  C C4    . DG  G 1 4 ? 12.660  2.593   -7.678  1.00 50.11 ? 40  DG  G C4    1 
ATOM   810  P P     . DC  G 1 5 ? 16.833  1.436   -2.958  1.00 59.02 ? 41  DC  G P     1 
ATOM   811  O OP1   . DC  G 1 5 ? 17.185  0.694   -1.720  1.00 58.72 ? 41  DC  G OP1   1 
ATOM   812  O OP2   . DC  G 1 5 ? 17.310  2.834   -3.142  1.00 58.56 ? 41  DC  G OP2   1 
ATOM   813  O "O5'" . DC  G 1 5 ? 17.304  0.577   -4.213  1.00 56.09 ? 41  DC  G "O5'" 1 
ATOM   814  C "C5'" . DC  G 1 5 ? 16.671  -0.660  -4.528  1.00 53.79 ? 41  DC  G "C5'" 1 
ATOM   815  C "C4'" . DC  G 1 5 ? 16.853  -0.969  -5.996  1.00 52.30 ? 41  DC  G "C4'" 1 
ATOM   816  O "O4'" . DC  G 1 5 ? 16.046  -0.053  -6.763  1.00 50.37 ? 41  DC  G "O4'" 1 
ATOM   817  C "C3'" . DC  G 1 5 ? 18.283  -0.750  -6.486  1.00 52.06 ? 41  DC  G "C3'" 1 
ATOM   818  O "O3'" . DC  G 1 5 ? 18.969  -2.000  -6.608  1.00 52.47 ? 41  DC  G "O3'" 1 
ATOM   819  C "C2'" . DC  G 1 5 ? 18.129  -0.095  -7.851  1.00 50.09 ? 41  DC  G "C2'" 1 
ATOM   820  C "C1'" . DC  G 1 5 ? 16.628  0.070   -8.046  1.00 48.59 ? 41  DC  G "C1'" 1 
ATOM   821  N N1    . DC  G 1 5 ? 16.241  1.378   -8.594  1.00 45.80 ? 41  DC  G N1    1 
ATOM   822  C C2    . DC  G 1 5 ? 15.834  1.447   -9.926  1.00 44.63 ? 41  DC  G C2    1 
ATOM   823  O O2    . DC  G 1 5 ? 15.821  0.407   -10.600 1.00 43.99 ? 41  DC  G O2    1 
ATOM   824  N N3    . DC  G 1 5 ? 15.470  2.641   -10.444 1.00 43.76 ? 41  DC  G N3    1 
ATOM   825  C C4    . DC  G 1 5 ? 15.501  3.736   -9.681  1.00 43.51 ? 41  DC  G C4    1 
ATOM   826  N N4    . DC  G 1 5 ? 15.126  4.892   -10.232 1.00 43.20 ? 41  DC  G N4    1 
ATOM   827  C C5    . DC  G 1 5 ? 15.917  3.694   -8.319  1.00 44.11 ? 41  DC  G C5    1 
ATOM   828  C C6    . DC  G 1 5 ? 16.274  2.504   -7.820  1.00 44.88 ? 41  DC  G C6    1 
ATOM   829  P P     . DC  G 1 6 ? 20.529  -2.012  -6.995  1.00 52.71 ? 42  DC  G P     1 
ATOM   830  O OP1   . DC  G 1 6 ? 21.130  -3.264  -6.465  1.00 53.36 ? 42  DC  G OP1   1 
ATOM   831  O OP2   . DC  G 1 6 ? 21.091  -0.697  -6.584  1.00 52.89 ? 42  DC  G OP2   1 
ATOM   832  O "O5'" . DC  G 1 6 ? 20.525  -2.079  -8.588  1.00 50.91 ? 42  DC  G "O5'" 1 
ATOM   833  C "C5'" . DC  G 1 6 ? 19.657  -2.976  -9.282  1.00 48.16 ? 42  DC  G "C5'" 1 
ATOM   834  C "C4'" . DC  G 1 6 ? 19.834  -2.831  -10.776 1.00 46.27 ? 42  DC  G "C4'" 1 
ATOM   835  O "O4'" . DC  G 1 6 ? 19.093  -1.681  -11.248 1.00 44.29 ? 42  DC  G "O4'" 1 
ATOM   836  C "C3'" . DC  G 1 6 ? 21.279  -2.630  -11.234 1.00 45.74 ? 42  DC  G "C3'" 1 
ATOM   837  O "O3'" . DC  G 1 6 ? 21.533  -3.490  -12.346 1.00 47.58 ? 42  DC  G "O3'" 1 
ATOM   838  C "C2'" . DC  G 1 6 ? 21.336  -1.174  -11.663 1.00 43.95 ? 42  DC  G "C2'" 1 
ATOM   839  C "C1'" . DC  G 1 6 ? 19.909  -0.887  -12.093 1.00 41.25 ? 42  DC  G "C1'" 1 
ATOM   840  N N1    . DC  G 1 6 ? 19.512  0.511   -11.899 1.00 38.16 ? 42  DC  G N1    1 
ATOM   841  C C2    . DC  G 1 6 ? 19.054  1.245   -12.995 1.00 36.47 ? 42  DC  G C2    1 
ATOM   842  O O2    . DC  G 1 6 ? 18.998  0.695   -14.103 1.00 35.32 ? 42  DC  G O2    1 
ATOM   843  N N3    . DC  G 1 6 ? 18.686  2.532   -12.817 1.00 35.47 ? 42  DC  G N3    1 
ATOM   844  C C4    . DC  G 1 6 ? 18.769  3.087   -11.605 1.00 35.80 ? 42  DC  G C4    1 
ATOM   845  N N4    . DC  G 1 6 ? 18.401  4.361   -11.468 1.00 35.07 ? 42  DC  G N4    1 
ATOM   846  C C5    . DC  G 1 6 ? 19.233  2.360   -10.473 1.00 36.56 ? 42  DC  G C5    1 
ATOM   847  C C6    . DC  G 1 6 ? 19.590  1.088   -10.663 1.00 37.04 ? 42  DC  G C6    1 
ATOM   848  O "O5'" . DG  H 1 1 ? 16.158  9.634   -19.869 1.00 36.20 ? 43  DG  H "O5'" 1 
ATOM   849  C "C5'" . DG  H 1 1 ? 16.561  9.254   -21.189 1.00 34.04 ? 43  DG  H "C5'" 1 
ATOM   850  C "C4'" . DG  H 1 1 ? 16.977  7.803   -21.252 1.00 33.34 ? 43  DG  H "C4'" 1 
ATOM   851  O "O4'" . DG  H 1 1 ? 18.091  7.560   -20.364 1.00 31.66 ? 43  DG  H "O4'" 1 
ATOM   852  C "C3'" . DG  H 1 1 ? 15.912  6.819   -20.786 1.00 34.33 ? 43  DG  H "C3'" 1 
ATOM   853  O "O3'" . DG  H 1 1 ? 14.996  6.545   -21.848 1.00 37.32 ? 43  DG  H "O3'" 1 
ATOM   854  C "C2'" . DG  H 1 1 ? 16.752  5.606   -20.426 1.00 32.12 ? 43  DG  H "C2'" 1 
ATOM   855  C "C1'" . DG  H 1 1 ? 17.971  6.261   -19.782 1.00 30.21 ? 43  DG  H "C1'" 1 
ATOM   856  N N9    . DG  H 1 1 ? 17.833  6.435   -18.340 1.00 28.95 ? 43  DG  H N9    1 
ATOM   857  C C8    . DG  H 1 1 ? 17.485  7.589   -17.680 1.00 29.50 ? 43  DG  H C8    1 
ATOM   858  N N7    . DG  H 1 1 ? 17.417  7.440   -16.385 1.00 28.70 ? 43  DG  H N7    1 
ATOM   859  C C5    . DG  H 1 1 ? 17.746  6.107   -16.175 1.00 28.36 ? 43  DG  H C5    1 
ATOM   860  C C6    . DG  H 1 1 ? 17.802  5.354   -14.975 1.00 28.45 ? 43  DG  H C6    1 
ATOM   861  O O6    . DG  H 1 1 ? 17.571  5.734   -13.818 1.00 28.31 ? 43  DG  H O6    1 
ATOM   862  N N1    . DG  H 1 1 ? 18.159  4.030   -15.216 1.00 28.14 ? 43  DG  H N1    1 
ATOM   863  C C2    . DG  H 1 1 ? 18.409  3.495   -16.457 1.00 27.21 ? 43  DG  H C2    1 
ATOM   864  N N2    . DG  H 1 1 ? 18.728  2.194   -16.488 1.00 27.35 ? 43  DG  H N2    1 
ATOM   865  N N3    . DG  H 1 1 ? 18.349  4.183   -17.586 1.00 26.85 ? 43  DG  H N3    1 
ATOM   866  C C4    . DG  H 1 1 ? 18.015  5.474   -17.372 1.00 28.12 ? 43  DG  H C4    1 
ATOM   867  P P     . DG  H 1 2 ? 13.540  5.955   -21.507 1.00 39.18 ? 44  DG  H P     1 
ATOM   868  O OP1   . DG  H 1 2 ? 12.679  6.123   -22.706 1.00 39.72 ? 44  DG  H OP1   1 
ATOM   869  O OP2   . DG  H 1 2 ? 13.102  6.524   -20.205 1.00 38.28 ? 44  DG  H OP2   1 
ATOM   870  O "O5'" . DG  H 1 2 ? 13.814  4.401   -21.334 1.00 38.07 ? 44  DG  H "O5'" 1 
ATOM   871  C "C5'" . DG  H 1 2 ? 13.392  3.720   -20.170 1.00 40.36 ? 44  DG  H "C5'" 1 
ATOM   872  C "C4'" . DG  H 1 2 ? 14.095  2.389   -20.073 1.00 41.18 ? 44  DG  H "C4'" 1 
ATOM   873  O "O4'" . DG  H 1 2 ? 15.362  2.580   -19.405 1.00 39.39 ? 44  DG  H "O4'" 1 
ATOM   874  C "C3'" . DG  H 1 2 ? 13.317  1.379   -19.234 1.00 41.92 ? 44  DG  H "C3'" 1 
ATOM   875  O "O3'" . DG  H 1 2 ? 12.707  0.414   -20.093 1.00 46.66 ? 44  DG  H "O3'" 1 
ATOM   876  C "C2'" . DG  H 1 2 ? 14.375  0.744   -18.350 1.00 40.60 ? 44  DG  H "C2'" 1 
ATOM   877  C "C1'" . DG  H 1 2 ? 15.358  1.885   -18.169 1.00 39.35 ? 44  DG  H "C1'" 1 
ATOM   878  N N9    . DG  H 1 2 ? 15.009  2.840   -17.121 1.00 38.15 ? 44  DG  H N9    1 
ATOM   879  C C8    . DG  H 1 2 ? 14.641  4.153   -17.286 1.00 38.01 ? 44  DG  H C8    1 
ATOM   880  N N7    . DG  H 1 2 ? 14.423  4.771   -16.158 1.00 37.72 ? 44  DG  H N7    1 
ATOM   881  C C5    . DG  H 1 2 ? 14.654  3.807   -15.187 1.00 37.55 ? 44  DG  H C5    1 
ATOM   882  C C6    . DG  H 1 2 ? 14.687  3.919   -13.771 1.00 37.50 ? 44  DG  H C6    1 
ATOM   883  O O6    . DG  H 1 2 ? 14.432  4.905   -13.066 1.00 37.49 ? 44  DG  H O6    1 
ATOM   884  N N1    . DG  H 1 2 ? 15.072  2.724   -13.174 1.00 37.81 ? 44  DG  H N1    1 
ATOM   885  C C2    . DG  H 1 2 ? 15.392  1.573   -13.847 1.00 38.08 ? 44  DG  H C2    1 
ATOM   886  N N2    . DG  H 1 2 ? 15.738  0.519   -13.089 1.00 38.62 ? 44  DG  H N2    1 
ATOM   887  N N3    . DG  H 1 2 ? 15.377  1.458   -15.165 1.00 38.04 ? 44  DG  H N3    1 
ATOM   888  C C4    . DG  H 1 2 ? 15.004  2.606   -15.767 1.00 37.52 ? 44  DG  H C4    1 
HETATM 889  N N1    . 5CM H 1 3 ? 12.148  -0.192  -14.533 1.00 50.44 ? 45  5CM H N1    1 
HETATM 890  C C2    . 5CM H 1 3 ? 12.185  0.165   -13.182 1.00 50.06 ? 45  5CM H C2    1 
HETATM 891  N N3    . 5CM H 1 3 ? 11.842  1.423   -12.821 1.00 49.49 ? 45  5CM H N3    1 
HETATM 892  C C4    . 5CM H 1 3 ? 11.466  2.303   -13.751 1.00 49.19 ? 45  5CM H C4    1 
HETATM 893  C C5    . 5CM H 1 3 ? 11.410  1.960   -15.134 1.00 49.50 ? 45  5CM H C5    1 
HETATM 894  C C5A   . 5CM H 1 3 ? 10.979  2.993   -16.127 1.00 49.49 ? 45  5CM H C5A   1 
HETATM 895  C C6    . 5CM H 1 3 ? 11.754  0.713   -15.477 1.00 49.90 ? 45  5CM H C6    1 
HETATM 896  O O2    . 5CM H 1 3 ? 12.532  -0.685  -12.347 1.00 50.16 ? 45  5CM H O2    1 
HETATM 897  N N4    . 5CM H 1 3 ? 11.141  3.533   -13.350 1.00 48.71 ? 45  5CM H N4    1 
HETATM 898  C "C1'" . 5CM H 1 3 ? 12.545  -1.554  -14.915 1.00 51.97 ? 45  5CM H "C1'" 1 
HETATM 899  C "C2'" . 5CM H 1 3 ? 11.407  -2.568  -14.896 1.00 53.16 ? 45  5CM H "C2'" 1 
HETATM 900  C "C3'" . 5CM H 1 3 ? 11.103  -2.828  -16.361 1.00 53.89 ? 45  5CM H "C3'" 1 
HETATM 901  C "C4'" . 5CM H 1 3 ? 12.429  -2.518  -17.053 1.00 52.61 ? 45  5CM H "C4'" 1 
HETATM 902  O "O4'" . 5CM H 1 3 ? 13.048  -1.499  -16.243 1.00 52.79 ? 45  5CM H "O4'" 1 
HETATM 903  O "O3'" . 5CM H 1 3 ? 10.772  -4.209  -16.537 1.00 56.96 ? 45  5CM H "O3'" 1 
HETATM 904  C "C5'" . 5CM H 1 3 ? 12.305  -1.998  -18.466 1.00 50.91 ? 45  5CM H "C5'" 1 
HETATM 905  O "O5'" . 5CM H 1 3 ? 11.322  -0.966  -18.529 1.00 49.49 ? 45  5CM H "O5'" 1 
HETATM 906  P P     . 5CM H 1 3 ? 11.191  -0.040  -19.819 1.00 48.36 ? 45  5CM H P     1 
HETATM 907  O OP1   . 5CM H 1 3 ? 10.748  -0.863  -20.973 1.00 48.86 ? 45  5CM H OP1   1 
HETATM 908  O OP2   . 5CM H 1 3 ? 10.424  1.178   -19.449 1.00 48.23 ? 45  5CM H OP2   1 
ATOM   909  P P     . DG  H 1 4 ? 9.247   -4.696  -16.363 1.00 58.76 ? 46  DG  H P     1 
ATOM   910  O OP1   . DG  H 1 4 ? 9.043   -5.847  -17.278 1.00 58.71 ? 46  DG  H OP1   1 
ATOM   911  O OP2   . DG  H 1 4 ? 8.366   -3.502  -16.478 1.00 58.01 ? 46  DG  H OP2   1 
ATOM   912  O "O5'" . DG  H 1 4 ? 9.171   -5.223  -14.860 1.00 57.48 ? 46  DG  H "O5'" 1 
ATOM   913  C "C5'" . DG  H 1 4 ? 10.351  -5.403  -14.080 1.00 56.09 ? 46  DG  H "C5'" 1 
ATOM   914  C "C4'" . DG  H 1 4 ? 10.000  -5.466  -12.611 1.00 55.30 ? 46  DG  H "C4'" 1 
ATOM   915  O "O4'" . DG  H 1 4 ? 10.145  -4.146  -12.037 1.00 54.37 ? 46  DG  H "O4'" 1 
ATOM   916  C "C3'" . DG  H 1 4 ? 8.559   -5.888  -12.319 1.00 55.72 ? 46  DG  H "C3'" 1 
ATOM   917  O "O3'" . DG  H 1 4 ? 8.497   -6.582  -11.066 1.00 57.11 ? 46  DG  H "O3'" 1 
ATOM   918  C "C2'" . DG  H 1 4 ? 7.833   -4.561  -12.211 1.00 54.31 ? 46  DG  H "C2'" 1 
ATOM   919  C "C1'" . DG  H 1 4 ? 8.888   -3.679  -11.562 1.00 52.88 ? 46  DG  H "C1'" 1 
ATOM   920  N N9    . DG  H 1 4 ? 8.771   -2.267  -11.911 1.00 50.47 ? 46  DG  H N9    1 
ATOM   921  C C8    . DG  H 1 4 ? 8.386   -1.741  -13.119 1.00 49.82 ? 46  DG  H C8    1 
ATOM   922  N N7    . DG  H 1 4 ? 8.354   -0.437  -13.123 1.00 49.15 ? 46  DG  H N7    1 
ATOM   923  C C5    . DG  H 1 4 ? 8.748   -0.079  -11.841 1.00 48.67 ? 46  DG  H C5    1 
ATOM   924  C C6    . DG  H 1 4 ? 8.757   1.191   -11.208 1.00 48.00 ? 46  DG  H C6    1 
ATOM   925  O O6    . DG  H 1 4 ? 8.539   2.302   -11.705 1.00 47.62 ? 46  DG  H O6    1 
ATOM   926  N N1    . DG  H 1 4 ? 9.056   1.088   -9.856  1.00 47.81 ? 46  DG  H N1    1 
ATOM   927  C C2    . DG  H 1 4 ? 9.310   -0.085  -9.191  1.00 48.10 ? 46  DG  H C2    1 
ATOM   928  N N2    . DG  H 1 4 ? 9.581   0.024   -7.884  1.00 47.88 ? 46  DG  H N2    1 
ATOM   929  N N3    . DG  H 1 4 ? 9.300   -1.276  -9.766  1.00 48.63 ? 46  DG  H N3    1 
ATOM   930  C C4    . DG  H 1 4 ? 9.015   -1.199  -11.083 1.00 49.07 ? 46  DG  H C4    1 
ATOM   931  P P     . DC  H 1 5 ? 7.089   -7.145  -10.528 1.00 57.87 ? 47  DC  H P     1 
ATOM   932  O OP1   . DC  H 1 5 ? 7.320   -8.524  -10.027 1.00 58.08 ? 47  DC  H OP1   1 
ATOM   933  O OP2   . DC  H 1 5 ? 6.061   -6.904  -11.575 1.00 57.54 ? 47  DC  H OP2   1 
ATOM   934  O "O5'" . DC  H 1 5 ? 6.753   -6.213  -9.278  1.00 56.26 ? 47  DC  H "O5'" 1 
ATOM   935  C "C5'" . DC  H 1 5 ? 7.703   -6.020  -8.229  1.00 53.61 ? 47  DC  H "C5'" 1 
ATOM   936  C "C4'" . DC  H 1 5 ? 7.264   -4.881  -7.338  1.00 52.38 ? 47  DC  H "C4'" 1 
ATOM   937  O "O4'" . DC  H 1 5 ? 7.373   -3.649  -8.080  1.00 51.11 ? 47  DC  H "O4'" 1 
ATOM   938  C "C3'" . DC  H 1 5 ? 5.804   -4.975  -6.893  1.00 52.44 ? 47  DC  H "C3'" 1 
ATOM   939  O "O3'" . DC  H 1 5 ? 5.724   -5.228  -5.489  1.00 53.74 ? 47  DC  H "O3'" 1 
ATOM   940  C "C2'" . DC  H 1 5 ? 5.202   -3.614  -7.204  1.00 50.89 ? 47  DC  H "C2'" 1 
ATOM   941  C "C1'" . DC  H 1 5 ? 6.379   -2.753  -7.625  1.00 48.97 ? 47  DC  H "C1'" 1 
ATOM   942  N N1    . DC  H 1 5 ? 6.062   -1.844  -8.732  1.00 46.17 ? 47  DC  H N1    1 
ATOM   943  C C2    . DC  H 1 5 ? 6.066   -0.474  -8.495  1.00 45.17 ? 47  DC  H C2    1 
ATOM   944  O O2    . DC  H 1 5 ? 6.337   -0.068  -7.355  1.00 44.92 ? 47  DC  H O2    1 
ATOM   945  N N3    . DC  H 1 5 ? 5.777   0.374   -9.508  1.00 44.53 ? 47  DC  H N3    1 
ATOM   946  C C4    . DC  H 1 5 ? 5.493   -0.109  -10.718 1.00 44.51 ? 47  DC  H C4    1 
ATOM   947  N N4    . DC  H 1 5 ? 5.216   0.762   -11.688 1.00 44.04 ? 47  DC  H N4    1 
ATOM   948  C C5    . DC  H 1 5 ? 5.479   -1.507  -10.988 1.00 44.80 ? 47  DC  H C5    1 
ATOM   949  C C6    . DC  H 1 5 ? 5.768   -2.330  -9.975  1.00 45.46 ? 47  DC  H C6    1 
ATOM   950  P P     . DC  H 1 6 ? 4.305   -5.592  -4.833  1.00 55.16 ? 48  DC  H P     1 
ATOM   951  O OP1   . DC  H 1 6 ? 4.563   -6.487  -3.674  1.00 56.16 ? 48  DC  H OP1   1 
ATOM   952  O OP2   . DC  H 1 6 ? 3.415   -6.048  -5.935  1.00 54.37 ? 48  DC  H OP2   1 
ATOM   953  O "O5'" . DC  H 1 6 ? 3.766   -4.195  -4.283  1.00 53.07 ? 48  DC  H "O5'" 1 
ATOM   954  C "C5'" . DC  H 1 6 ? 4.622   -3.330  -3.534  1.00 50.20 ? 48  DC  H "C5'" 1 
ATOM   955  C "C4'" . DC  H 1 6 ? 3.918   -2.027  -3.226  1.00 47.95 ? 48  DC  H "C4'" 1 
ATOM   956  O "O4'" . DC  H 1 6 ? 3.995   -1.145  -4.371  1.00 45.36 ? 48  DC  H "O4'" 1 
ATOM   957  C "C3'" . DC  H 1 6 ? 2.433   -2.161  -2.880  1.00 47.46 ? 48  DC  H "C3'" 1 
ATOM   958  O "O3'" . DC  H 1 6 ? 2.176   -1.434  -1.676  1.00 49.62 ? 48  DC  H "O3'" 1 
ATOM   959  C "C2'" . DC  H 1 6 ? 1.713   -1.500  -4.044  1.00 45.24 ? 48  DC  H "C2'" 1 
ATOM   960  C "C1'" . DC  H 1 6 ? 2.744   -0.512  -4.560  1.00 42.32 ? 48  DC  H "C1'" 1 
ATOM   961  N N1    . DC  H 1 6 ? 2.610   -0.207  -5.989  1.00 38.59 ? 48  DC  H N1    1 
ATOM   962  C C2    . DC  H 1 6 ? 2.392   1.114   -6.374  1.00 37.33 ? 48  DC  H C2    1 
ATOM   963  O O2    . DC  H 1 6 ? 2.314   1.986   -5.496  1.00 37.04 ? 48  DC  H O2    1 
ATOM   964  N N3    . DC  H 1 6 ? 2.270   1.410   -7.688  1.00 35.95 ? 48  DC  H N3    1 
ATOM   965  C C4    . DC  H 1 6 ? 2.357   0.440   -8.599  1.00 36.13 ? 48  DC  H C4    1 
ATOM   966  N N4    . DC  H 1 6 ? 2.230   0.775   -9.884  1.00 35.38 ? 48  DC  H N4    1 
ATOM   967  C C5    . DC  H 1 6 ? 2.578   -0.920  -8.232  1.00 36.38 ? 48  DC  H C5    1 
ATOM   968  C C6    . DC  H 1 6 ? 2.698   -1.195  -6.928  1.00 37.14 ? 48  DC  H C6    1 
HETATM 969  O O     . HOH I 2 . ? -14.843 -15.785 -1.640  1.00 58.70 ? 49  HOH A O     1 
HETATM 970  O O     . HOH I 2 . ? -14.573 -17.530 5.184   1.00 49.46 ? 50  HOH A O     1 
HETATM 971  O O     . HOH I 2 . ? -12.801 -16.221 2.793   1.00 56.99 ? 51  HOH A O     1 
HETATM 972  O O     . HOH I 2 . ? -13.106 -14.734 0.186   1.00 57.31 ? 52  HOH A O     1 
HETATM 973  O O     . HOH I 2 . ? -1.555  -17.100 -1.090  1.00 44.87 ? 53  HOH A O     1 
HETATM 974  O O     . HOH I 2 . ? -5.025  -16.883 6.442   1.00 44.13 ? 54  HOH A O     1 
HETATM 975  O O     . HOH I 2 . ? -5.823  -14.179 5.707   1.00 46.29 ? 55  HOH A O     1 
HETATM 976  O O     . HOH I 2 . ? -7.740  -11.967 4.610   1.00 48.87 ? 56  HOH A O     1 
HETATM 977  O O     . HOH I 2 . ? -0.544  -11.837 -0.938  1.00 47.34 ? 57  HOH A O     1 
HETATM 978  O O     . HOH I 2 . ? -4.920  -11.889 7.449   1.00 60.72 ? 58  HOH A O     1 
HETATM 979  O O     . HOH I 2 . ? -0.017  -8.895  7.068   1.00 44.12 ? 59  HOH A O     1 
HETATM 980  O O     . HOH I 2 . ? 5.614   -4.120  5.565   1.00 44.07 ? 94  HOH A O     1 
HETATM 981  O O     . HOH I 2 . ? -1.549  -5.913  0.414   1.00 51.68 ? 122 HOH A O     1 
HETATM 982  O O     . HOH I 2 . ? -10.419 -13.564 3.656   1.00 60.04 ? 139 HOH A O     1 
HETATM 983  O O     . HOH I 2 . ? -8.941  -17.645 7.498   1.00 55.11 ? 146 HOH A O     1 
HETATM 984  O O     . HOH I 2 . ? 5.359   -6.575  2.873   1.00 58.71 ? 147 HOH A O     1 
HETATM 985  O O     . HOH I 2 . ? 0.796   -10.789 9.946   1.00 58.20 ? 159 HOH A O     1 
HETATM 986  O O     . HOH J 2 . ? -10.826 -7.214  6.124   1.00 55.15 ? 63  HOH B O     1 
HETATM 987  O O     . HOH J 2 . ? -10.326 -10.223 3.280   1.00 65.46 ? 64  HOH B O     1 
HETATM 988  O O     . HOH J 2 . ? -10.942 -7.219  -2.710  1.00 42.99 ? 65  HOH B O     1 
HETATM 989  O O     . HOH J 2 . ? -2.935  -6.361  -1.567  1.00 53.30 ? 66  HOH B O     1 
HETATM 990  O O     . HOH J 2 . ? -10.148 -9.807  -1.602  1.00 42.02 ? 67  HOH B O     1 
HETATM 991  O O     . HOH J 2 . ? -10.066 -11.872 0.719   1.00 53.17 ? 68  HOH B O     1 
HETATM 992  O O     . HOH J 2 . ? -3.251  -17.407 -3.236  1.00 43.09 ? 69  HOH B O     1 
HETATM 993  O O     . HOH J 2 . ? -9.984  -10.327 -5.837  1.00 54.87 ? 70  HOH B O     1 
HETATM 994  O O     . HOH J 2 . ? -9.134  -14.699 -7.754  1.00 46.20 ? 71  HOH B O     1 
HETATM 995  O O     . HOH J 2 . ? -11.513 -14.880 -5.702  1.00 37.12 ? 72  HOH B O     1 
HETATM 996  O O     . HOH J 2 . ? -5.719  -22.529 -10.653 1.00 56.45 ? 73  HOH B O     1 
HETATM 997  O O     . HOH J 2 . ? -8.640  -23.621 -2.807  1.00 24.12 ? 74  HOH B O     1 
HETATM 998  O O     . HOH J 2 . ? -13.590 -5.975  0.300   1.00 55.14 ? 145 HOH B O     1 
HETATM 999  O O     . HOH J 2 . ? -11.104 -11.484 -3.468  1.00 54.34 ? 148 HOH B O     1 
HETATM 1000 O O     . HOH K 2 . ? -3.046  -0.420  3.193   1.00 23.25 ? 62  HOH C O     1 
HETATM 1001 O O     . HOH K 2 . ? 1.461   2.326   19.837  1.00 49.65 ? 75  HOH C O     1 
HETATM 1002 O O     . HOH K 2 . ? 2.445   -0.444  18.446  1.00 41.48 ? 76  HOH C O     1 
HETATM 1003 O O     . HOH K 2 . ? 1.020   3.030   16.782  1.00 46.72 ? 77  HOH C O     1 
HETATM 1004 O O     . HOH K 2 . ? 10.693  4.565   13.208  1.00 34.97 ? 78  HOH C O     1 
HETATM 1005 O O     . HOH K 2 . ? 3.280   8.910   15.057  1.00 43.59 ? 79  HOH C O     1 
HETATM 1006 O O     . HOH K 2 . ? 2.926   6.851   13.431  1.00 35.18 ? 80  HOH C O     1 
HETATM 1007 O O     . HOH K 2 . ? 1.096   4.344   13.946  1.00 35.37 ? 81  HOH C O     1 
HETATM 1008 O O     . HOH K 2 . ? 4.232   8.957   10.768  1.00 53.16 ? 82  HOH C O     1 
HETATM 1009 O O     . HOH K 2 . ? 4.308   0.456   5.563   1.00 35.29 ? 83  HOH C O     1 
HETATM 1010 O O     . HOH K 2 . ? 1.146   7.468   11.738  1.00 39.67 ? 84  HOH C O     1 
HETATM 1011 O O     . HOH K 2 . ? 2.244   7.562   5.781   1.00 42.22 ? 86  HOH C O     1 
HETATM 1012 O O     . HOH K 2 . ? 2.116   4.217   -2.008  1.00 52.60 ? 88  HOH C O     1 
HETATM 1013 O O     . HOH K 2 . ? 3.728   9.686   3.226   1.00 51.95 ? 135 HOH C O     1 
HETATM 1014 O O     . HOH K 2 . ? -0.372  8.721   25.045  1.00 60.77 ? 138 HOH C O     1 
HETATM 1015 O O     . HOH K 2 . ? 9.420   12.463  14.635  1.00 54.37 ? 149 HOH C O     1 
HETATM 1016 O O     . HOH K 2 . ? 4.307   12.593  14.418  1.00 57.10 ? 150 HOH C O     1 
HETATM 1017 O O     . HOH K 2 . ? 6.435   9.874   2.971   1.00 63.97 ? 151 HOH C O     1 
HETATM 1018 O O     . HOH K 2 . ? 5.202   0.581   2.910   1.00 53.35 ? 152 HOH C O     1 
HETATM 1019 O O     . HOH L 2 . ? -2.890  -8.637  8.531   1.00 40.68 ? 60  HOH D O     1 
HETATM 1020 O O     . HOH L 2 . ? 4.213   -2.124  6.565   1.00 36.30 ? 61  HOH D O     1 
HETATM 1021 O O     . HOH L 2 . ? -4.065  1.597   13.332  1.00 51.30 ? 89  HOH D O     1 
HETATM 1022 O O     . HOH L 2 . ? -1.545  3.424   13.106  1.00 51.58 ? 90  HOH D O     1 
HETATM 1023 O O     . HOH L 2 . ? -0.547  1.056   14.693  1.00 52.53 ? 91  HOH D O     1 
HETATM 1024 O O     . HOH L 2 . ? 2.504   -2.963  14.137  1.00 39.01 ? 92  HOH D O     1 
HETATM 1025 O O     . HOH L 2 . ? 2.343   -0.629  15.634  1.00 36.58 ? 93  HOH D O     1 
HETATM 1026 O O     . HOH L 2 . ? 5.705   -5.893  14.017  1.00 40.91 ? 95  HOH D O     1 
HETATM 1027 O O     . HOH L 2 . ? 4.195   -4.053  16.084  1.00 35.38 ? 96  HOH D O     1 
HETATM 1028 O O     . HOH L 2 . ? 12.196  1.581   16.490  1.00 37.61 ? 97  HOH D O     1 
HETATM 1029 O O     . HOH L 2 . ? 6.218   -5.004  17.992  1.00 56.16 ? 98  HOH D O     1 
HETATM 1030 O O     . HOH L 2 . ? 9.315   -5.753  16.289  1.00 46.89 ? 99  HOH D O     1 
HETATM 1031 O O     . HOH L 2 . ? -3.209  4.938   11.884  1.00 52.19 ? 123 HOH D O     1 
HETATM 1032 O O     . HOH L 2 . ? 11.627  2.573   21.109  1.00 55.95 ? 136 HOH D O     1 
HETATM 1033 O O     . HOH L 2 . ? -10.433 3.683   12.235  1.00 49.61 ? 137 HOH D O     1 
HETATM 1034 O O     . HOH L 2 . ? -3.777  7.928   9.264   1.00 59.63 ? 144 HOH D O     1 
HETATM 1035 O O     . HOH L 2 . ? -3.822  -0.891  14.798  1.00 59.27 ? 153 HOH D O     1 
HETATM 1036 O O     . HOH L 2 . ? -0.917  -2.416  16.389  1.00 58.67 ? 154 HOH D O     1 
HETATM 1037 O O     . HOH L 2 . ? -7.448  0.596   14.611  1.00 55.67 ? 160 HOH D O     1 
HETATM 1038 O O     . HOH M 2 . ? -0.358  7.666   7.607   1.00 31.82 ? 85  HOH E O     1 
HETATM 1039 O O     . HOH M 2 . ? -9.756  4.562   -1.761  1.00 47.21 ? 100 HOH E O     1 
HETATM 1040 O O     . HOH M 2 . ? -8.930  7.693   -0.407  1.00 43.08 ? 101 HOH E O     1 
HETATM 1041 O O     . HOH M 2 . ? -8.833  8.489   2.545   1.00 51.62 ? 102 HOH E O     1 
HETATM 1042 O O     . HOH M 2 . ? 1.181   6.410   -3.465  1.00 40.15 ? 103 HOH E O     1 
HETATM 1043 O O     . HOH M 2 . ? -3.657  10.730  2.040   1.00 39.85 ? 104 HOH E O     1 
HETATM 1044 O O     . HOH M 2 . ? -5.051  10.821  -0.176  1.00 33.99 ? 105 HOH E O     1 
HETATM 1045 O O     . HOH M 2 . ? -7.925  9.994   -1.500  1.00 42.23 ? 106 HOH E O     1 
HETATM 1046 O O     . HOH M 2 . ? -5.223  12.853  -10.428 1.00 49.87 ? 107 HOH E O     1 
HETATM 1047 O O     . HOH M 2 . ? -5.787  13.376  -0.794  1.00 50.87 ? 108 HOH E O     1 
HETATM 1048 O O     . HOH M 2 . ? -3.567  17.054  -4.106  1.00 43.89 ? 109 HOH E O     1 
HETATM 1049 O O     . HOH M 2 . ? -0.486  19.164  -4.031  1.00 48.14 ? 110 HOH E O     1 
HETATM 1050 O O     . HOH M 2 . ? -6.145  16.688  -2.468  1.00 43.32 ? 111 HOH E O     1 
HETATM 1051 O O     . HOH M 2 . ? -3.296  14.743  -12.170 1.00 48.93 ? 128 HOH E O     1 
HETATM 1052 O O     . HOH M 2 . ? -11.708 0.616   -2.165  1.00 56.75 ? 155 HOH E O     1 
HETATM 1053 O O     . HOH M 2 . ? -9.674  5.402   1.168   1.00 58.44 ? 156 HOH E O     1 
HETATM 1054 O O     . HOH M 2 . ? 1.623   17.926  -8.462  1.00 60.33 ? 157 HOH E O     1 
HETATM 1055 O O     . HOH M 2 . ? -0.626  11.283  5.461   1.00 56.05 ? 161 HOH E O     1 
HETATM 1056 O O     . HOH N 2 . ? -11.559 5.758   -8.797  1.00 41.72 ? 112 HOH F O     1 
HETATM 1057 O O     . HOH N 2 . ? -9.499  5.666   -6.812  1.00 32.83 ? 113 HOH F O     1 
HETATM 1058 O O     . HOH N 2 . ? -9.041  6.177   -4.092  1.00 33.26 ? 114 HOH F O     1 
HETATM 1059 O O     . HOH N 2 . ? -12.206 3.840   -10.797 1.00 62.11 ? 115 HOH F O     1 
HETATM 1060 O O     . HOH N 2 . ? -9.086  3.197   -6.517  1.00 38.76 ? 116 HOH F O     1 
HETATM 1061 O O     . HOH N 2 . ? -8.156  3.176   -9.383  1.00 45.32 ? 117 HOH F O     1 
HETATM 1062 O O     . HOH N 2 . ? 0.201   1.927   -3.540  1.00 39.46 ? 118 HOH F O     1 
HETATM 1063 O O     . HOH N 2 . ? -5.284  -1.172  -7.926  1.00 56.59 ? 119 HOH F O     1 
HETATM 1064 O O     . HOH N 2 . ? -9.425  0.196   -5.865  1.00 57.26 ? 120 HOH F O     1 
HETATM 1065 O O     . HOH N 2 . ? -2.094  -0.860  0.785   1.00 40.73 ? 121 HOH F O     1 
HETATM 1066 O O     . HOH N 2 . ? -10.507 13.357  -1.779  1.00 56.83 ? 140 HOH F O     1 
HETATM 1067 O O     . HOH N 2 . ? -15.229 6.596   -7.418  1.00 55.30 ? 141 HOH F O     1 
HETATM 1068 O O     . HOH N 2 . ? -13.705 5.625   -13.868 1.00 67.94 ? 142 HOH F O     1 
HETATM 1069 O O     . HOH N 2 . ? -4.792  0.516   -15.129 1.00 56.51 ? 162 HOH F O     1 
HETATM 1070 O O     . HOH O 2 . ? 4.457   4.306   -3.812  1.00 49.32 ? 124 HOH G O     1 
HETATM 1071 O O     . HOH O 2 . ? 2.587   10.075  -12.855 1.00 64.22 ? 125 HOH G O     1 
HETATM 1072 O O     . HOH O 2 . ? 5.316   11.515  -2.131  1.00 57.53 ? 126 HOH G O     1 
HETATM 1073 O O     . HOH O 2 . ? 11.907  7.180   -8.860  1.00 58.80 ? 127 HOH G O     1 
HETATM 1074 O O     . HOH O 2 . ? 19.102  5.492   -8.869  1.00 52.75 ? 129 HOH G O     1 
HETATM 1075 O O     . HOH O 2 . ? -1.068  5.938   -13.978 1.00 64.30 ? 143 HOH G O     1 
HETATM 1076 O O     . HOH P 2 . ? 0.469   0.492   -1.239  1.00 53.42 ? 87  HOH H O     1 
HETATM 1077 O O     . HOH P 2 . ? 17.115  7.877   -12.479 1.00 60.38 ? 130 HOH H O     1 
HETATM 1078 O O     . HOH P 2 . ? 10.926  6.168   -18.129 1.00 52.30 ? 131 HOH H O     1 
HETATM 1079 O O     . HOH P 2 . ? 16.237  -0.912  -16.238 1.00 54.97 ? 132 HOH H O     1 
HETATM 1080 O O     . HOH P 2 . ? 17.104  -1.165  -19.534 1.00 53.02 ? 133 HOH H O     1 
HETATM 1081 O O     . HOH P 2 . ? 1.611   -1.189  -12.004 1.00 61.48 ? 134 HOH H O     1 
HETATM 1082 O O     . HOH P 2 . ? 11.778  -6.925  -17.226 1.00 66.22 ? 158 HOH H O     1 
HETATM 1083 O O     . HOH P 2 . ? 4.906   -0.565  -14.197 1.00 57.45 ? 163 HOH H O     1 
# 
